data_4W9I
#
_entry.id   4W9I
#
_cell.length_a   93.402
_cell.length_b   93.402
_cell.length_c   364.322
_cell.angle_alpha   90.000
_cell.angle_beta   90.000
_cell.angle_gamma   90.000
#
_symmetry.space_group_name_H-M   'P 41 2 2'
#
loop_
_entity.id
_entity.type
_entity.pdbx_description
1 polymer 'Transcription elongation factor B polypeptide 2'
2 polymer 'Transcription elongation factor B polypeptide 1'
3 polymer 'Von Hippel-Lindau disease tumor suppressor'
4 non-polymer (4R)-1-acetyl-4-hydroxy-L-prolyl-(4R)-4-hydroxy-N-[4-(4-methyl-1,3-thiazol-5-yl)benzyl]-L-prolinamide
5 water water
#
loop_
_entity_poly.entity_id
_entity_poly.type
_entity_poly.pdbx_seq_one_letter_code
_entity_poly.pdbx_strand_id
1 'polypeptide(L)'
;MDVFLMIRRHKTTIFTDAKESSTVFELKRIVEGILKRPPDEQRLYKDDQLLDDGKTLGE(CAS)GFTSQTARPQAPATVG
LAFRADDTFEAL(CAS)IEPFSSPPELPDVMK
;
A,D,G,J
2 'polypeptide(L)'
;MMYVKLISSDGHEFIVKREHALTSGTIKAMLSGPGQFAENETNEVNFREIPSHVLSKVCMYFTYKVRYTNSSTEIPEFPI
APEIALELLMAANFLDC
;
B,E,H,K
3 'polypeptide(L)'
;GSMEAGRPRPVLRSVNSREPSQVIF(CAS)NRSPRVVLPVWLNFDGEPQPYPTLPPGTGRRIHSYRGHLWLFRDAGTHDG
LLVNQTELFVPSLNVDGQPIFANITLPVYTLKERCLQVVRSLVKPENYRRLDIVRSLYEDLEDHPNVQKDLERLTQERIA
HQRMGD
;
C,F,I,L
#
loop_
_chem_comp.id
_chem_comp.type
_chem_comp.name
_chem_comp.formula
3JS non-polymer (4R)-1-acetyl-4-hydroxy-L-prolyl-(4R)-4-hydroxy-N-[4-(4-methyl-1,3-thiazol-5-yl)benzyl]-L-prolinamide 'C23 H28 N4 O5 S'
#
# COMPACT_ATOMS: atom_id res chain seq x y z
N MET A 1 42.07 -1.61 4.22
CA MET A 1 40.71 -1.80 4.81
C MET A 1 40.73 -2.83 5.94
N ASP A 2 40.15 -2.46 7.09
CA ASP A 2 40.06 -3.37 8.24
C ASP A 2 38.98 -4.42 8.02
N VAL A 3 39.26 -5.66 8.41
CA VAL A 3 38.24 -6.72 8.50
C VAL A 3 38.20 -7.19 9.95
N PHE A 4 37.01 -7.52 10.44
CA PHE A 4 36.80 -7.84 11.83
C PHE A 4 36.45 -9.30 11.95
N LEU A 5 37.19 -10.01 12.79
CA LEU A 5 37.17 -11.46 12.80
C LEU A 5 36.96 -12.02 14.18
N MET A 6 36.45 -13.25 14.20
CA MET A 6 36.45 -14.13 15.35
C MET A 6 37.29 -15.36 14.94
N ILE A 7 38.43 -15.58 15.59
CA ILE A 7 39.23 -16.76 15.30
C ILE A 7 38.88 -17.80 16.34
N ARG A 8 38.43 -18.98 15.91
CA ARG A 8 37.79 -19.92 16.81
C ARG A 8 38.33 -21.34 16.77
N ARG A 9 38.55 -21.88 17.97
CA ARG A 9 38.93 -23.27 18.15
C ARG A 9 38.34 -23.79 19.46
N HIS A 10 37.66 -24.94 19.42
CA HIS A 10 37.06 -25.56 20.62
C HIS A 10 36.18 -24.51 21.32
N LYS A 11 36.48 -24.16 22.57
CA LYS A 11 35.71 -23.11 23.24
C LYS A 11 36.50 -21.80 23.38
N THR A 12 37.41 -21.57 22.45
CA THR A 12 38.23 -20.34 22.42
C THR A 12 37.76 -19.49 21.26
N THR A 13 37.62 -18.19 21.49
CA THR A 13 37.24 -17.25 20.44
C THR A 13 38.07 -15.97 20.60
N ILE A 14 38.85 -15.61 19.58
CA ILE A 14 39.63 -14.39 19.60
C ILE A 14 38.91 -13.35 18.74
N PHE A 15 38.61 -12.20 19.33
CA PHE A 15 38.15 -11.04 18.59
C PHE A 15 39.36 -10.18 18.23
N THR A 16 39.51 -9.91 16.94
CA THR A 16 40.55 -9.01 16.46
C THR A 16 40.22 -8.50 15.06
N ASP A 17 41.05 -7.60 14.56
CA ASP A 17 40.94 -7.14 13.19
C ASP A 17 42.27 -7.28 12.47
N ALA A 18 42.22 -7.22 11.16
CA ALA A 18 43.42 -7.24 10.33
C ALA A 18 43.13 -6.46 9.07
N LYS A 19 44.14 -6.33 8.22
CA LYS A 19 43.94 -5.67 6.95
C LYS A 19 43.47 -6.67 5.94
N GLU A 20 42.64 -6.22 5.02
CA GLU A 20 42.24 -7.06 3.90
C GLU A 20 43.48 -7.57 3.16
N SER A 21 44.49 -6.71 3.06
CA SER A 21 45.72 -7.04 2.34
C SER A 21 46.69 -7.91 3.15
N SER A 22 46.38 -8.19 4.42
CA SER A 22 47.25 -9.01 5.24
C SER A 22 47.09 -10.49 4.88
N THR A 23 48.12 -11.29 5.16
CA THR A 23 48.12 -12.68 4.78
C THR A 23 47.67 -13.59 5.91
N VAL A 24 47.37 -14.82 5.52
CA VAL A 24 47.02 -15.88 6.45
C VAL A 24 48.16 -16.07 7.42
N PHE A 25 49.38 -16.15 6.90
CA PHE A 25 50.52 -16.35 7.77
C PHE A 25 50.59 -15.27 8.85
N GLU A 26 50.39 -14.03 8.43
CA GLU A 26 50.38 -12.90 9.36
C GLU A 26 49.30 -13.05 10.43
N LEU A 27 48.14 -13.57 10.06
CA LEU A 27 47.11 -13.88 11.07
C LEU A 27 47.56 -14.94 12.08
N LYS A 28 48.40 -15.89 11.66
CA LYS A 28 48.95 -16.89 12.56
C LYS A 28 49.94 -16.26 13.54
N ARG A 29 50.68 -15.24 13.08
CA ARG A 29 51.57 -14.49 13.97
C ARG A 29 50.75 -13.81 15.05
N ILE A 30 49.57 -13.32 14.69
CA ILE A 30 48.68 -12.68 15.65
C ILE A 30 48.23 -13.74 16.64
N VAL A 31 47.75 -14.87 16.13
CA VAL A 31 47.35 -15.96 17.02
C VAL A 31 48.52 -16.39 17.90
N GLU A 32 49.73 -16.40 17.35
CA GLU A 32 50.90 -16.82 18.12
C GLU A 32 51.14 -15.94 19.33
N GLY A 33 51.06 -14.63 19.12
CA GLY A 33 51.17 -13.65 20.19
C GLY A 33 50.17 -13.88 21.32
N ILE A 34 48.98 -14.37 20.99
CA ILE A 34 47.90 -14.53 21.98
C ILE A 34 47.83 -15.92 22.64
N LEU A 35 47.98 -16.98 21.85
CA LEU A 35 47.86 -18.34 22.38
C LEU A 35 49.19 -19.08 22.55
N LYS A 36 50.29 -18.46 22.13
CA LYS A 36 51.65 -18.98 22.31
C LYS A 36 51.91 -20.27 21.55
N ARG A 37 51.42 -20.33 20.31
CA ARG A 37 51.70 -21.45 19.44
C ARG A 37 52.18 -20.90 18.12
N PRO A 38 53.29 -21.44 17.58
CA PRO A 38 53.82 -20.86 16.34
C PRO A 38 52.98 -21.25 15.12
N PRO A 39 53.15 -20.49 14.01
CA PRO A 39 52.39 -20.71 12.78
C PRO A 39 52.42 -22.16 12.26
N ASP A 40 53.57 -22.80 12.33
CA ASP A 40 53.69 -24.19 11.87
C ASP A 40 52.89 -25.22 12.70
N GLU A 41 52.38 -24.80 13.86
CA GLU A 41 51.47 -25.64 14.65
C GLU A 41 50.02 -25.18 14.54
N GLN A 42 49.73 -24.32 13.56
CA GLN A 42 48.38 -23.79 13.34
C GLN A 42 47.87 -24.09 11.94
N ARG A 43 46.60 -24.45 11.84
CA ARG A 43 45.88 -24.42 10.57
C ARG A 43 44.72 -23.44 10.67
N LEU A 44 44.57 -22.56 9.67
CA LEU A 44 43.44 -21.63 9.63
C LEU A 44 42.45 -22.00 8.52
N TYR A 45 41.17 -21.78 8.80
CA TYR A 45 40.09 -22.22 7.91
C TYR A 45 39.03 -21.15 7.64
N LYS A 46 38.49 -21.16 6.44
CA LYS A 46 37.22 -20.50 6.16
C LYS A 46 36.25 -21.64 5.95
N ASP A 47 35.25 -21.73 6.81
CA ASP A 47 34.36 -22.87 6.84
C ASP A 47 35.24 -24.12 6.85
N ASP A 48 35.11 -25.03 5.88
CA ASP A 48 35.92 -26.26 5.89
C ASP A 48 37.21 -26.15 5.07
N GLN A 49 37.45 -25.00 4.47
CA GLN A 49 38.60 -24.84 3.59
C GLN A 49 39.86 -24.43 4.33
N LEU A 50 40.92 -25.20 4.14
CA LEU A 50 42.24 -24.86 4.68
C LEU A 50 42.81 -23.68 3.93
N LEU A 51 43.36 -22.72 4.67
CA LEU A 51 43.90 -21.50 4.07
C LEU A 51 45.42 -21.59 3.90
N ASP A 52 45.89 -21.15 2.73
CA ASP A 52 47.31 -21.12 2.43
C ASP A 52 47.96 -19.86 2.97
N ASP A 53 49.12 -20.03 3.60
CA ASP A 53 49.87 -18.95 4.28
C ASP A 53 50.06 -17.67 3.48
N GLY A 54 50.31 -17.78 2.18
CA GLY A 54 50.66 -16.63 1.34
C GLY A 54 49.49 -15.83 0.78
N LYS A 55 48.28 -16.32 0.96
CA LYS A 55 47.11 -15.64 0.45
C LYS A 55 46.66 -14.52 1.38
N THR A 56 46.10 -13.46 0.81
CA THR A 56 45.56 -12.38 1.61
C THR A 56 44.20 -12.78 2.13
N LEU A 57 43.83 -12.18 3.26
CA LEU A 57 42.52 -12.41 3.85
C LEU A 57 41.42 -12.04 2.85
N GLY A 58 41.68 -11.01 2.03
CA GLY A 58 40.78 -10.59 0.95
C GLY A 58 40.56 -11.64 -0.12
N GLU A 59 41.67 -12.16 -0.65
CA GLU A 59 41.65 -13.30 -1.58
C GLU A 59 40.84 -14.48 -1.05
N CAS A 60 40.94 -14.71 0.26
CA CAS A 60 40.20 -15.78 0.93
CB CAS A 60 40.99 -16.22 2.17
C CAS A 60 38.81 -15.39 1.38
O CAS A 60 38.22 -16.08 2.22
SG CAS A 60 42.53 -16.97 1.73
AS CAS A 60 41.99 -18.66 0.32
CE1 CAS A 60 42.78 -18.15 -1.42
CE2 CAS A 60 42.74 -20.42 0.84
N GLY A 61 38.26 -14.30 0.84
CA GLY A 61 36.87 -13.94 1.09
C GLY A 61 36.55 -13.12 2.33
N PHE A 62 37.57 -12.67 3.07
CA PHE A 62 37.32 -11.77 4.22
C PHE A 62 37.44 -10.34 3.74
N THR A 63 36.29 -9.72 3.48
CA THR A 63 36.25 -8.37 2.96
C THR A 63 35.63 -7.44 3.98
N SER A 64 35.96 -6.15 3.86
CA SER A 64 35.51 -5.14 4.82
C SER A 64 34.00 -5.12 4.99
N GLN A 65 33.25 -5.43 3.93
CA GLN A 65 31.80 -5.31 3.99
C GLN A 65 31.08 -6.60 4.43
N THR A 66 31.82 -7.69 4.59
CA THR A 66 31.27 -8.93 5.15
C THR A 66 31.84 -9.25 6.54
N ALA A 67 33.06 -8.83 6.80
CA ALA A 67 33.68 -9.03 8.11
C ALA A 67 33.62 -7.71 8.88
N ARG A 68 32.45 -7.44 9.46
CA ARG A 68 32.10 -6.14 10.05
C ARG A 68 32.27 -6.15 11.57
N PRO A 69 32.45 -4.97 12.20
CA PRO A 69 32.63 -4.85 13.64
C PRO A 69 31.54 -5.52 14.46
N GLN A 70 30.29 -5.25 14.07
CA GLN A 70 29.11 -5.75 14.78
C GLN A 70 28.68 -7.16 14.37
N ALA A 71 29.40 -7.75 13.40
CA ALA A 71 29.06 -9.07 12.83
C ALA A 71 30.30 -9.60 12.14
N PRO A 72 31.31 -10.00 12.93
CA PRO A 72 32.60 -10.37 12.38
C PRO A 72 32.57 -11.73 11.73
N ALA A 73 33.48 -11.95 10.79
CA ALA A 73 33.59 -13.23 10.11
C ALA A 73 34.36 -14.18 10.99
N THR A 74 34.13 -15.47 10.79
CA THR A 74 34.75 -16.50 11.60
C THR A 74 35.88 -17.17 10.84
N VAL A 75 37.02 -17.30 11.52
CA VAL A 75 38.16 -18.06 11.01
C VAL A 75 38.38 -19.23 11.95
N GLY A 76 38.32 -20.44 11.41
CA GLY A 76 38.53 -21.66 12.19
C GLY A 76 40.01 -21.87 12.45
N LEU A 77 40.33 -22.52 13.57
CA LEU A 77 41.72 -22.76 13.98
C LEU A 77 41.89 -24.16 14.53
N ALA A 78 42.93 -24.85 14.07
CA ALA A 78 43.30 -26.16 14.58
C ALA A 78 44.80 -26.20 14.91
N PHE A 79 45.14 -26.89 16.00
CA PHE A 79 46.52 -27.05 16.46
C PHE A 79 47.07 -28.46 16.19
N ARG A 80 48.37 -28.50 15.96
CA ARG A 80 49.10 -29.76 15.90
C ARG A 80 49.58 -30.09 17.31
N ALA A 81 49.02 -31.15 17.89
CA ALA A 81 49.56 -31.71 19.12
C ALA A 81 50.70 -32.64 18.73
N ASP A 82 51.93 -32.17 18.92
CA ASP A 82 53.15 -32.92 18.62
C ASP A 82 53.34 -33.25 17.12
N ASP A 83 52.91 -34.44 16.67
CA ASP A 83 53.23 -34.94 15.33
C ASP A 83 52.20 -34.58 14.24
N THR A 84 50.91 -34.68 14.58
CA THR A 84 49.83 -34.49 13.61
C THR A 84 48.74 -33.52 14.09
N PHE A 85 48.08 -32.87 13.14
CA PHE A 85 47.06 -31.88 13.44
C PHE A 85 45.78 -32.51 13.93
N GLU A 86 45.17 -31.88 14.94
CA GLU A 86 43.83 -32.22 15.37
C GLU A 86 42.86 -31.83 14.25
N ALA A 87 41.63 -32.31 14.33
CA ALA A 87 40.59 -31.93 13.39
C ALA A 87 39.97 -30.60 13.82
N LEU A 88 39.48 -29.86 12.84
CA LEU A 88 38.78 -28.62 13.10
C LEU A 88 37.54 -28.88 13.94
N CAS A 89 37.50 -28.28 15.12
CA CAS A 89 36.36 -28.42 16.02
CB CAS A 89 36.69 -29.42 17.13
C CAS A 89 36.11 -27.07 16.61
O CAS A 89 36.98 -26.53 17.28
SG CAS A 89 35.58 -29.27 18.51
AS CAS A 89 33.79 -30.20 17.57
CE1 CAS A 89 34.08 -30.96 15.73
CE2 CAS A 89 33.18 -31.66 18.78
N ILE A 90 34.93 -26.50 16.34
CA ILE A 90 34.48 -25.25 16.92
C ILE A 90 33.22 -25.55 17.73
N GLU A 91 33.29 -25.35 19.05
CA GLU A 91 32.12 -25.59 19.89
C GLU A 91 31.09 -24.50 19.62
N PRO A 92 29.82 -24.88 19.40
CA PRO A 92 28.85 -23.85 19.14
C PRO A 92 28.55 -23.05 20.41
N PHE A 93 28.07 -21.81 20.25
CA PHE A 93 27.61 -21.04 21.40
C PHE A 93 26.32 -21.66 21.96
N SER A 94 25.99 -21.28 23.18
CA SER A 94 24.78 -21.79 23.84
C SER A 94 23.52 -21.39 23.08
N SER A 95 22.43 -22.11 23.28
CA SER A 95 21.16 -21.81 22.62
C SER A 95 20.38 -20.81 23.47
N PRO A 96 19.80 -19.78 22.82
CA PRO A 96 18.88 -18.91 23.55
C PRO A 96 17.63 -19.67 23.97
N PRO A 97 17.01 -19.24 25.07
CA PRO A 97 15.80 -19.90 25.52
C PRO A 97 14.61 -19.50 24.64
N GLU A 98 13.46 -20.16 24.84
CA GLU A 98 12.23 -19.79 24.15
C GLU A 98 11.89 -18.33 24.44
N LEU A 99 11.39 -17.62 23.44
CA LEU A 99 10.85 -16.27 23.67
C LEU A 99 9.74 -16.36 24.69
N PRO A 100 9.77 -15.52 25.75
CA PRO A 100 8.64 -15.52 26.67
C PRO A 100 7.33 -15.24 25.93
N ASP A 101 6.18 -15.56 26.56
CA ASP A 101 4.88 -15.41 25.89
C ASP A 101 4.75 -13.98 25.37
N VAL A 102 4.95 -13.02 26.26
CA VAL A 102 4.82 -11.59 25.93
C VAL A 102 5.66 -11.13 24.72
N MET A 103 6.80 -11.77 24.49
CA MET A 103 7.64 -11.46 23.32
C MET A 103 7.23 -12.40 22.19
N MET B 2 47.60 -6.04 23.63
CA MET B 2 47.33 -6.56 24.98
C MET B 2 45.88 -7.00 25.16
N TYR B 3 45.71 -8.23 25.61
CA TYR B 3 44.40 -8.86 25.66
C TYR B 3 43.96 -9.26 27.06
N VAL B 4 42.66 -9.50 27.21
CA VAL B 4 42.08 -10.10 28.39
C VAL B 4 41.12 -11.18 27.97
N LYS B 5 40.82 -12.08 28.90
CA LYS B 5 39.95 -13.21 28.64
C LYS B 5 38.65 -13.06 29.41
N LEU B 6 37.54 -13.15 28.70
CA LEU B 6 36.21 -13.13 29.29
C LEU B 6 35.59 -14.51 29.16
N ILE B 7 35.17 -15.10 30.27
CA ILE B 7 34.69 -16.47 30.28
C ILE B 7 33.19 -16.54 30.59
N SER B 8 32.45 -17.17 29.68
CA SER B 8 31.00 -17.25 29.79
C SER B 8 30.62 -18.29 30.82
N SER B 9 29.34 -18.31 31.18
CA SER B 9 28.85 -19.25 32.19
C SER B 9 29.04 -20.70 31.76
N ASP B 10 28.95 -20.94 30.45
CA ASP B 10 29.10 -22.27 29.85
C ASP B 10 30.53 -22.58 29.40
N GLY B 11 31.50 -21.80 29.85
CA GLY B 11 32.92 -22.11 29.62
C GLY B 11 33.58 -21.55 28.37
N HIS B 12 32.84 -20.80 27.54
CA HIS B 12 33.44 -20.21 26.34
C HIS B 12 34.39 -19.06 26.72
N GLU B 13 35.59 -19.08 26.13
CA GLU B 13 36.63 -18.12 26.44
C GLU B 13 36.75 -17.13 25.30
N PHE B 14 36.31 -15.91 25.58
CA PHE B 14 36.37 -14.87 24.60
C PHE B 14 37.58 -14.04 24.91
N ILE B 15 38.43 -13.84 23.90
CA ILE B 15 39.68 -13.09 24.06
C ILE B 15 39.61 -11.83 23.26
N VAL B 16 39.62 -10.69 23.95
CA VAL B 16 39.43 -9.38 23.33
C VAL B 16 40.52 -8.42 23.80
N LYS B 17 40.72 -7.33 23.06
CA LYS B 17 41.69 -6.31 23.47
C LYS B 17 41.34 -5.74 24.84
N ARG B 18 42.37 -5.45 25.64
CA ARG B 18 42.16 -4.91 26.98
C ARG B 18 41.38 -3.60 26.95
N GLU B 19 41.73 -2.70 26.04
CA GLU B 19 41.04 -1.40 25.94
C GLU B 19 39.56 -1.57 25.56
N HIS B 20 39.24 -2.59 24.76
CA HIS B 20 37.84 -2.91 24.45
C HIS B 20 37.05 -3.35 25.68
N ALA B 21 37.62 -4.23 26.48
CA ALA B 21 36.94 -4.75 27.65
C ALA B 21 36.76 -3.66 28.72
N LEU B 22 37.65 -2.67 28.74
CA LEU B 22 37.56 -1.57 29.69
C LEU B 22 36.42 -0.57 29.38
N THR B 23 35.84 -0.66 28.19
CA THR B 23 34.53 -0.06 27.91
C THR B 23 33.56 -0.24 29.10
N SER B 24 33.60 -1.42 29.74
CA SER B 24 32.74 -1.72 30.89
C SER B 24 33.43 -1.38 32.19
N GLY B 25 32.84 -0.46 32.94
CA GLY B 25 33.29 -0.13 34.29
C GLY B 25 33.28 -1.33 35.21
N THR B 26 32.32 -2.24 35.03
CA THR B 26 32.23 -3.44 35.85
C THR B 26 33.42 -4.39 35.60
N ILE B 27 33.81 -4.53 34.33
CA ILE B 27 34.95 -5.35 33.96
C ILE B 27 36.25 -4.72 34.44
N LYS B 28 36.38 -3.38 34.33
CA LYS B 28 37.59 -2.69 34.86
C LYS B 28 37.79 -3.09 36.31
N ALA B 29 36.71 -2.96 37.10
CA ALA B 29 36.73 -3.25 38.53
C ALA B 29 37.02 -4.72 38.83
N MET B 30 36.49 -5.62 38.01
CA MET B 30 36.80 -7.06 38.16
C MET B 30 38.25 -7.38 37.77
N LEU B 31 38.87 -6.54 36.94
CA LEU B 31 40.28 -6.71 36.57
C LEU B 31 41.22 -6.01 37.56
N SER B 32 40.88 -4.78 37.95
CA SER B 32 41.61 -4.02 38.98
C SER B 32 40.89 -4.09 40.31
N ASN B 43 44.36 -11.35 34.67
CA ASN B 43 43.50 -10.79 33.63
C ASN B 43 42.64 -11.83 32.89
N GLU B 44 41.85 -12.54 33.69
CA GLU B 44 40.71 -13.31 33.22
C GLU B 44 39.52 -12.94 34.11
N VAL B 45 38.32 -12.91 33.54
CA VAL B 45 37.09 -12.72 34.31
C VAL B 45 36.10 -13.82 33.99
N ASN B 46 35.54 -14.46 35.03
CA ASN B 46 34.46 -15.43 34.85
C ASN B 46 33.10 -14.82 35.11
N PHE B 47 32.16 -15.06 34.20
CA PHE B 47 30.80 -14.56 34.32
C PHE B 47 29.89 -15.75 34.48
N ARG B 48 29.44 -15.98 35.71
CA ARG B 48 28.61 -17.12 36.02
C ARG B 48 27.18 -17.02 35.52
N GLU B 49 26.73 -15.81 35.20
CA GLU B 49 25.36 -15.61 34.73
C GLU B 49 25.21 -15.27 33.26
N ILE B 50 26.33 -15.12 32.54
CA ILE B 50 26.27 -14.70 31.14
C ILE B 50 26.69 -15.85 30.25
N PRO B 51 25.72 -16.45 29.53
CA PRO B 51 26.05 -17.55 28.64
C PRO B 51 26.72 -17.07 27.35
N SER B 52 27.31 -18.00 26.61
CA SER B 52 28.15 -17.65 25.48
C SER B 52 27.39 -16.88 24.40
N HIS B 53 26.13 -17.24 24.14
CA HIS B 53 25.35 -16.54 23.11
C HIS B 53 25.06 -15.06 23.44
N VAL B 54 25.24 -14.68 24.70
CA VAL B 54 25.13 -13.29 25.12
C VAL B 54 26.49 -12.60 25.15
N LEU B 55 27.50 -13.28 25.67
CA LEU B 55 28.82 -12.67 25.82
C LEU B 55 29.55 -12.49 24.48
N SER B 56 29.27 -13.36 23.50
CA SER B 56 29.76 -13.15 22.14
C SER B 56 29.26 -11.81 21.61
N LYS B 57 27.97 -11.56 21.77
CA LYS B 57 27.38 -10.28 21.37
C LYS B 57 27.96 -9.06 22.09
N VAL B 58 28.17 -9.20 23.39
CA VAL B 58 28.80 -8.14 24.17
C VAL B 58 30.14 -7.75 23.54
N CYS B 59 30.96 -8.75 23.23
CA CYS B 59 32.28 -8.53 22.64
C CYS B 59 32.18 -7.85 21.27
N MET B 60 31.15 -8.21 20.50
CA MET B 60 30.88 -7.59 19.20
C MET B 60 30.48 -6.12 19.36
N TYR B 61 29.78 -5.80 20.45
CA TYR B 61 29.43 -4.42 20.74
C TYR B 61 30.68 -3.59 21.05
N PHE B 62 31.66 -4.17 21.75
CA PHE B 62 32.92 -3.44 22.01
C PHE B 62 33.56 -3.02 20.69
N THR B 63 33.73 -4.01 19.80
CA THR B 63 34.30 -3.74 18.49
C THR B 63 33.54 -2.65 17.77
N TYR B 64 32.21 -2.76 17.79
CA TYR B 64 31.32 -1.79 17.16
C TYR B 64 31.48 -0.41 17.75
N LYS B 65 31.40 -0.32 19.08
CA LYS B 65 31.51 0.95 19.77
C LYS B 65 32.83 1.64 19.48
N VAL B 66 33.93 0.88 19.58
CA VAL B 66 35.26 1.45 19.40
C VAL B 66 35.45 1.93 17.95
N ARG B 67 34.93 1.15 17.01
CA ARG B 67 35.04 1.48 15.60
C ARG B 67 34.23 2.70 15.21
N TYR B 68 33.05 2.89 15.82
CA TYR B 68 32.14 3.94 15.36
C TYR B 68 32.01 5.14 16.29
N THR B 69 32.57 5.07 17.50
CA THR B 69 32.57 6.25 18.38
C THR B 69 33.44 7.32 17.72
N ASN B 70 32.89 8.53 17.62
CA ASN B 70 33.58 9.66 16.98
C ASN B 70 34.04 9.32 15.55
N SER B 71 33.09 9.13 14.66
CA SER B 71 33.37 8.81 13.26
C SER B 71 32.29 9.39 12.35
N SER B 72 32.73 10.05 11.28
CA SER B 72 31.83 10.69 10.32
C SER B 72 31.15 9.67 9.39
N THR B 73 31.88 8.59 9.08
CA THR B 73 31.35 7.48 8.26
C THR B 73 30.03 7.00 8.85
N GLU B 74 29.00 6.93 8.00
CA GLU B 74 27.64 6.59 8.43
C GLU B 74 27.63 5.35 9.35
N ILE B 75 26.75 5.38 10.35
CA ILE B 75 26.75 4.37 11.40
C ILE B 75 25.61 3.37 11.19
N PRO B 76 25.94 2.06 11.11
CA PRO B 76 24.90 1.07 10.99
C PRO B 76 24.29 0.71 12.34
N GLU B 77 23.09 0.15 12.28
CA GLU B 77 22.37 -0.30 13.44
C GLU B 77 23.11 -1.47 14.07
N PHE B 78 23.18 -1.48 15.40
CA PHE B 78 23.70 -2.64 16.10
C PHE B 78 22.60 -3.71 16.22
N PRO B 79 22.79 -4.88 15.59
CA PRO B 79 21.69 -5.84 15.48
C PRO B 79 21.58 -6.73 16.70
N ILE B 80 20.34 -7.00 17.13
CA ILE B 80 20.07 -7.83 18.30
C ILE B 80 18.85 -8.68 17.99
N ALA B 81 19.07 -9.97 17.79
CA ALA B 81 17.96 -10.92 17.63
C ALA B 81 17.01 -10.82 18.81
N PRO B 82 15.70 -10.94 18.55
CA PRO B 82 14.69 -10.95 19.62
C PRO B 82 14.95 -12.00 20.69
N GLU B 83 15.50 -13.15 20.30
CA GLU B 83 15.72 -14.28 21.23
C GLU B 83 16.72 -13.98 22.35
N ILE B 84 17.68 -13.10 22.08
CA ILE B 84 18.78 -12.81 23.03
C ILE B 84 18.63 -11.45 23.72
N ALA B 85 17.57 -10.71 23.38
CA ALA B 85 17.47 -9.30 23.80
C ALA B 85 17.31 -9.15 25.31
N LEU B 86 16.49 -10.00 25.91
CA LEU B 86 16.23 -9.90 27.33
C LEU B 86 17.49 -10.19 28.14
N GLU B 87 18.17 -11.28 27.80
CA GLU B 87 19.43 -11.63 28.46
C GLU B 87 20.52 -10.58 28.24
N LEU B 88 20.59 -10.05 27.03
CA LEU B 88 21.60 -9.06 26.68
C LEU B 88 21.36 -7.75 27.48
N LEU B 89 20.09 -7.37 27.63
CA LEU B 89 19.69 -6.24 28.48
C LEU B 89 20.23 -6.41 29.89
N MET B 90 19.97 -7.58 30.48
CA MET B 90 20.40 -7.84 31.86
C MET B 90 21.92 -7.78 31.95
N ALA B 91 22.61 -8.33 30.95
CA ALA B 91 24.06 -8.28 30.93
C ALA B 91 24.58 -6.85 30.80
N ALA B 92 23.94 -6.05 29.93
CA ALA B 92 24.35 -4.65 29.75
C ALA B 92 24.12 -3.82 31.00
N ASN B 93 23.04 -4.12 31.73
CA ASN B 93 22.77 -3.44 33.00
C ASN B 93 23.85 -3.77 34.02
N PHE B 94 24.25 -5.03 34.06
CA PHE B 94 25.27 -5.49 35.00
C PHE B 94 26.61 -4.87 34.66
N LEU B 95 26.97 -4.94 33.38
CA LEU B 95 28.25 -4.44 32.88
C LEU B 95 28.29 -2.92 32.67
N ASP B 96 27.14 -2.24 32.76
CA ASP B 96 27.06 -0.79 32.60
C ASP B 96 27.65 -0.32 31.26
N CYS B 97 27.17 -0.89 30.15
CA CYS B 97 27.67 -0.51 28.84
C CYS B 97 26.56 -0.41 27.79
N VAL C 11 13.02 28.60 27.75
CA VAL C 11 14.44 29.00 27.55
C VAL C 11 14.94 28.57 26.18
N LEU C 12 15.01 27.26 25.92
CA LEU C 12 15.35 26.77 24.58
C LEU C 12 14.20 27.05 23.62
N ARG C 13 14.40 28.05 22.76
CA ARG C 13 13.43 28.43 21.73
C ARG C 13 14.11 29.00 20.49
N SER C 14 13.41 28.97 19.36
CA SER C 14 13.94 29.54 18.15
C SER C 14 13.98 31.05 18.30
N VAL C 15 15.05 31.65 17.78
CA VAL C 15 15.18 33.10 17.72
C VAL C 15 14.39 33.60 16.52
N ASN C 16 13.55 34.61 16.71
CA ASN C 16 12.70 35.11 15.63
C ASN C 16 13.46 36.08 14.71
N SER C 17 14.40 35.55 13.95
CA SER C 17 15.35 36.38 13.20
C SER C 17 14.75 36.92 11.90
N ARG C 18 13.82 36.14 11.32
CA ARG C 18 13.22 36.43 10.04
C ARG C 18 14.18 36.38 8.84
N GLU C 19 15.39 35.85 9.02
CA GLU C 19 16.35 35.74 7.91
C GLU C 19 16.29 34.33 7.31
N PRO C 20 15.85 34.22 6.05
CA PRO C 20 15.72 32.88 5.52
C PRO C 20 17.04 32.09 5.51
N SER C 21 16.90 30.77 5.60
CA SER C 21 18.03 29.87 5.53
C SER C 21 17.54 28.55 4.98
N GLN C 22 18.10 28.13 3.85
CA GLN C 22 17.73 26.87 3.23
C GLN C 22 18.61 25.75 3.77
N VAL C 23 17.99 24.59 3.94
CA VAL C 23 18.65 23.46 4.57
C VAL C 23 18.28 22.21 3.82
N ILE C 24 19.21 21.26 3.77
CA ILE C 24 18.91 19.89 3.34
C ILE C 24 18.84 19.01 4.58
N PHE C 25 17.66 18.46 4.86
CA PHE C 25 17.53 17.42 5.88
C PHE C 25 17.90 16.13 5.17
N CAS C 26 19.00 15.49 5.59
CA CAS C 26 19.48 14.28 4.94
CB CAS C 26 20.89 14.54 4.41
C CAS C 26 19.47 13.18 5.95
O CAS C 26 20.21 13.21 6.94
SG CAS C 26 21.57 13.09 3.65
AS CAS C 26 20.41 13.06 1.78
CE1 CAS C 26 19.60 11.28 1.64
CE2 CAS C 26 21.71 13.16 0.32
N ASN C 27 18.64 12.17 5.70
CA ASN C 27 18.48 11.08 6.65
C ASN C 27 19.39 9.89 6.29
N ARG C 28 20.58 9.88 6.87
CA ARG C 28 21.50 8.76 6.74
C ARG C 28 21.38 7.82 7.93
N SER C 29 20.15 7.58 8.36
CA SER C 29 19.88 6.62 9.40
C SER C 29 18.99 5.57 8.78
N PRO C 30 18.89 4.39 9.42
CA PRO C 30 17.91 3.41 8.99
C PRO C 30 16.50 3.64 9.58
N ARG C 31 16.29 4.75 10.29
CA ARG C 31 14.99 5.02 10.92
C ARG C 31 14.12 5.96 10.08
N VAL C 32 12.81 5.92 10.32
CA VAL C 32 11.93 6.97 9.85
C VAL C 32 12.16 8.19 10.75
N VAL C 33 12.48 9.33 10.16
CA VAL C 33 12.89 10.50 10.93
C VAL C 33 11.78 11.54 11.10
N LEU C 34 11.60 11.96 12.34
CA LEU C 34 10.66 13.03 12.69
C LEU C 34 11.46 14.28 13.01
N PRO C 35 11.39 15.30 12.15
CA PRO C 35 12.01 16.56 12.50
C PRO C 35 11.10 17.32 13.44
N VAL C 36 11.71 17.99 14.42
CA VAL C 36 10.99 18.76 15.43
C VAL C 36 11.59 20.17 15.54
N TRP C 37 10.75 21.17 15.23
CA TRP C 37 11.12 22.57 15.35
C TRP C 37 10.66 23.08 16.71
N LEU C 38 11.57 23.70 17.45
CA LEU C 38 11.21 24.34 18.70
C LEU C 38 10.75 25.76 18.36
N ASN C 39 9.46 26.01 18.51
CA ASN C 39 8.89 27.29 18.11
C ASN C 39 9.25 28.44 19.08
N PHE C 40 8.64 29.59 18.87
CA PHE C 40 9.07 30.81 19.56
C PHE C 40 8.74 30.84 21.05
N ASP C 41 7.87 29.93 21.51
CA ASP C 41 7.60 29.75 22.93
C ASP C 41 8.18 28.46 23.46
N GLY C 42 9.13 27.86 22.71
CA GLY C 42 9.77 26.62 23.11
C GLY C 42 8.94 25.35 22.99
N GLU C 43 7.79 25.43 22.32
CA GLU C 43 6.95 24.25 22.12
C GLU C 43 7.47 23.45 20.93
N PRO C 44 7.58 22.13 21.07
CA PRO C 44 8.04 21.33 19.95
C PRO C 44 6.94 21.20 18.91
N GLN C 45 7.25 21.55 17.67
CA GLN C 45 6.35 21.32 16.57
C GLN C 45 6.87 20.19 15.67
N PRO C 46 6.08 19.12 15.50
CA PRO C 46 6.48 18.03 14.63
C PRO C 46 6.28 18.42 13.17
N TYR C 47 7.21 17.98 12.32
CA TYR C 47 7.18 18.24 10.88
C TYR C 47 7.05 16.91 10.12
N PRO C 48 6.75 16.96 8.81
CA PRO C 48 6.59 15.70 8.08
C PRO C 48 7.83 14.81 8.17
N THR C 49 7.63 13.49 8.07
CA THR C 49 8.70 12.53 8.30
C THR C 49 9.56 12.31 7.07
N LEU C 50 10.75 11.74 7.29
CA LEU C 50 11.64 11.31 6.20
C LEU C 50 11.91 9.82 6.28
N PRO C 51 11.57 9.06 5.22
CA PRO C 51 11.99 7.66 5.24
C PRO C 51 13.52 7.50 5.26
N PRO C 52 14.02 6.31 5.64
CA PRO C 52 15.46 6.05 5.68
C PRO C 52 16.13 6.39 4.38
N GLY C 53 17.29 7.03 4.44
CA GLY C 53 18.06 7.35 3.25
C GLY C 53 17.52 8.44 2.34
N THR C 54 16.49 9.16 2.78
CA THR C 54 15.88 10.18 1.93
C THR C 54 16.31 11.56 2.39
N GLY C 55 16.09 12.55 1.53
CA GLY C 55 16.38 13.94 1.86
C GLY C 55 15.32 14.91 1.37
N ARG C 56 15.26 16.08 2.01
CA ARG C 56 14.33 17.13 1.63
C ARG C 56 15.03 18.48 1.72
N ARG C 57 14.82 19.34 0.73
CA ARG C 57 15.29 20.70 0.80
C ARG C 57 14.17 21.50 1.45
N ILE C 58 14.46 22.13 2.58
CA ILE C 58 13.42 22.83 3.31
C ILE C 58 13.84 24.24 3.58
N HIS C 59 12.84 25.08 3.79
CA HIS C 59 13.05 26.48 4.12
C HIS C 59 12.85 26.68 5.62
N SER C 60 13.94 27.05 6.30
CA SER C 60 13.89 27.41 7.72
C SER C 60 14.46 28.81 7.86
N TYR C 61 14.96 29.16 9.05
CA TYR C 61 15.47 30.50 9.29
C TYR C 61 16.68 30.48 10.21
N ARG C 62 17.52 31.51 10.10
CA ARG C 62 18.72 31.59 10.94
C ARG C 62 18.34 31.66 12.41
N GLY C 63 19.05 30.90 13.24
CA GLY C 63 18.78 30.90 14.67
C GLY C 63 17.61 30.05 15.13
N HIS C 64 16.89 29.43 14.18
CA HIS C 64 15.83 28.50 14.56
C HIS C 64 16.43 27.20 15.07
N LEU C 65 15.69 26.51 15.93
CA LEU C 65 16.18 25.29 16.57
C LEU C 65 15.44 24.07 16.09
N TRP C 66 16.19 23.01 15.81
CA TRP C 66 15.64 21.74 15.36
C TRP C 66 16.30 20.58 16.08
N LEU C 67 15.55 19.50 16.28
CA LEU C 67 16.16 18.23 16.63
C LEU C 67 15.43 17.14 15.87
N PHE C 68 15.93 15.91 15.97
CA PHE C 68 15.42 14.83 15.12
C PHE C 68 15.26 13.53 15.89
N ARG C 69 14.14 12.85 15.68
CA ARG C 69 13.82 11.64 16.40
C ARG C 69 13.38 10.54 15.45
N ASP C 70 13.34 9.32 15.98
CA ASP C 70 12.65 8.22 15.33
C ASP C 70 11.14 8.45 15.42
N ALA C 71 10.47 8.56 14.29
CA ALA C 71 9.05 8.90 14.28
C ALA C 71 8.17 7.88 15.02
N GLY C 72 8.59 6.62 15.08
CA GLY C 72 7.80 5.57 15.72
C GLY C 72 8.05 5.45 17.20
N THR C 73 9.30 5.53 17.60
CA THR C 73 9.68 5.25 18.98
C THR C 73 10.13 6.49 19.73
N HIS C 74 10.45 7.56 19.01
CA HIS C 74 11.01 8.80 19.57
C HIS C 74 12.45 8.69 20.07
N ASP C 75 13.12 7.58 19.78
CA ASP C 75 14.54 7.43 20.06
C ASP C 75 15.26 8.67 19.51
N GLY C 76 16.28 9.13 20.24
CA GLY C 76 17.07 10.29 19.82
C GLY C 76 17.98 10.00 18.65
N LEU C 77 18.14 11.00 17.78
CA LEU C 77 19.06 10.92 16.65
C LEU C 77 20.00 12.11 16.68
N LEU C 78 21.10 12.00 15.94
CA LEU C 78 22.10 13.06 15.91
C LEU C 78 22.00 13.78 14.58
N VAL C 79 22.30 15.08 14.62
CA VAL C 79 22.30 15.89 13.41
C VAL C 79 23.61 16.62 13.43
N ASN C 80 24.37 16.46 12.35
CA ASN C 80 25.77 16.89 12.29
C ASN C 80 26.51 16.61 13.61
N GLN C 81 26.34 15.38 14.10
CA GLN C 81 27.07 14.84 15.26
C GLN C 81 26.64 15.38 16.61
N THR C 82 25.55 16.14 16.68
CA THR C 82 25.08 16.68 17.95
C THR C 82 23.55 16.59 18.06
N GLU C 83 23.01 17.11 19.16
CA GLU C 83 21.58 17.02 19.46
C GLU C 83 20.77 18.03 18.68
N LEU C 84 21.23 19.28 18.68
CA LEU C 84 20.48 20.40 18.13
C LEU C 84 21.08 20.85 16.82
N PHE C 85 20.21 21.27 15.90
CA PHE C 85 20.65 21.86 14.66
C PHE C 85 20.05 23.26 14.53
N VAL C 86 20.91 24.23 14.23
CA VAL C 86 20.53 25.63 14.11
C VAL C 86 20.97 26.10 12.73
N PRO C 87 20.01 26.38 11.82
CA PRO C 87 20.40 26.87 10.50
C PRO C 87 21.21 28.14 10.58
N SER C 88 22.25 28.23 9.76
CA SER C 88 23.15 29.37 9.73
C SER C 88 23.01 30.16 8.41
N LEU C 89 23.90 31.13 8.21
CA LEU C 89 23.90 31.92 7.00
C LEU C 89 24.30 31.08 5.79
N ASN C 90 23.50 31.14 4.73
CA ASN C 90 23.87 30.52 3.44
C ASN C 90 24.96 31.33 2.70
N VAL C 91 26.07 30.68 2.37
CA VAL C 91 27.16 31.30 1.61
C VAL C 91 27.13 30.85 0.15
N ASP C 92 27.24 31.80 -0.79
CA ASP C 92 27.14 31.52 -2.23
C ASP C 92 25.82 30.82 -2.62
N GLY C 93 24.74 31.16 -1.91
CA GLY C 93 23.43 30.54 -2.15
C GLY C 93 23.39 29.02 -2.00
N GLN C 94 24.36 28.44 -1.29
CA GLN C 94 24.41 27.00 -1.09
C GLN C 94 23.60 26.68 0.17
N PRO C 95 22.84 25.57 0.15
CA PRO C 95 22.10 25.17 1.36
C PRO C 95 23.02 24.63 2.47
N ILE C 96 22.54 24.68 3.71
CA ILE C 96 23.25 24.10 4.84
C ILE C 96 22.86 22.65 4.94
N PHE C 97 23.83 21.77 5.09
CA PHE C 97 23.54 20.34 5.18
C PHE C 97 23.29 19.91 6.63
N ALA C 98 22.22 19.16 6.85
CA ALA C 98 21.93 18.58 8.15
C ALA C 98 21.93 17.06 8.07
N ASN C 99 23.10 16.49 8.29
CA ASN C 99 23.28 15.05 8.29
C ASN C 99 22.71 14.39 9.52
N ILE C 100 21.60 13.68 9.34
CA ILE C 100 20.91 13.01 10.43
C ILE C 100 21.38 11.57 10.44
N THR C 101 21.94 11.14 11.57
CA THR C 101 22.52 9.80 11.72
C THR C 101 22.11 9.12 13.01
N LEU C 102 22.32 7.80 13.07
CA LEU C 102 22.16 7.09 14.32
C LEU C 102 23.27 7.50 15.27
N PRO C 103 22.92 7.72 16.54
CA PRO C 103 23.99 7.74 17.54
C PRO C 103 24.59 6.36 17.70
N VAL C 104 25.76 6.27 18.32
CA VAL C 104 26.22 5.00 18.88
C VAL C 104 25.54 4.87 20.23
N TYR C 105 24.41 4.19 20.26
CA TYR C 105 23.71 3.93 21.52
C TYR C 105 24.54 3.04 22.42
N THR C 106 24.34 3.19 23.73
CA THR C 106 24.87 2.24 24.69
C THR C 106 24.18 0.93 24.37
N LEU C 107 24.85 -0.19 24.65
CA LEU C 107 24.25 -1.49 24.47
C LEU C 107 22.97 -1.64 25.29
N LYS C 108 22.92 -1.03 26.48
CA LYS C 108 21.71 -1.08 27.32
C LYS C 108 20.55 -0.37 26.66
N GLU C 109 20.80 0.82 26.15
CA GLU C 109 19.73 1.59 25.54
C GLU C 109 19.26 0.88 24.27
N ARG C 110 20.19 0.28 23.55
CA ARG C 110 19.83 -0.48 22.36
C ARG C 110 18.97 -1.69 22.75
N CYS C 111 19.39 -2.43 23.76
CA CYS C 111 18.60 -3.55 24.28
C CYS C 111 17.19 -3.14 24.69
N LEU C 112 17.08 -1.99 25.36
CA LEU C 112 15.78 -1.45 25.74
C LEU C 112 14.91 -1.14 24.52
N GLN C 113 15.50 -0.56 23.48
CA GLN C 113 14.74 -0.28 22.24
C GLN C 113 14.12 -1.54 21.71
N VAL C 114 14.92 -2.60 21.60
CA VAL C 114 14.46 -3.84 20.99
C VAL C 114 13.39 -4.49 21.86
N VAL C 115 13.59 -4.47 23.18
CA VAL C 115 12.59 -5.02 24.09
C VAL C 115 11.29 -4.20 24.03
N ARG C 116 11.38 -2.87 23.98
CA ARG C 116 10.18 -2.04 23.81
C ARG C 116 9.43 -2.39 22.52
N SER C 117 10.18 -2.67 21.46
CA SER C 117 9.56 -2.99 20.16
C SER C 117 8.90 -4.37 20.10
N LEU C 118 9.14 -5.22 21.09
CA LEU C 118 8.55 -6.57 21.11
C LEU C 118 7.49 -6.79 22.18
N VAL C 119 7.48 -5.94 23.21
CA VAL C 119 6.61 -6.13 24.37
C VAL C 119 5.73 -4.91 24.50
N LYS C 120 4.42 -5.12 24.56
CA LYS C 120 3.50 -4.00 24.71
C LYS C 120 3.65 -3.42 26.11
N PRO C 121 3.48 -2.10 26.25
CA PRO C 121 3.74 -1.47 27.56
C PRO C 121 2.94 -2.06 28.73
N GLU C 122 1.84 -2.76 28.43
CA GLU C 122 1.03 -3.43 29.45
CA GLU C 122 1.04 -3.43 29.46
C GLU C 122 1.84 -4.56 30.10
N ASN C 123 2.67 -5.23 29.30
CA ASN C 123 3.37 -6.44 29.71
C ASN C 123 4.78 -6.28 30.30
N TYR C 124 5.32 -5.07 30.31
CA TYR C 124 6.67 -4.83 30.86
C TYR C 124 6.85 -5.43 32.26
N ARG C 125 5.78 -5.43 33.04
CA ARG C 125 5.83 -5.96 34.41
C ARG C 125 5.83 -7.48 34.45
N ARG C 126 5.34 -8.12 33.40
CA ARG C 126 5.38 -9.59 33.32
C ARG C 126 6.80 -10.10 33.07
N LEU C 127 7.65 -9.24 32.50
CA LEU C 127 9.03 -9.63 32.20
C LEU C 127 9.78 -9.95 33.48
N ASP C 128 10.61 -11.00 33.43
CA ASP C 128 11.34 -11.42 34.60
C ASP C 128 12.70 -10.73 34.69
N ILE C 129 12.67 -9.53 35.24
CA ILE C 129 13.84 -8.66 35.34
C ILE C 129 13.70 -7.80 36.60
N VAL C 130 14.80 -7.20 37.04
CA VAL C 130 14.79 -6.35 38.22
C VAL C 130 13.96 -5.09 38.03
N ARG C 131 13.40 -4.59 39.14
CA ARG C 131 12.48 -3.47 39.14
C ARG C 131 12.98 -2.25 38.37
N SER C 132 14.28 -1.94 38.49
CA SER C 132 14.83 -0.71 37.88
C SER C 132 14.88 -0.78 36.35
N LEU C 133 14.92 -1.98 35.79
CA LEU C 133 14.85 -2.18 34.34
C LEU C 133 13.44 -1.98 33.81
N TYR C 134 12.45 -2.34 34.63
CA TYR C 134 11.06 -2.07 34.29
C TYR C 134 10.83 -0.57 34.22
N GLU C 135 11.41 0.17 35.17
CA GLU C 135 11.40 1.64 35.11
C GLU C 135 12.12 2.17 33.88
N ASP C 136 13.29 1.60 33.57
CA ASP C 136 14.05 1.99 32.37
C ASP C 136 13.22 1.79 31.09
N LEU C 137 12.50 0.67 31.00
CA LEU C 137 11.60 0.40 29.86
C LEU C 137 10.46 1.43 29.74
N GLU C 138 9.80 1.71 30.87
CA GLU C 138 8.70 2.69 30.93
C GLU C 138 9.21 4.11 30.76
N ASP C 139 10.49 4.35 31.05
CA ASP C 139 11.08 5.67 30.86
C ASP C 139 11.41 5.87 29.38
N HIS C 140 10.35 5.98 28.56
CA HIS C 140 10.46 6.11 27.10
C HIS C 140 11.27 7.34 26.69
N PRO C 141 12.00 7.24 25.58
CA PRO C 141 12.56 8.48 25.06
C PRO C 141 11.42 9.46 24.86
N ASN C 142 11.58 10.68 25.38
CA ASN C 142 10.53 11.70 25.34
C ASN C 142 11.14 13.07 25.10
N VAL C 143 10.55 13.83 24.18
CA VAL C 143 11.12 15.12 23.78
C VAL C 143 11.14 16.10 24.95
N GLN C 144 10.03 16.19 25.68
CA GLN C 144 9.92 17.10 26.82
C GLN C 144 11.02 16.88 27.86
N LYS C 145 11.31 15.61 28.11
CA LYS C 145 12.35 15.23 29.06
C LYS C 145 13.75 15.69 28.60
N ASP C 146 14.02 15.50 27.32
CA ASP C 146 15.30 15.92 26.74
C ASP C 146 15.43 17.45 26.67
N LEU C 147 14.32 18.15 26.50
CA LEU C 147 14.34 19.61 26.46
C LEU C 147 14.70 20.18 27.81
N GLU C 148 14.20 19.55 28.87
CA GLU C 148 14.54 19.93 30.23
C GLU C 148 16.04 19.75 30.47
N ARG C 149 16.56 18.57 30.12
CA ARG C 149 17.99 18.28 30.26
C ARG C 149 18.84 19.33 29.56
N LEU C 150 18.68 19.48 28.25
CA LEU C 150 19.45 20.44 27.44
C LEU C 150 19.46 21.85 28.04
N THR C 151 18.37 22.20 28.71
CA THR C 151 18.27 23.42 29.49
C THR C 151 18.82 23.21 30.91
N MET D 1 -1.17 -21.53 6.30
CA MET D 1 -2.57 -21.92 6.66
C MET D 1 -2.58 -22.98 7.76
N ASP D 2 -3.21 -22.66 8.89
CA ASP D 2 -3.23 -23.54 10.06
C ASP D 2 -4.25 -24.66 9.91
N VAL D 3 -3.86 -25.87 10.33
CA VAL D 3 -4.79 -26.98 10.49
C VAL D 3 -4.78 -27.37 11.96
N PHE D 4 -5.96 -27.70 12.48
CA PHE D 4 -6.13 -28.04 13.89
C PHE D 4 -6.46 -29.51 14.06
N LEU D 5 -5.66 -30.21 14.87
CA LEU D 5 -5.60 -31.66 14.87
C LEU D 5 -5.78 -32.27 16.24
N MET D 6 -6.33 -33.49 16.25
CA MET D 6 -6.25 -34.41 17.37
C MET D 6 -5.43 -35.62 16.91
N ILE D 7 -4.31 -35.86 17.58
CA ILE D 7 -3.49 -37.03 17.31
C ILE D 7 -3.77 -38.07 18.38
N ARG D 8 -4.41 -39.17 17.99
CA ARG D 8 -5.00 -40.09 18.93
C ARG D 8 -4.39 -41.48 18.85
N ARG D 9 -4.02 -42.03 20.01
CA ARG D 9 -3.63 -43.44 20.16
C ARG D 9 -4.24 -43.99 21.44
N HIS D 10 -4.87 -45.16 21.36
CA HIS D 10 -5.46 -45.84 22.52
C HIS D 10 -6.39 -44.87 23.27
N LYS D 11 -5.98 -44.38 24.44
CA LYS D 11 -6.77 -43.41 25.22
C LYS D 11 -6.01 -42.08 25.41
N THR D 12 -5.03 -41.86 24.52
CA THR D 12 -4.29 -40.59 24.44
C THR D 12 -4.83 -39.77 23.26
N THR D 13 -5.08 -38.49 23.50
CA THR D 13 -5.49 -37.54 22.47
C THR D 13 -4.72 -36.24 22.67
N ILE D 14 -3.92 -35.86 21.68
CA ILE D 14 -3.15 -34.61 21.72
C ILE D 14 -3.83 -33.54 20.89
N PHE D 15 -4.02 -32.36 21.48
CA PHE D 15 -4.51 -31.20 20.75
C PHE D 15 -3.35 -30.29 20.36
N THR D 16 -3.14 -30.12 19.07
CA THR D 16 -2.12 -29.22 18.55
C THR D 16 -2.56 -28.73 17.18
N ASP D 17 -1.75 -27.84 16.60
CA ASP D 17 -1.98 -27.35 15.26
C ASP D 17 -0.69 -27.36 14.48
N ALA D 18 -0.81 -27.18 13.17
CA ALA D 18 0.35 -27.18 12.28
C ALA D 18 -0.03 -26.51 10.98
N LYS D 19 0.95 -26.27 10.13
CA LYS D 19 0.71 -25.65 8.83
C LYS D 19 0.28 -26.69 7.82
N GLU D 20 -0.57 -26.27 6.90
CA GLU D 20 -1.00 -27.12 5.80
C GLU D 20 0.20 -27.61 4.99
N SER D 21 1.23 -26.76 4.90
CA SER D 21 2.46 -27.03 4.15
C SER D 21 3.55 -27.76 4.93
N SER D 22 3.30 -28.10 6.19
CA SER D 22 4.27 -28.85 6.99
C SER D 22 4.14 -30.34 6.69
N THR D 23 5.18 -31.10 6.99
CA THR D 23 5.26 -32.49 6.58
C THR D 23 4.81 -33.45 7.66
N VAL D 24 4.54 -34.68 7.25
CA VAL D 24 4.19 -35.75 8.17
C VAL D 24 5.34 -36.00 9.15
N PHE D 25 6.58 -35.91 8.63
CA PHE D 25 7.76 -36.04 9.47
C PHE D 25 7.80 -34.94 10.51
N GLU D 26 7.58 -33.70 10.07
CA GLU D 26 7.57 -32.55 10.98
C GLU D 26 6.52 -32.66 12.09
N LEU D 27 5.42 -33.35 11.80
CA LEU D 27 4.40 -33.65 12.81
C LEU D 27 4.87 -34.74 13.80
N LYS D 28 5.60 -35.73 13.30
CA LYS D 28 6.20 -36.75 14.18
C LYS D 28 7.18 -36.15 15.18
N ARG D 29 7.90 -35.09 14.78
CA ARG D 29 8.82 -34.38 15.69
C ARG D 29 8.07 -33.69 16.84
N ILE D 30 6.87 -33.18 16.58
CA ILE D 30 6.05 -32.55 17.60
C ILE D 30 5.57 -33.59 18.61
N VAL D 31 5.10 -34.72 18.10
CA VAL D 31 4.69 -35.86 18.93
C VAL D 31 5.87 -36.31 19.81
N GLU D 32 7.07 -36.33 19.24
CA GLU D 32 8.28 -36.73 19.97
C GLU D 32 8.49 -35.89 21.23
N GLY D 33 8.34 -34.57 21.08
CA GLY D 33 8.45 -33.65 22.22
C GLY D 33 7.48 -33.97 23.35
N ILE D 34 6.28 -34.39 22.98
CA ILE D 34 5.21 -34.64 23.94
C ILE D 34 5.31 -36.05 24.56
N LEU D 35 5.31 -37.09 23.73
CA LEU D 35 5.24 -38.46 24.23
C LEU D 35 6.58 -39.20 24.24
N LYS D 36 7.66 -38.48 23.93
CA LYS D 36 9.02 -39.00 24.08
C LYS D 36 9.29 -40.26 23.25
N ARG D 37 8.75 -40.30 22.05
CA ARG D 37 9.08 -41.36 21.11
C ARG D 37 9.62 -40.73 19.83
N PRO D 38 10.74 -41.26 19.30
CA PRO D 38 11.31 -40.68 18.09
C PRO D 38 10.45 -40.98 16.84
N PRO D 39 10.64 -40.19 15.77
CA PRO D 39 9.88 -40.39 14.52
C PRO D 39 9.81 -41.84 14.05
N ASP D 40 10.96 -42.52 13.99
CA ASP D 40 11.02 -43.88 13.47
C ASP D 40 10.36 -44.94 14.37
N GLU D 41 9.89 -44.54 15.55
CA GLU D 41 9.04 -45.41 16.39
C GLU D 41 7.56 -45.04 16.29
N GLN D 42 7.22 -44.15 15.35
CA GLN D 42 5.83 -43.71 15.14
C GLN D 42 5.35 -44.06 13.75
N ARG D 43 4.07 -44.40 13.64
CA ARG D 43 3.35 -44.35 12.37
C ARG D 43 2.15 -43.42 12.53
N LEU D 44 1.94 -42.54 11.55
CA LEU D 44 0.77 -41.67 11.55
C LEU D 44 -0.22 -42.04 10.45
N TYR D 45 -1.50 -41.82 10.72
CA TYR D 45 -2.57 -42.28 9.85
C TYR D 45 -3.62 -41.22 9.55
N LYS D 46 -4.29 -41.38 8.41
CA LYS D 46 -5.56 -40.72 8.15
C LYS D 46 -6.57 -41.82 7.91
N ASP D 47 -7.52 -41.96 8.81
CA ASP D 47 -8.38 -43.14 8.87
C ASP D 47 -7.46 -44.37 8.89
N ASP D 48 -7.57 -45.28 7.92
CA ASP D 48 -6.70 -46.48 7.88
C ASP D 48 -5.48 -46.34 6.97
N GLN D 49 -5.23 -45.15 6.43
CA GLN D 49 -4.13 -44.95 5.47
C GLN D 49 -2.85 -44.48 6.17
N LEU D 50 -1.75 -45.16 5.88
CA LEU D 50 -0.44 -44.76 6.40
C LEU D 50 0.07 -43.54 5.68
N LEU D 51 0.64 -42.61 6.43
CA LEU D 51 1.13 -41.35 5.88
C LEU D 51 2.65 -41.37 5.71
N ASP D 52 3.12 -41.05 4.51
CA ASP D 52 4.55 -40.99 4.24
C ASP D 52 5.18 -39.75 4.85
N ASP D 53 6.32 -39.92 5.50
CA ASP D 53 7.04 -38.82 6.15
C ASP D 53 7.18 -37.57 5.28
N GLY D 54 7.51 -37.75 4.00
CA GLY D 54 7.79 -36.62 3.10
C GLY D 54 6.59 -35.76 2.71
N LYS D 55 5.38 -36.31 2.82
CA LYS D 55 4.19 -35.64 2.28
C LYS D 55 3.70 -34.52 3.21
N THR D 56 3.09 -33.49 2.62
CA THR D 56 2.56 -32.39 3.41
C THR D 56 1.20 -32.79 3.97
N LEU D 57 0.77 -32.10 5.01
CA LEU D 57 -0.53 -32.37 5.62
C LEU D 57 -1.67 -32.06 4.65
N GLY D 58 -1.50 -30.99 3.85
CA GLY D 58 -2.50 -30.58 2.85
C GLY D 58 -2.70 -31.60 1.74
N GLU D 59 -1.59 -32.15 1.26
CA GLU D 59 -1.55 -33.28 0.34
C GLU D 59 -2.32 -34.51 0.83
N CAS D 60 -2.20 -34.80 2.11
CA CAS D 60 -2.94 -35.91 2.72
CB CAS D 60 -2.15 -36.41 3.93
C CAS D 60 -4.33 -35.55 3.17
O CAS D 60 -4.97 -36.31 3.89
SG CAS D 60 -0.60 -37.06 3.42
AS CAS D 60 -1.21 -38.65 1.96
CE1 CAS D 60 -0.28 -38.17 0.29
CE2 CAS D 60 -0.57 -40.43 2.56
N GLY D 61 -4.83 -34.37 2.77
CA GLY D 61 -6.24 -34.03 2.96
C GLY D 61 -6.60 -33.28 4.24
N PHE D 62 -5.59 -32.86 5.01
CA PHE D 62 -5.82 -32.01 6.16
C PHE D 62 -5.80 -30.58 5.69
N THR D 63 -6.96 -29.96 5.59
CA THR D 63 -7.06 -28.57 5.12
C THR D 63 -7.65 -27.66 6.19
N SER D 64 -7.36 -26.37 6.06
CA SER D 64 -7.83 -25.35 7.00
C SER D 64 -9.30 -25.50 7.28
N GLN D 65 -10.06 -25.72 6.22
CA GLN D 65 -11.50 -25.66 6.30
C GLN D 65 -12.14 -26.96 6.76
N THR D 66 -11.35 -28.01 6.98
CA THR D 66 -11.86 -29.24 7.60
C THR D 66 -11.21 -29.55 8.96
N ALA D 67 -9.92 -29.23 9.10
CA ALA D 67 -9.25 -29.35 10.38
C ALA D 67 -9.43 -28.04 11.15
N ARG D 68 -10.62 -27.85 11.73
CA ARG D 68 -11.02 -26.56 12.30
C ARG D 68 -10.77 -26.52 13.82
N PRO D 69 -10.60 -25.30 14.39
CA PRO D 69 -10.32 -25.16 15.83
C PRO D 69 -11.32 -25.91 16.70
N GLN D 70 -12.59 -25.76 16.36
CA GLN D 70 -13.70 -26.26 17.15
C GLN D 70 -14.16 -27.64 16.70
N ALA D 71 -13.47 -28.23 15.73
CA ALA D 71 -13.80 -29.55 15.18
C ALA D 71 -12.57 -30.05 14.46
N PRO D 72 -11.53 -30.37 15.24
CA PRO D 72 -10.25 -30.75 14.65
C PRO D 72 -10.31 -32.10 13.98
N ALA D 73 -9.44 -32.29 12.98
CA ALA D 73 -9.33 -33.57 12.26
C ALA D 73 -8.51 -34.53 13.09
N THR D 74 -8.75 -35.82 12.93
CA THR D 74 -8.03 -36.84 13.69
C THR D 74 -6.86 -37.43 12.92
N VAL D 75 -5.71 -37.56 13.58
CA VAL D 75 -4.57 -38.27 13.04
C VAL D 75 -4.37 -39.50 13.93
N GLY D 76 -4.29 -40.67 13.31
CA GLY D 76 -4.06 -41.91 14.05
C GLY D 76 -2.59 -42.07 14.37
N LEU D 77 -2.29 -42.70 15.50
CA LEU D 77 -0.93 -42.94 15.92
C LEU D 77 -0.77 -44.38 16.39
N ALA D 78 0.33 -45.01 16.00
CA ALA D 78 0.71 -46.35 16.46
C ALA D 78 2.19 -46.34 16.80
N PHE D 79 2.54 -46.99 17.91
CA PHE D 79 3.93 -47.10 18.35
C PHE D 79 4.54 -48.47 18.03
N ARG D 80 5.87 -48.50 17.94
CA ARG D 80 6.63 -49.74 17.81
C ARG D 80 7.16 -50.16 19.18
N ALA D 81 6.84 -51.39 19.60
CA ALA D 81 7.29 -51.93 20.88
C ALA D 81 8.43 -52.95 20.69
N ASP D 83 10.33 -54.01 18.10
CA ASP D 83 10.57 -54.89 16.95
C ASP D 83 9.58 -54.65 15.81
N THR D 84 8.29 -54.72 16.12
CA THR D 84 7.21 -54.56 15.13
C THR D 84 6.11 -53.66 15.68
N PHE D 85 5.55 -52.82 14.82
CA PHE D 85 4.49 -51.87 15.22
C PHE D 85 3.24 -52.59 15.70
N GLU D 86 2.51 -51.92 16.60
CA GLU D 86 1.20 -52.36 17.03
C GLU D 86 0.18 -51.98 15.95
N ALA D 87 -1.01 -52.56 16.05
CA ALA D 87 -2.11 -52.21 15.16
C ALA D 87 -2.69 -50.85 15.56
N LEU D 88 -3.28 -50.13 14.61
CA LEU D 88 -3.94 -48.86 14.92
C LEU D 88 -5.15 -49.10 15.81
N CAS D 89 -5.16 -48.45 16.96
CA CAS D 89 -6.22 -48.61 17.93
CB CAS D 89 -5.77 -49.63 18.98
C CAS D 89 -6.47 -47.24 18.52
O CAS D 89 -5.55 -46.63 19.07
SG CAS D 89 -6.75 -49.67 20.46
AS CAS D 89 -8.66 -50.51 19.66
CE1 CAS D 89 -8.48 -51.34 17.85
CE2 CAS D 89 -9.26 -51.91 20.97
N ILE D 90 -7.70 -46.76 18.37
CA ILE D 90 -8.12 -45.51 18.97
C ILE D 90 -9.41 -45.80 19.73
N GLU D 91 -9.34 -45.75 21.06
CA GLU D 91 -10.49 -46.03 21.90
C GLU D 91 -11.48 -44.88 21.75
N PRO D 92 -12.77 -45.21 21.55
CA PRO D 92 -13.76 -44.15 21.36
C PRO D 92 -14.06 -43.44 22.67
N PHE D 93 -14.46 -42.18 22.57
CA PHE D 93 -14.90 -41.44 23.74
C PHE D 93 -16.19 -42.07 24.24
N SER D 94 -16.60 -41.69 25.45
CA SER D 94 -17.81 -42.23 26.06
C SER D 94 -19.06 -41.79 25.30
N SER D 95 -20.18 -42.38 25.65
CA SER D 95 -21.42 -42.13 24.95
C SER D 95 -22.31 -41.23 25.78
N PRO D 96 -22.82 -40.15 25.15
CA PRO D 96 -23.78 -39.31 25.85
C PRO D 96 -24.98 -40.14 26.33
N PRO D 97 -25.65 -39.69 27.40
CA PRO D 97 -26.84 -40.37 27.87
C PRO D 97 -28.07 -40.05 27.03
N GLU D 98 -29.18 -40.74 27.30
CA GLU D 98 -30.46 -40.41 26.68
C GLU D 98 -30.86 -38.97 27.03
N LEU D 99 -31.38 -38.25 26.05
CA LEU D 99 -31.87 -36.89 26.27
C LEU D 99 -32.97 -36.90 27.33
N PRO D 100 -32.81 -36.09 28.39
CA PRO D 100 -33.89 -35.98 29.37
C PRO D 100 -35.23 -35.58 28.72
N ASP D 101 -36.33 -35.93 29.38
CA ASP D 101 -37.67 -35.71 28.83
C ASP D 101 -37.86 -34.28 28.33
N VAL D 102 -37.53 -33.30 29.18
CA VAL D 102 -37.73 -31.87 28.88
C VAL D 102 -36.91 -31.36 27.69
N MET D 103 -35.81 -32.04 27.36
CA MET D 103 -35.05 -31.77 26.14
C MET D 103 -35.49 -32.73 25.04
N MET E 2 4.79 -25.87 28.85
CA MET E 2 4.28 -26.20 27.49
C MET E 2 2.94 -26.92 27.53
N TYR E 3 2.96 -28.22 27.79
CA TYR E 3 1.75 -29.03 27.75
C TYR E 3 1.34 -29.50 29.15
N VAL E 4 0.04 -29.70 29.35
CA VAL E 4 -0.49 -30.33 30.56
C VAL E 4 -1.47 -31.44 30.16
N LYS E 5 -1.71 -32.36 31.07
CA LYS E 5 -2.59 -33.50 30.80
C LYS E 5 -3.89 -33.34 31.55
N LEU E 6 -5.00 -33.53 30.83
CA LEU E 6 -6.32 -33.48 31.44
C LEU E 6 -6.98 -34.86 31.27
N ILE E 7 -7.28 -35.51 32.40
CA ILE E 7 -7.75 -36.90 32.37
C ILE E 7 -9.23 -37.00 32.73
N SER E 8 -10.02 -37.55 31.81
CA SER E 8 -11.47 -37.64 32.02
C SER E 8 -11.81 -38.71 33.06
N SER E 9 -13.07 -38.74 33.48
CA SER E 9 -13.55 -39.72 34.46
C SER E 9 -13.34 -41.15 33.95
N ASP E 10 -13.58 -41.38 32.66
CA ASP E 10 -13.41 -42.70 32.02
C ASP E 10 -11.98 -43.03 31.54
N GLY E 11 -10.99 -42.24 31.96
CA GLY E 11 -9.58 -42.54 31.66
C GLY E 11 -8.93 -41.93 30.42
N HIS E 12 -9.67 -41.18 29.61
CA HIS E 12 -9.05 -40.53 28.43
C HIS E 12 -8.13 -39.40 28.86
N GLU E 13 -6.94 -39.36 28.26
CA GLU E 13 -5.91 -38.42 28.63
C GLU E 13 -5.72 -37.41 27.51
N PHE E 14 -6.18 -36.19 27.75
CA PHE E 14 -6.13 -35.11 26.76
C PHE E 14 -4.94 -34.21 27.04
N ILE E 15 -4.08 -34.04 26.04
CA ILE E 15 -2.85 -33.28 26.21
C ILE E 15 -3.01 -31.98 25.44
N VAL E 16 -3.02 -30.86 26.17
CA VAL E 16 -3.22 -29.55 25.58
C VAL E 16 -2.13 -28.60 26.03
N LYS E 17 -1.97 -27.51 25.27
CA LYS E 17 -1.06 -26.43 25.65
C LYS E 17 -1.43 -25.87 27.04
N ARG E 18 -0.42 -25.59 27.85
CA ARG E 18 -0.60 -25.08 29.21
C ARG E 18 -1.39 -23.77 29.16
N GLU E 19 -0.93 -22.85 28.30
CA GLU E 19 -1.63 -21.60 28.01
C GLU E 19 -3.14 -21.82 27.83
N HIS E 20 -3.51 -22.79 27.00
CA HIS E 20 -4.92 -23.08 26.69
C HIS E 20 -5.69 -23.57 27.91
N ALA E 21 -5.07 -24.43 28.71
CA ALA E 21 -5.70 -24.96 29.90
C ALA E 21 -5.83 -23.92 31.02
N LEU E 22 -4.97 -22.92 31.03
CA LEU E 22 -5.05 -21.86 32.04
C LEU E 22 -6.17 -20.86 31.75
N THR E 23 -6.82 -20.96 30.59
CA THR E 23 -8.13 -20.35 30.37
C THR E 23 -9.01 -20.52 31.62
N SER E 24 -8.99 -21.72 32.20
CA SER E 24 -9.82 -22.07 33.34
C SER E 24 -9.09 -21.77 34.63
N GLY E 25 -9.62 -20.83 35.40
CA GLY E 25 -9.09 -20.53 36.71
C GLY E 25 -9.11 -21.74 37.65
N THR E 26 -10.11 -22.61 37.50
CA THR E 26 -10.19 -23.84 38.30
C THR E 26 -9.01 -24.77 38.01
N ILE E 27 -8.69 -24.94 36.72
CA ILE E 27 -7.55 -25.77 36.32
C ILE E 27 -6.23 -25.18 36.83
N LYS E 28 -6.05 -23.86 36.72
CA LYS E 28 -4.87 -23.18 37.28
C LYS E 28 -4.68 -23.51 38.75
N ALA E 29 -5.77 -23.50 39.50
CA ALA E 29 -5.73 -23.81 40.94
C ALA E 29 -5.41 -25.27 41.21
N MET E 30 -5.76 -26.14 40.28
CA MET E 30 -5.46 -27.56 40.40
C MET E 30 -4.06 -27.95 39.94
N LEU E 31 -3.38 -27.06 39.21
CA LEU E 31 -2.01 -27.30 38.74
C LEU E 31 -0.96 -26.82 39.75
N SER E 32 -1.19 -25.65 40.32
CA SER E 32 -0.32 -25.05 41.33
C SER E 32 -1.11 -24.90 42.63
N GLY E 33 -0.68 -25.64 43.67
CA GLY E 33 -1.33 -25.59 44.98
C GLY E 33 -2.43 -26.61 45.13
N THR E 42 2.45 -34.50 38.02
CA THR E 42 2.78 -33.18 38.55
C THR E 42 2.01 -32.10 37.80
N ASN E 43 2.03 -32.17 36.48
CA ASN E 43 1.18 -31.29 35.67
C ASN E 43 0.14 -32.13 34.90
N GLU E 44 -0.58 -32.93 35.67
CA GLU E 44 -1.76 -33.65 35.23
C GLU E 44 -2.92 -33.25 36.13
N VAL E 45 -4.14 -33.27 35.61
CA VAL E 45 -5.33 -33.10 36.44
C VAL E 45 -6.34 -34.20 36.12
N ASN E 46 -6.97 -34.74 37.16
CA ASN E 46 -8.00 -35.77 37.01
C ASN E 46 -9.38 -35.20 37.31
N PHE E 47 -10.34 -35.48 36.44
CA PHE E 47 -11.73 -35.01 36.60
C PHE E 47 -12.64 -36.20 36.77
N ARG E 48 -13.02 -36.48 38.01
CA ARG E 48 -13.82 -37.65 38.35
C ARG E 48 -15.25 -37.57 37.84
N GLU E 49 -15.70 -36.35 37.57
CA GLU E 49 -17.08 -36.14 37.10
C GLU E 49 -17.20 -35.87 35.61
N ILE E 50 -16.12 -35.48 34.95
CA ILE E 50 -16.21 -35.09 33.55
C ILE E 50 -15.81 -36.26 32.63
N PRO E 51 -16.78 -36.83 31.91
CA PRO E 51 -16.44 -37.90 30.99
C PRO E 51 -15.75 -37.39 29.71
N SER E 52 -15.22 -38.32 28.91
CA SER E 52 -14.42 -37.97 27.73
C SER E 52 -15.22 -37.26 26.64
N HIS E 53 -16.48 -37.63 26.47
CA HIS E 53 -17.32 -36.98 25.46
C HIS E 53 -17.59 -35.51 25.80
N VAL E 54 -17.45 -35.16 27.07
CA VAL E 54 -17.57 -33.78 27.51
C VAL E 54 -16.21 -33.08 27.51
N LEU E 55 -15.20 -33.74 28.09
CA LEU E 55 -13.88 -33.12 28.26
C LEU E 55 -13.15 -32.86 26.94
N SER E 56 -13.36 -33.71 25.95
CA SER E 56 -12.82 -33.47 24.61
C SER E 56 -13.39 -32.18 24.00
N LYS E 57 -14.68 -31.93 24.25
CA LYS E 57 -15.32 -30.72 23.78
C LYS E 57 -14.77 -29.49 24.48
N VAL E 58 -14.43 -29.63 25.76
CA VAL E 58 -13.81 -28.55 26.52
C VAL E 58 -12.49 -28.17 25.89
N CYS E 59 -11.68 -29.17 25.56
CA CYS E 59 -10.39 -28.93 24.93
C CYS E 59 -10.53 -28.27 23.56
N MET E 60 -11.56 -28.65 22.81
CA MET E 60 -11.84 -28.00 21.53
C MET E 60 -12.22 -26.53 21.74
N TYR E 61 -13.01 -26.25 22.78
CA TYR E 61 -13.33 -24.87 23.12
C TYR E 61 -12.07 -24.04 23.34
N PHE E 62 -11.09 -24.58 24.08
CA PHE E 62 -9.86 -23.84 24.33
C PHE E 62 -9.26 -23.40 22.99
N THR E 63 -9.11 -24.36 22.08
CA THR E 63 -8.56 -24.10 20.75
C THR E 63 -9.35 -22.97 20.07
N TYR E 64 -10.68 -23.09 20.12
CA TYR E 64 -11.59 -22.14 19.49
C TYR E 64 -11.42 -20.72 20.02
N LYS E 65 -11.48 -20.58 21.34
CA LYS E 65 -11.33 -19.30 22.01
C LYS E 65 -10.03 -18.61 21.65
N VAL E 66 -8.94 -19.34 21.81
CA VAL E 66 -7.61 -18.80 21.55
C VAL E 66 -7.46 -18.44 20.06
N ARG E 67 -8.10 -19.20 19.18
CA ARG E 67 -8.02 -18.90 17.77
C ARG E 67 -8.85 -17.69 17.37
N TYR E 68 -10.01 -17.50 17.98
CA TYR E 68 -10.92 -16.46 17.52
C TYR E 68 -11.03 -15.23 18.41
N THR E 69 -10.48 -15.26 19.61
CA THR E 69 -10.58 -14.12 20.53
C THR E 69 -9.81 -12.93 19.94
N ASN E 70 -10.52 -11.81 19.79
CA ASN E 70 -10.00 -10.61 19.13
C ASN E 70 -9.41 -10.98 17.77
N SER E 71 -10.29 -11.11 16.79
CA SER E 71 -9.94 -11.61 15.48
C SER E 71 -10.75 -10.84 14.46
N SER E 72 -10.11 -10.42 13.36
CA SER E 72 -10.80 -9.73 12.27
C SER E 72 -11.71 -10.72 11.55
N THR E 73 -11.16 -11.87 11.19
CA THR E 73 -11.90 -12.94 10.49
C THR E 73 -13.24 -13.26 11.13
N GLU E 74 -14.23 -13.56 10.28
CA GLU E 74 -15.54 -14.01 10.73
C GLU E 74 -15.42 -15.22 11.66
N ILE E 75 -16.33 -15.30 12.64
CA ILE E 75 -16.27 -16.29 13.68
C ILE E 75 -17.41 -17.31 13.49
N PRO E 76 -17.06 -18.60 13.47
CA PRO E 76 -18.09 -19.65 13.38
C PRO E 76 -18.66 -19.98 14.74
N GLU E 77 -19.87 -20.51 14.73
CA GLU E 77 -20.58 -20.87 15.93
C GLU E 77 -19.84 -22.03 16.57
N PHE E 78 -19.73 -22.02 17.90
CA PHE E 78 -19.21 -23.19 18.61
C PHE E 78 -20.31 -24.24 18.70
N PRO E 79 -20.07 -25.43 18.14
CA PRO E 79 -21.13 -26.44 18.04
C PRO E 79 -21.24 -27.29 19.30
N ILE E 80 -22.46 -27.44 19.81
CA ILE E 80 -22.72 -28.30 20.96
C ILE E 80 -23.93 -29.18 20.67
N ALA E 81 -23.71 -30.48 20.50
CA ALA E 81 -24.81 -31.42 20.31
C ALA E 81 -25.74 -31.38 21.50
N PRO E 82 -27.05 -31.43 21.26
CA PRO E 82 -28.02 -31.48 22.35
C PRO E 82 -27.71 -32.49 23.47
N GLU E 83 -27.14 -33.64 23.12
CA GLU E 83 -26.98 -34.75 24.08
C GLU E 83 -25.93 -34.47 25.15
N ILE E 84 -24.98 -33.57 24.84
CA ILE E 84 -23.90 -33.24 25.76
C ILE E 84 -24.09 -31.89 26.44
N ALA E 85 -25.05 -31.11 25.95
CA ALA E 85 -25.26 -29.74 26.41
C ALA E 85 -25.35 -29.63 27.94
N LEU E 86 -26.17 -30.47 28.54
CA LEU E 86 -26.43 -30.38 29.98
C LEU E 86 -25.18 -30.63 30.81
N GLU E 87 -24.48 -31.70 30.46
CA GLU E 87 -23.22 -32.03 31.09
C GLU E 87 -22.16 -30.98 30.83
N LEU E 88 -22.12 -30.43 29.61
CA LEU E 88 -21.09 -29.47 29.25
C LEU E 88 -21.31 -28.17 30.01
N LEU E 89 -22.57 -27.80 30.22
CA LEU E 89 -22.91 -26.64 31.03
C LEU E 89 -22.33 -26.83 32.44
N MET E 90 -22.55 -28.00 33.02
CA MET E 90 -22.06 -28.28 34.36
C MET E 90 -20.53 -28.21 34.43
N ALA E 91 -19.84 -28.75 33.42
CA ALA E 91 -18.39 -28.64 33.37
C ALA E 91 -17.94 -27.19 33.28
N ALA E 92 -18.59 -26.41 32.42
CA ALA E 92 -18.19 -25.01 32.23
C ALA E 92 -18.38 -24.21 33.50
N ASN E 93 -19.44 -24.52 34.24
CA ASN E 93 -19.73 -23.88 35.52
C ASN E 93 -18.65 -24.18 36.53
N PHE E 94 -18.23 -25.44 36.58
CA PHE E 94 -17.21 -25.90 37.52
C PHE E 94 -15.85 -25.32 37.20
N LEU E 95 -15.52 -25.30 35.91
CA LEU E 95 -14.22 -24.85 35.41
C LEU E 95 -14.16 -23.31 35.17
N ASP E 96 -15.32 -22.65 35.23
CA ASP E 96 -15.43 -21.20 35.05
C ASP E 96 -14.91 -20.71 33.70
N CYS E 97 -15.28 -21.40 32.62
CA CYS E 97 -14.82 -21.00 31.29
C CYS E 97 -15.97 -20.74 30.32
N VAL F 11 -28.72 7.92 30.62
CA VAL F 11 -27.43 8.47 30.11
C VAL F 11 -27.19 8.10 28.65
N LEU F 12 -26.97 6.82 28.37
CA LEU F 12 -26.67 6.35 27.00
C LEU F 12 -27.81 6.63 26.03
N ARG F 13 -27.63 7.67 25.22
CA ARG F 13 -28.63 8.08 24.23
C ARG F 13 -27.93 8.50 22.94
N SER F 14 -28.65 8.56 21.83
CA SER F 14 -28.08 9.06 20.59
C SER F 14 -27.92 10.57 20.68
N VAL F 15 -26.81 11.09 20.16
CA VAL F 15 -26.60 12.53 20.10
C VAL F 15 -27.42 13.09 18.94
N ASN F 16 -28.17 14.17 19.17
CA ASN F 16 -28.99 14.75 18.11
C ASN F 16 -28.16 15.65 17.19
N SER F 17 -27.25 15.03 16.43
CA SER F 17 -26.28 15.77 15.60
C SER F 17 -26.89 16.37 14.33
N ARG F 18 -27.88 15.68 13.76
CA ARG F 18 -28.49 16.07 12.47
C ARG F 18 -27.46 16.04 11.33
N GLU F 19 -26.45 15.20 11.49
CA GLU F 19 -25.33 15.12 10.55
C GLU F 19 -25.32 13.74 9.88
N PRO F 20 -25.88 13.64 8.65
CA PRO F 20 -26.04 12.34 7.98
C PRO F 20 -24.77 11.51 7.90
N SER F 21 -24.92 10.20 8.08
CA SER F 21 -23.82 9.26 7.98
C SER F 21 -24.35 7.93 7.46
N GLN F 22 -23.90 7.53 6.29
CA GLN F 22 -24.32 6.28 5.68
C GLN F 22 -23.51 5.12 6.21
N VAL F 23 -24.16 3.98 6.39
CA VAL F 23 -23.56 2.81 7.02
C VAL F 23 -23.96 1.56 6.27
N ILE F 24 -23.07 0.57 6.24
CA ILE F 24 -23.39 -0.76 5.78
C ILE F 24 -23.48 -1.68 6.99
N PHE F 25 -24.67 -2.15 7.30
CA PHE F 25 -24.87 -3.18 8.30
C PHE F 25 -24.56 -4.49 7.59
N CAS F 26 -23.49 -5.15 7.97
CA CAS F 26 -23.07 -6.36 7.29
CB CAS F 26 -21.66 -6.12 6.77
C CAS F 26 -23.10 -7.48 8.28
O CAS F 26 -22.28 -7.52 9.18
SG CAS F 26 -21.04 -7.59 6.04
AS CAS F 26 -22.16 -7.76 4.13
CE1 CAS F 26 -22.94 -9.58 4.04
CE2 CAS F 26 -20.88 -7.63 2.64
N ASN F 27 -24.05 -8.40 8.11
CA ASN F 27 -24.21 -9.51 9.06
C ASN F 27 -23.31 -10.69 8.72
N ARG F 28 -22.13 -10.73 9.34
CA ARG F 28 -21.21 -11.86 9.18
C ARG F 28 -21.36 -12.89 10.32
N SER F 29 -22.60 -13.14 10.72
CA SER F 29 -22.90 -14.10 11.76
C SER F 29 -23.88 -15.12 11.23
N PRO F 30 -24.03 -16.25 11.94
CA PRO F 30 -25.03 -17.23 11.53
C PRO F 30 -26.44 -16.92 12.07
N ARG F 31 -26.58 -15.82 12.81
CA ARG F 31 -27.84 -15.47 13.45
C ARG F 31 -28.65 -14.45 12.62
N VAL F 32 -29.97 -14.49 12.79
CA VAL F 32 -30.84 -13.41 12.36
C VAL F 32 -30.54 -12.23 13.28
N VAL F 33 -30.08 -11.13 12.70
CA VAL F 33 -29.67 -9.96 13.48
C VAL F 33 -30.79 -8.93 13.65
N LEU F 34 -30.95 -8.44 14.89
CA LEU F 34 -31.83 -7.31 15.21
C LEU F 34 -30.96 -6.09 15.49
N PRO F 35 -30.99 -5.08 14.60
CA PRO F 35 -30.35 -3.83 14.94
C PRO F 35 -31.21 -3.08 15.95
N VAL F 36 -30.57 -2.47 16.94
CA VAL F 36 -31.28 -1.70 17.97
C VAL F 36 -30.65 -0.31 18.07
N TRP F 37 -31.43 0.73 17.81
CA TRP F 37 -30.98 2.12 17.91
C TRP F 37 -31.45 2.69 19.24
N LEU F 38 -30.56 3.30 20.00
CA LEU F 38 -30.95 3.99 21.22
C LEU F 38 -31.39 5.40 20.87
N ASN F 39 -32.67 5.71 21.06
CA ASN F 39 -33.19 6.97 20.59
C ASN F 39 -32.78 8.12 21.53
N PHE F 40 -33.35 9.30 21.33
CA PHE F 40 -32.91 10.51 22.04
C PHE F 40 -33.23 10.51 23.54
N ASP F 41 -34.23 9.72 23.94
CA ASP F 41 -34.51 9.46 25.36
C ASP F 41 -33.80 8.21 25.87
N GLY F 42 -33.01 7.56 25.02
CA GLY F 42 -32.30 6.35 25.43
C GLY F 42 -33.17 5.10 25.46
N GLU F 43 -34.33 5.15 24.81
CA GLU F 43 -35.14 3.94 24.64
C GLU F 43 -34.61 3.13 23.46
N PRO F 44 -34.47 1.81 23.62
CA PRO F 44 -34.05 0.98 22.49
C PRO F 44 -35.15 0.90 21.45
N GLN F 45 -34.83 1.20 20.19
CA GLN F 45 -35.79 1.04 19.09
C GLN F 45 -35.31 -0.06 18.15
N PRO F 46 -36.10 -1.13 18.01
CA PRO F 46 -35.74 -2.19 17.08
C PRO F 46 -35.96 -1.79 15.63
N TYR F 47 -35.00 -2.12 14.78
CA TYR F 47 -35.09 -1.91 13.33
C TYR F 47 -35.26 -3.25 12.59
N PRO F 48 -35.55 -3.22 11.26
CA PRO F 48 -35.79 -4.47 10.52
C PRO F 48 -34.64 -5.47 10.64
N THR F 49 -34.94 -6.77 10.62
CA THR F 49 -33.90 -7.78 10.81
C THR F 49 -33.05 -8.01 9.57
N LEU F 50 -31.87 -8.60 9.79
CA LEU F 50 -31.00 -9.06 8.72
C LEU F 50 -30.78 -10.57 8.82
N PRO F 51 -31.12 -11.32 7.75
CA PRO F 51 -30.76 -12.73 7.74
C PRO F 51 -29.26 -12.91 7.75
N PRO F 52 -28.78 -14.12 8.07
CA PRO F 52 -27.37 -14.45 8.06
C PRO F 52 -26.68 -14.09 6.76
N GLY F 53 -25.50 -13.51 6.86
CA GLY F 53 -24.65 -13.29 5.68
C GLY F 53 -25.21 -12.30 4.68
N THR F 54 -26.07 -11.39 5.12
CA THR F 54 -26.62 -10.34 4.26
C THR F 54 -26.19 -8.97 4.75
N GLY F 55 -26.35 -7.99 3.86
CA GLY F 55 -26.06 -6.60 4.19
C GLY F 55 -27.08 -5.60 3.65
N ARG F 56 -27.18 -4.46 4.32
CA ARG F 56 -28.03 -3.36 3.88
C ARG F 56 -27.31 -2.05 4.08
N ARG F 57 -27.47 -1.15 3.11
CA ARG F 57 -26.96 0.22 3.19
C ARG F 57 -28.05 1.04 3.83
N ILE F 58 -27.72 1.67 4.96
CA ILE F 58 -28.70 2.42 5.74
C ILE F 58 -28.26 3.84 6.06
N HIS F 59 -29.24 4.73 6.23
CA HIS F 59 -29.02 6.14 6.58
C HIS F 59 -29.13 6.35 8.08
N SER F 60 -28.04 6.77 8.69
CA SER F 60 -28.03 7.09 10.11
C SER F 60 -27.36 8.46 10.27
N TYR F 61 -26.90 8.76 11.47
CA TYR F 61 -26.32 10.08 11.76
C TYR F 61 -25.13 9.94 12.69
N ARG F 62 -24.22 10.89 12.59
CA ARG F 62 -23.05 10.90 13.46
C ARG F 62 -23.49 11.01 14.92
N GLY F 63 -22.87 10.22 15.78
CA GLY F 63 -23.17 10.24 17.23
C GLY F 63 -24.37 9.41 17.66
N HIS F 64 -25.03 8.73 16.72
CA HIS F 64 -26.14 7.83 17.05
C HIS F 64 -25.59 6.49 17.53
N LEU F 65 -26.30 5.85 18.48
CA LEU F 65 -25.83 4.62 19.11
C LEU F 65 -26.62 3.39 18.64
N TRP F 66 -25.89 2.35 18.27
CA TRP F 66 -26.50 1.12 17.79
C TRP F 66 -25.92 -0.06 18.54
N LEU F 67 -26.75 -1.07 18.76
CA LEU F 67 -26.24 -2.38 19.15
C LEU F 67 -26.98 -3.43 18.36
N PHE F 68 -26.51 -4.67 18.44
CA PHE F 68 -27.00 -5.74 17.59
C PHE F 68 -27.20 -7.03 18.38
N ARG F 69 -28.35 -7.66 18.18
CA ARG F 69 -28.70 -8.88 18.90
C ARG F 69 -29.21 -9.96 17.97
N ASP F 70 -29.20 -11.19 18.47
CA ASP F 70 -29.94 -12.27 17.85
C ASP F 70 -31.41 -11.92 17.99
N ALA F 71 -32.13 -11.92 16.88
CA ALA F 71 -33.52 -11.46 16.88
C ALA F 71 -34.47 -12.43 17.56
N GLY F 72 -34.10 -13.71 17.64
CA GLY F 72 -34.91 -14.72 18.32
C GLY F 72 -34.63 -14.79 19.81
N THR F 73 -33.35 -14.77 20.18
CA THR F 73 -32.95 -15.03 21.54
C THR F 73 -32.46 -13.81 22.29
N HIS F 74 -32.15 -12.73 21.56
CA HIS F 74 -31.53 -11.55 22.15
C HIS F 74 -30.10 -11.77 22.67
N ASP F 75 -29.46 -12.89 22.33
CA ASP F 75 -28.03 -13.04 22.62
C ASP F 75 -27.31 -11.80 22.08
N GLY F 76 -26.28 -11.35 22.79
CA GLY F 76 -25.50 -10.20 22.34
C GLY F 76 -24.63 -10.55 21.15
N LEU F 77 -24.44 -9.57 20.28
CA LEU F 77 -23.54 -9.68 19.15
C LEU F 77 -22.53 -8.52 19.14
N LEU F 78 -21.46 -8.68 18.38
CA LEU F 78 -20.44 -7.66 18.27
C LEU F 78 -20.59 -6.94 16.95
N VAL F 79 -20.18 -5.67 16.95
CA VAL F 79 -20.15 -4.84 15.76
C VAL F 79 -18.79 -4.16 15.78
N ASN F 80 -18.01 -4.38 14.74
CA ASN F 80 -16.60 -3.98 14.70
C ASN F 80 -15.85 -4.29 16.00
N GLN F 81 -16.04 -5.52 16.46
CA GLN F 81 -15.34 -6.06 17.63
C GLN F 81 -15.81 -5.53 18.97
N THR F 82 -16.78 -4.62 19.00
CA THR F 82 -17.26 -4.07 20.27
C THR F 82 -18.78 -4.21 20.35
N GLU F 83 -19.34 -3.73 21.46
CA GLU F 83 -20.77 -3.85 21.72
C GLU F 83 -21.57 -2.73 21.07
N LEU F 84 -21.05 -1.52 21.15
CA LEU F 84 -21.75 -0.34 20.63
C LEU F 84 -21.15 0.11 19.32
N PHE F 85 -22.01 0.54 18.40
CA PHE F 85 -21.56 1.14 17.16
C PHE F 85 -22.05 2.57 17.04
N VAL F 86 -21.13 3.48 16.76
CA VAL F 86 -21.43 4.89 16.56
C VAL F 86 -20.98 5.30 15.17
N PRO F 87 -21.93 5.56 14.25
CA PRO F 87 -21.48 6.02 12.94
C PRO F 87 -20.59 7.25 13.04
N SER F 88 -19.50 7.24 12.27
CA SER F 88 -18.57 8.36 12.22
C SER F 88 -18.62 9.07 10.86
N LEU F 89 -17.68 9.99 10.65
CA LEU F 89 -17.60 10.78 9.45
C LEU F 89 -17.33 9.93 8.19
N ASN F 90 -18.14 10.15 7.16
CA ASN F 90 -17.96 9.50 5.86
C ASN F 90 -16.91 10.19 5.02
N VAL F 91 -15.74 9.57 4.90
CA VAL F 91 -14.63 10.17 4.17
C VAL F 91 -14.74 9.87 2.67
N ASP F 92 -14.63 10.91 1.85
CA ASP F 92 -14.84 10.84 0.39
C ASP F 92 -16.22 10.26 -0.04
N GLY F 93 -17.21 10.32 0.86
CA GLY F 93 -18.52 9.74 0.61
C GLY F 93 -18.61 8.22 0.78
N GLN F 94 -17.57 7.61 1.33
CA GLN F 94 -17.56 6.15 1.53
C GLN F 94 -18.40 5.80 2.77
N PRO F 95 -19.28 4.79 2.66
CA PRO F 95 -20.08 4.39 3.82
C PRO F 95 -19.23 3.76 4.91
N ILE F 96 -19.65 3.91 6.16
CA ILE F 96 -18.93 3.29 7.26
C ILE F 96 -19.35 1.82 7.26
N PHE F 97 -18.40 0.93 7.49
CA PHE F 97 -18.72 -0.50 7.52
C PHE F 97 -18.93 -0.97 8.94
N ALA F 98 -20.15 -1.44 9.24
CA ALA F 98 -20.45 -2.05 10.55
C ALA F 98 -20.48 -3.57 10.42
N ASN F 99 -19.39 -4.22 10.82
CA ASN F 99 -19.26 -5.67 10.75
C ASN F 99 -19.84 -6.41 11.93
N ILE F 100 -20.95 -7.09 11.70
CA ILE F 100 -21.67 -7.77 12.77
C ILE F 100 -21.26 -9.23 12.82
N THR F 101 -20.81 -9.65 14.01
CA THR F 101 -20.26 -10.99 14.18
C THR F 101 -20.67 -11.56 15.52
N LEU F 102 -20.53 -12.88 15.65
CA LEU F 102 -20.67 -13.52 16.94
C LEU F 102 -19.51 -13.07 17.81
N PRO F 103 -19.77 -12.83 19.11
CA PRO F 103 -18.65 -12.81 20.02
C PRO F 103 -18.11 -14.22 20.19
N VAL F 104 -16.91 -14.34 20.76
CA VAL F 104 -16.50 -15.59 21.34
C VAL F 104 -17.20 -15.69 22.70
N TYR F 105 -18.34 -16.35 22.73
CA TYR F 105 -19.04 -16.55 24.00
C TYR F 105 -18.21 -17.42 24.91
N THR F 106 -18.42 -17.28 26.23
CA THR F 106 -17.86 -18.24 27.18
C THR F 106 -18.55 -19.56 26.91
N LEU F 107 -17.87 -20.65 27.23
CA LEU F 107 -18.46 -21.97 27.07
C LEU F 107 -19.72 -22.09 27.90
N LYS F 108 -19.71 -21.52 29.11
CA LYS F 108 -20.92 -21.52 29.94
C LYS F 108 -22.07 -20.86 29.22
N GLU F 109 -21.84 -19.63 28.76
CA GLU F 109 -22.92 -18.88 28.12
C GLU F 109 -23.42 -19.58 26.86
N ARG F 110 -22.49 -20.22 26.14
CA ARG F 110 -22.85 -20.96 24.94
C ARG F 110 -23.69 -22.21 25.28
N CYS F 111 -23.34 -22.92 26.35
CA CYS F 111 -24.16 -24.02 26.83
C CYS F 111 -25.55 -23.55 27.24
N LEU F 112 -25.64 -22.38 27.87
CA LEU F 112 -26.94 -21.86 28.29
C LEU F 112 -27.82 -21.56 27.08
N GLN F 113 -27.21 -21.05 26.01
CA GLN F 113 -27.95 -20.79 24.76
C GLN F 113 -28.59 -22.04 24.20
N VAL F 114 -27.82 -23.13 24.15
CA VAL F 114 -28.31 -24.38 23.59
C VAL F 114 -29.40 -25.00 24.47
N VAL F 115 -29.22 -24.96 25.79
CA VAL F 115 -30.24 -25.48 26.71
C VAL F 115 -31.52 -24.64 26.63
N ARG F 116 -31.38 -23.32 26.58
CA ARG F 116 -32.55 -22.45 26.43
C ARG F 116 -33.33 -22.76 25.14
N SER F 117 -32.60 -23.02 24.06
CA SER F 117 -33.22 -23.35 22.78
C SER F 117 -33.98 -24.69 22.80
N LEU F 118 -33.57 -25.60 23.67
CA LEU F 118 -34.18 -26.94 23.76
C LEU F 118 -35.27 -27.08 24.82
N VAL F 119 -35.03 -26.49 25.99
CA VAL F 119 -35.96 -26.62 27.11
C VAL F 119 -36.82 -25.37 27.21
N LYS F 120 -38.13 -25.55 27.26
CA LYS F 120 -39.05 -24.43 27.42
C LYS F 120 -38.85 -23.80 28.80
N PRO F 121 -38.99 -22.47 28.91
CA PRO F 121 -38.77 -21.81 30.20
C PRO F 121 -39.54 -22.40 31.39
N GLU F 122 -40.75 -22.92 31.15
CA GLU F 122 -41.55 -23.52 32.21
C GLU F 122 -40.89 -24.75 32.82
N ASN F 123 -40.04 -25.42 32.04
CA ASN F 123 -39.43 -26.69 32.46
C ASN F 123 -37.97 -26.56 32.95
N TYR F 124 -37.42 -25.35 32.98
CA TYR F 124 -36.02 -25.19 33.44
C TYR F 124 -35.84 -25.87 34.78
N ARG F 125 -36.80 -25.65 35.67
CA ARG F 125 -36.72 -26.15 37.04
C ARG F 125 -36.70 -27.68 37.15
N ARG F 126 -37.18 -28.38 36.12
CA ARG F 126 -37.15 -29.85 36.12
C ARG F 126 -35.75 -30.41 35.86
N LEU F 127 -34.85 -29.61 35.31
CA LEU F 127 -33.50 -30.07 34.99
C LEU F 127 -32.71 -30.37 36.26
N ASP F 128 -32.04 -31.52 36.29
CA ASP F 128 -31.25 -31.92 37.45
C ASP F 128 -29.90 -31.20 37.43
N ILE F 129 -29.90 -29.97 37.94
CA ILE F 129 -28.71 -29.13 37.99
C ILE F 129 -28.82 -28.18 39.18
N VAL F 130 -27.68 -27.63 39.62
CA VAL F 130 -27.66 -26.76 40.80
C VAL F 130 -28.50 -25.49 40.64
N ARG F 131 -29.03 -25.01 41.76
CA ARG F 131 -29.97 -23.89 41.79
C ARG F 131 -29.47 -22.63 41.07
N SER F 132 -28.18 -22.33 41.18
CA SER F 132 -27.62 -21.15 40.51
C SER F 132 -27.69 -21.25 38.99
N LEU F 133 -27.67 -22.48 38.47
CA LEU F 133 -27.86 -22.68 37.02
C LEU F 133 -29.30 -22.45 36.53
N TYR F 134 -30.29 -22.59 37.43
CA TYR F 134 -31.65 -22.17 37.10
C TYR F 134 -31.67 -20.67 36.92
N GLU F 135 -31.06 -19.93 37.85
CA GLU F 135 -31.04 -18.46 37.75
C GLU F 135 -30.32 -17.97 36.49
N ASP F 136 -29.25 -18.68 36.13
CA ASP F 136 -28.49 -18.34 34.93
C ASP F 136 -29.32 -18.59 33.67
N LEU F 137 -30.05 -19.71 33.64
CA LEU F 137 -30.93 -19.98 32.51
C LEU F 137 -32.03 -18.91 32.42
N GLU F 138 -32.68 -18.63 33.54
CA GLU F 138 -33.77 -17.66 33.60
C GLU F 138 -33.31 -16.23 33.37
N ASP F 139 -32.05 -15.92 33.65
CA ASP F 139 -31.55 -14.57 33.41
C ASP F 139 -31.15 -14.45 31.94
N HIS F 140 -32.18 -14.38 31.09
CA HIS F 140 -32.02 -14.30 29.64
C HIS F 140 -31.23 -13.06 29.27
N PRO F 141 -30.42 -13.16 28.21
CA PRO F 141 -29.82 -11.94 27.71
C PRO F 141 -30.91 -10.90 27.48
N ASN F 142 -30.71 -9.69 27.96
CA ASN F 142 -31.71 -8.64 27.82
C ASN F 142 -31.02 -7.30 27.58
N VAL F 143 -31.62 -6.51 26.70
CA VAL F 143 -31.02 -5.25 26.28
C VAL F 143 -30.98 -4.26 27.44
N GLN F 144 -32.06 -4.17 28.20
CA GLN F 144 -32.13 -3.25 29.34
C GLN F 144 -31.02 -3.50 30.35
N LYS F 145 -30.77 -4.76 30.68
CA LYS F 145 -29.70 -5.12 31.62
C LYS F 145 -28.33 -4.68 31.07
N ASP F 146 -28.06 -5.02 29.83
CA ASP F 146 -26.79 -4.63 29.19
C ASP F 146 -26.63 -3.12 29.10
N LEU F 147 -27.75 -2.39 28.99
CA LEU F 147 -27.70 -0.93 29.00
C LEU F 147 -27.33 -0.40 30.39
N GLU F 148 -27.92 -0.98 31.42
CA GLU F 148 -27.55 -0.66 32.81
C GLU F 148 -26.09 -1.02 33.13
N ARG F 149 -25.56 -2.06 32.48
CA ARG F 149 -24.15 -2.43 32.65
C ARG F 149 -23.23 -1.44 31.95
N LEU F 150 -23.53 -1.16 30.68
CA LEU F 150 -22.70 -0.25 29.87
C LEU F 150 -22.65 1.16 30.46
N THR F 151 -23.72 1.58 31.13
CA THR F 151 -23.75 2.86 31.83
C THR F 151 -22.95 2.78 33.14
N GLN F 152 -23.27 1.80 33.99
CA GLN F 152 -22.59 1.62 35.28
C GLN F 152 -21.06 1.44 35.17
N GLU F 153 -20.59 1.06 33.98
CA GLU F 153 -19.15 1.02 33.69
C GLU F 153 -18.86 1.70 32.35
N ARG F 154 -19.40 2.90 32.16
CA ARG F 154 -19.23 3.65 30.91
C ARG F 154 -17.91 4.39 30.91
N MET G 1 -12.04 -0.46 -32.05
CA MET G 1 -13.48 -0.75 -31.78
C MET G 1 -13.62 -1.79 -30.66
N ASP G 2 -14.11 -1.34 -29.51
CA ASP G 2 -14.25 -2.21 -28.36
C ASP G 2 -15.40 -3.20 -28.55
N VAL G 3 -15.21 -4.41 -28.03
CA VAL G 3 -16.29 -5.37 -27.90
C VAL G 3 -16.35 -5.80 -26.44
N PHE G 4 -17.53 -6.19 -25.98
CA PHE G 4 -17.75 -6.46 -24.57
C PHE G 4 -18.27 -7.88 -24.40
N LEU G 5 -17.57 -8.63 -23.54
CA LEU G 5 -17.67 -10.08 -23.53
C LEU G 5 -17.91 -10.65 -22.14
N MET G 6 -18.73 -11.70 -22.09
CA MET G 6 -18.74 -12.63 -20.98
C MET G 6 -18.05 -13.89 -21.45
N ILE G 7 -16.97 -14.25 -20.76
CA ILE G 7 -16.28 -15.52 -20.99
C ILE G 7 -16.74 -16.49 -19.93
N ARG G 8 -17.34 -17.59 -20.35
CA ARG G 8 -18.12 -18.40 -19.43
C ARG G 8 -17.78 -19.89 -19.44
N ARG G 9 -17.60 -20.44 -18.24
CA ARG G 9 -17.40 -21.87 -18.05
C ARG G 9 -18.09 -22.32 -16.77
N HIS G 10 -18.90 -23.38 -16.88
CA HIS G 10 -19.59 -23.98 -15.72
C HIS G 10 -20.34 -22.88 -14.95
N LYS G 11 -19.93 -22.55 -13.73
CA LYS G 11 -20.54 -21.45 -12.98
C LYS G 11 -19.61 -20.23 -12.83
N THR G 12 -18.68 -20.09 -13.79
CA THR G 12 -17.74 -18.98 -13.84
C THR G 12 -18.06 -18.11 -15.05
N THR G 13 -18.26 -16.82 -14.80
CA THR G 13 -18.49 -15.87 -15.89
C THR G 13 -17.49 -14.73 -15.71
N ILE G 14 -16.59 -14.55 -16.68
CA ILE G 14 -15.71 -13.40 -16.65
C ILE G 14 -16.30 -12.30 -17.52
N PHE G 15 -16.40 -11.09 -16.98
CA PHE G 15 -16.74 -9.89 -17.77
C PHE G 15 -15.45 -9.18 -18.13
N THR G 16 -15.21 -8.99 -19.42
CA THR G 16 -14.10 -8.16 -19.88
C THR G 16 -14.37 -7.67 -21.30
N ASP G 17 -13.46 -6.85 -21.79
CA ASP G 17 -13.55 -6.30 -23.14
C ASP G 17 -12.23 -6.42 -23.87
N ALA G 18 -12.30 -6.21 -25.18
CA ALA G 18 -11.13 -6.24 -26.05
C ALA G 18 -11.42 -5.46 -27.33
N LYS G 19 -10.44 -5.38 -28.22
CA LYS G 19 -10.61 -4.73 -29.52
C LYS G 19 -11.12 -5.75 -30.55
N GLU G 20 -11.90 -5.27 -31.51
CA GLU G 20 -12.28 -6.09 -32.68
C GLU G 20 -11.04 -6.68 -33.39
N SER G 21 -9.97 -5.91 -33.45
CA SER G 21 -8.74 -6.36 -34.12
C SER G 21 -7.96 -7.41 -33.35
N SER G 22 -8.18 -7.52 -32.04
CA SER G 22 -7.43 -8.45 -31.19
C SER G 22 -7.81 -9.92 -31.44
N THR G 23 -6.86 -10.81 -31.18
CA THR G 23 -7.01 -12.23 -31.50
C THR G 23 -7.53 -13.08 -30.36
N VAL G 24 -7.91 -14.30 -30.70
CA VAL G 24 -8.39 -15.28 -29.75
C VAL G 24 -7.29 -15.62 -28.74
N PHE G 25 -6.06 -15.75 -29.20
CA PHE G 25 -4.92 -16.05 -28.34
C PHE G 25 -4.73 -14.96 -27.28
N GLU G 26 -4.82 -13.69 -27.69
CA GLU G 26 -4.68 -12.56 -26.76
C GLU G 26 -5.76 -12.57 -25.69
N LEU G 27 -6.93 -13.07 -26.05
CA LEU G 27 -8.04 -13.24 -25.12
C LEU G 27 -7.77 -14.41 -24.16
N LYS G 28 -7.10 -15.46 -24.64
CA LYS G 28 -6.64 -16.56 -23.77
C LYS G 28 -5.62 -16.09 -22.72
N ARG G 29 -4.79 -15.11 -23.08
CA ARG G 29 -3.85 -14.51 -22.12
C ARG G 29 -4.57 -13.83 -20.95
N ILE G 30 -5.67 -13.15 -21.26
CA ILE G 30 -6.45 -12.47 -20.23
C ILE G 30 -7.08 -13.48 -19.26
N VAL G 31 -7.59 -14.58 -19.81
CA VAL G 31 -8.15 -15.67 -19.01
C VAL G 31 -7.09 -16.26 -18.07
N GLU G 32 -5.88 -16.41 -18.59
CA GLU G 32 -4.74 -16.92 -17.84
C GLU G 32 -4.37 -16.00 -16.67
N GLY G 33 -4.40 -14.70 -16.91
CA GLY G 33 -4.17 -13.70 -15.86
C GLY G 33 -5.15 -13.82 -14.71
N ILE G 34 -6.36 -14.29 -15.03
CA ILE G 34 -7.44 -14.44 -14.06
C ILE G 34 -7.51 -15.84 -13.43
N LEU G 35 -7.70 -16.86 -14.27
CA LEU G 35 -7.96 -18.23 -13.80
C LEU G 35 -6.72 -19.12 -13.72
N LYS G 36 -5.56 -18.60 -14.13
CA LYS G 36 -4.26 -19.24 -13.91
C LYS G 36 -4.07 -20.58 -14.67
N ARG G 37 -4.56 -20.60 -15.91
CA ARG G 37 -4.39 -21.74 -16.80
C ARG G 37 -3.92 -21.20 -18.16
N PRO G 38 -2.83 -21.76 -18.71
CA PRO G 38 -2.25 -21.17 -19.93
C PRO G 38 -3.09 -21.40 -21.21
N PRO G 39 -2.78 -20.67 -22.30
CA PRO G 39 -3.52 -20.77 -23.58
C PRO G 39 -3.77 -22.18 -24.08
N ASP G 40 -2.73 -23.01 -24.04
CA ASP G 40 -2.80 -24.38 -24.56
C ASP G 40 -3.70 -25.34 -23.74
N GLU G 41 -4.15 -24.90 -22.56
CA GLU G 41 -5.11 -25.66 -21.76
C GLU G 41 -6.53 -25.09 -21.84
N GLN G 42 -6.75 -24.12 -22.74
CA GLN G 42 -8.03 -23.45 -22.91
C GLN G 42 -8.60 -23.67 -24.29
N ARG G 43 -9.88 -24.01 -24.38
CA ARG G 43 -10.60 -23.93 -25.65
C ARG G 43 -11.70 -22.87 -25.56
N LEU G 44 -11.69 -21.92 -26.50
CA LEU G 44 -12.70 -20.87 -26.56
C LEU G 44 -13.66 -21.08 -27.72
N TYR G 45 -14.93 -20.75 -27.48
CA TYR G 45 -16.03 -21.08 -28.39
C TYR G 45 -16.92 -19.86 -28.67
N LYS G 46 -17.41 -19.77 -29.91
CA LYS G 46 -18.56 -18.94 -30.24
C LYS G 46 -19.71 -19.90 -30.49
N ASP G 47 -20.66 -19.96 -29.56
CA ASP G 47 -21.62 -21.06 -29.51
C ASP G 47 -20.83 -22.37 -29.56
N ASP G 48 -21.11 -23.25 -30.53
CA ASP G 48 -20.39 -24.52 -30.64
C ASP G 48 -19.10 -24.46 -31.48
N GLN G 49 -18.81 -23.31 -32.10
CA GLN G 49 -17.65 -23.23 -32.99
C GLN G 49 -16.36 -22.95 -32.22
N LEU G 50 -15.40 -23.85 -32.36
CA LEU G 50 -14.07 -23.69 -31.79
C LEU G 50 -13.32 -22.55 -32.49
N LEU G 51 -12.78 -21.64 -31.70
CA LEU G 51 -12.13 -20.46 -32.23
C LEU G 51 -10.64 -20.68 -32.42
N ASP G 52 -10.13 -20.32 -33.58
CA ASP G 52 -8.70 -20.45 -33.89
C ASP G 52 -7.90 -19.31 -33.23
N ASP G 53 -6.79 -19.67 -32.60
CA ASP G 53 -5.90 -18.70 -31.95
C ASP G 53 -5.52 -17.50 -32.83
N GLY G 54 -5.26 -17.76 -34.11
CA GLY G 54 -4.76 -16.72 -35.01
C GLY G 54 -5.79 -15.81 -35.64
N LYS G 55 -7.06 -15.97 -35.25
CA LYS G 55 -8.16 -15.17 -35.83
C LYS G 55 -8.53 -14.00 -34.93
N THR G 56 -9.00 -12.91 -35.54
CA THR G 56 -9.46 -11.73 -34.77
C THR G 56 -10.88 -11.94 -34.26
N LEU G 57 -11.24 -11.22 -33.20
CA LEU G 57 -12.58 -11.29 -32.65
C LEU G 57 -13.60 -10.79 -33.68
N GLY G 58 -13.23 -9.80 -34.50
CA GLY G 58 -14.09 -9.28 -35.57
C GLY G 58 -14.43 -10.30 -36.65
N GLU G 59 -13.43 -11.05 -37.08
CA GLU G 59 -13.62 -12.15 -38.05
C GLU G 59 -14.61 -13.18 -37.53
N CAS G 60 -14.47 -13.52 -36.24
CA CAS G 60 -15.34 -14.51 -35.63
CB CAS G 60 -14.65 -15.04 -34.37
C CAS G 60 -16.70 -13.96 -35.31
O CAS G 60 -17.50 -14.62 -34.69
SG CAS G 60 -13.12 -15.81 -34.79
AS CAS G 60 -13.88 -17.43 -36.12
CE1 CAS G 60 -13.23 -17.07 -37.96
CE2 CAS G 60 -13.21 -19.24 -35.64
N GLY G 61 -16.97 -12.72 -35.73
CA GLY G 61 -18.31 -12.16 -35.66
C GLY G 61 -18.67 -11.44 -34.37
N PHE G 62 -17.67 -11.14 -33.55
CA PHE G 62 -17.89 -10.33 -32.36
C PHE G 62 -17.67 -8.87 -32.76
N THR G 63 -18.75 -8.10 -32.83
CA THR G 63 -18.68 -6.71 -33.28
C THR G 63 -19.27 -5.74 -32.27
N SER G 64 -18.84 -4.48 -32.38
CA SER G 64 -19.27 -3.40 -31.48
C SER G 64 -20.77 -3.39 -31.20
N GLN G 65 -21.57 -3.64 -32.23
CA GLN G 65 -23.02 -3.48 -32.14
C GLN G 65 -23.75 -4.74 -31.67
N THR G 66 -23.06 -5.87 -31.56
CA THR G 66 -23.65 -7.07 -30.98
C THR G 66 -23.06 -7.41 -29.63
N ALA G 67 -21.78 -7.15 -29.46
CA ALA G 67 -21.10 -7.38 -28.19
C ALA G 67 -21.06 -6.06 -27.41
N ARG G 68 -22.23 -5.65 -26.92
CA ARG G 68 -22.40 -4.33 -26.30
C ARG G 68 -22.11 -4.37 -24.78
N PRO G 69 -21.67 -3.24 -24.20
CA PRO G 69 -21.41 -3.15 -22.75
C PRO G 69 -22.59 -3.61 -21.88
N GLN G 70 -23.80 -3.21 -22.25
CA GLN G 70 -25.01 -3.53 -21.50
C GLN G 70 -25.66 -4.85 -21.92
N ALA G 71 -25.06 -5.52 -22.90
CA ALA G 71 -25.52 -6.82 -23.41
C ALA G 71 -24.33 -7.53 -24.05
N PRO G 72 -23.33 -7.92 -23.24
CA PRO G 72 -22.11 -8.46 -23.80
C PRO G 72 -22.34 -9.80 -24.48
N ALA G 73 -21.45 -10.15 -25.40
CA ALA G 73 -21.55 -11.42 -26.13
C ALA G 73 -20.85 -12.54 -25.37
N THR G 74 -21.34 -13.76 -25.50
CA THR G 74 -20.83 -14.90 -24.75
C THR G 74 -19.75 -15.66 -25.54
N VAL G 75 -18.58 -15.77 -24.93
CA VAL G 75 -17.54 -16.65 -25.43
C VAL G 75 -17.42 -17.84 -24.48
N GLY G 76 -17.61 -19.05 -25.00
CA GLY G 76 -17.52 -20.29 -24.19
C GLY G 76 -16.09 -20.69 -23.86
N LEU G 77 -15.91 -21.40 -22.74
CA LEU G 77 -14.60 -21.81 -22.25
C LEU G 77 -14.60 -23.25 -21.72
N ALA G 78 -13.61 -24.04 -22.17
CA ALA G 78 -13.37 -25.38 -21.65
C ALA G 78 -11.88 -25.54 -21.32
N PHE G 79 -11.59 -26.21 -20.22
CA PHE G 79 -10.21 -26.47 -19.79
C PHE G 79 -9.75 -27.88 -20.15
N ARG G 80 -8.46 -28.02 -20.39
CA ARG G 80 -7.84 -29.34 -20.47
C ARG G 80 -7.39 -29.69 -19.07
N ALA G 81 -7.95 -30.76 -18.53
CA ALA G 81 -7.50 -31.35 -17.28
C ALA G 81 -6.70 -32.58 -17.66
N ASP G 82 -5.50 -32.70 -17.09
CA ASP G 82 -4.65 -33.85 -17.36
C ASP G 82 -4.48 -34.05 -18.90
N ASP G 83 -4.82 -35.23 -19.42
CA ASP G 83 -4.45 -35.59 -20.80
C ASP G 83 -5.41 -35.09 -21.91
N THR G 84 -6.67 -34.79 -21.57
CA THR G 84 -7.67 -34.40 -22.60
C THR G 84 -8.61 -33.28 -22.15
N PHE G 85 -9.15 -32.56 -23.12
CA PHE G 85 -10.07 -31.43 -22.88
C PHE G 85 -11.46 -31.87 -22.40
N GLU G 86 -12.03 -31.10 -21.48
CA GLU G 86 -13.41 -31.31 -21.04
C GLU G 86 -14.36 -30.78 -22.10
N ALA G 87 -15.62 -31.16 -22.00
CA ALA G 87 -16.66 -30.67 -22.90
C ALA G 87 -17.14 -29.30 -22.44
N LEU G 88 -17.46 -28.44 -23.40
CA LEU G 88 -18.03 -27.13 -23.12
C LEU G 88 -19.32 -27.27 -22.30
N CAS G 89 -19.30 -26.78 -21.06
CA CAS G 89 -20.48 -26.76 -20.19
CB CAS G 89 -20.39 -27.78 -19.04
C CAS G 89 -20.65 -25.37 -19.62
O CAS G 89 -19.77 -24.86 -18.93
SG CAS G 89 -21.51 -27.44 -17.69
AS CAS G 89 -23.29 -28.49 -18.55
CE1 CAS G 89 -24.00 -27.65 -20.22
CE2 CAS G 89 -24.71 -28.51 -17.15
N ILE G 90 -21.77 -24.74 -19.92
CA ILE G 90 -22.11 -23.45 -19.31
C ILE G 90 -23.40 -23.60 -18.47
N GLU G 91 -23.30 -23.37 -17.17
CA GLU G 91 -24.49 -23.44 -16.32
C GLU G 91 -25.30 -22.17 -16.54
N PRO G 92 -26.62 -22.34 -16.79
CA PRO G 92 -27.43 -21.15 -16.99
C PRO G 92 -27.67 -20.44 -15.66
N PHE G 93 -27.92 -19.14 -15.72
CA PHE G 93 -28.29 -18.37 -14.55
C PHE G 93 -29.67 -18.83 -14.08
N SER G 94 -30.04 -18.46 -12.86
CA SER G 94 -31.31 -18.90 -12.28
C SER G 94 -32.52 -18.37 -13.05
N SER G 95 -33.63 -19.09 -12.94
CA SER G 95 -34.90 -18.67 -13.52
C SER G 95 -35.55 -17.57 -12.67
N PRO G 96 -35.92 -16.45 -13.31
CA PRO G 96 -36.76 -15.49 -12.58
C PRO G 96 -38.09 -16.14 -12.20
N PRO G 97 -38.73 -15.65 -11.12
CA PRO G 97 -40.04 -16.16 -10.79
C PRO G 97 -41.09 -15.64 -11.76
N GLU G 98 -42.32 -16.13 -11.64
CA GLU G 98 -43.43 -15.57 -12.41
C GLU G 98 -43.63 -14.12 -11.98
N LEU G 99 -43.93 -13.25 -12.94
CA LEU G 99 -44.26 -11.87 -12.63
C LEU G 99 -45.40 -11.85 -11.64
N PRO G 100 -45.23 -11.14 -10.51
CA PRO G 100 -46.37 -10.98 -9.61
C PRO G 100 -47.58 -10.42 -10.37
N ASP G 101 -48.79 -10.84 -9.96
CA ASP G 101 -50.02 -10.53 -10.71
C ASP G 101 -50.19 -9.07 -11.13
N VAL G 102 -49.69 -8.14 -10.31
CA VAL G 102 -49.75 -6.69 -10.62
C VAL G 102 -48.87 -6.28 -11.82
N MET G 103 -47.80 -7.02 -12.08
CA MET G 103 -46.85 -6.70 -13.15
C MET G 103 -47.22 -7.40 -14.45
N MET H 2 -6.79 -6.33 -9.49
CA MET H 2 -7.31 -5.88 -10.82
C MET H 2 -8.65 -6.52 -11.18
N TYR H 3 -8.84 -7.79 -10.83
CA TYR H 3 -10.15 -8.44 -10.93
C TYR H 3 -10.63 -8.85 -9.55
N VAL H 4 -11.93 -8.75 -9.33
CA VAL H 4 -12.56 -9.21 -8.09
C VAL H 4 -13.69 -10.17 -8.45
N LYS H 5 -14.12 -10.95 -7.47
CA LYS H 5 -15.10 -12.01 -7.69
C LYS H 5 -16.37 -11.73 -6.92
N LEU H 6 -17.49 -11.70 -7.64
CA LEU H 6 -18.80 -11.47 -7.05
C LEU H 6 -19.62 -12.76 -7.19
N ILE H 7 -20.04 -13.33 -6.06
CA ILE H 7 -20.71 -14.64 -6.07
C ILE H 7 -22.19 -14.54 -5.72
N SER H 8 -23.05 -15.08 -6.58
CA SER H 8 -24.49 -15.01 -6.39
C SER H 8 -24.99 -16.04 -5.37
N SER H 9 -26.25 -15.93 -4.99
CA SER H 9 -26.85 -16.83 -3.99
C SER H 9 -26.86 -18.29 -4.48
N ASP H 10 -27.04 -18.48 -5.79
CA ASP H 10 -27.03 -19.82 -6.39
C ASP H 10 -25.62 -20.26 -6.85
N GLY H 11 -24.58 -19.60 -6.33
CA GLY H 11 -23.20 -20.01 -6.54
C GLY H 11 -22.48 -19.60 -7.82
N HIS H 12 -23.12 -18.77 -8.65
CA HIS H 12 -22.45 -18.25 -9.85
C HIS H 12 -21.36 -17.25 -9.48
N GLU H 13 -20.15 -17.45 -10.00
CA GLU H 13 -19.01 -16.61 -9.68
C GLU H 13 -18.75 -15.64 -10.82
N PHE H 14 -19.04 -14.37 -10.61
CA PHE H 14 -18.82 -13.32 -11.61
C PHE H 14 -17.49 -12.59 -11.34
N ILE H 15 -16.60 -12.61 -12.32
CA ILE H 15 -15.29 -11.99 -12.20
C ILE H 15 -15.26 -10.74 -13.07
N VAL H 16 -15.02 -9.59 -12.44
CA VAL H 16 -15.09 -8.28 -13.12
C VAL H 16 -13.87 -7.43 -12.76
N LYS H 17 -13.57 -6.43 -13.59
CA LYS H 17 -12.46 -5.52 -13.29
C LYS H 17 -12.76 -4.80 -11.98
N ARG H 18 -11.71 -4.64 -11.16
CA ARG H 18 -11.82 -3.94 -9.89
C ARG H 18 -12.33 -2.52 -10.11
N GLU H 19 -11.77 -1.81 -11.08
CA GLU H 19 -12.17 -0.43 -11.38
C GLU H 19 -13.67 -0.34 -11.65
N HIS H 20 -14.19 -1.34 -12.36
CA HIS H 20 -15.60 -1.36 -12.71
C HIS H 20 -16.47 -1.65 -11.49
N ALA H 21 -15.96 -2.47 -10.58
CA ALA H 21 -16.68 -2.79 -9.36
C ALA H 21 -16.73 -1.62 -8.40
N LEU H 22 -15.67 -0.80 -8.37
CA LEU H 22 -15.63 0.37 -7.49
C LEU H 22 -16.64 1.47 -7.89
N THR H 23 -17.37 1.24 -8.97
CA THR H 23 -18.56 2.01 -9.31
C THR H 23 -19.57 2.00 -8.17
N SER H 24 -19.77 0.82 -7.58
CA SER H 24 -20.61 0.67 -6.38
C SER H 24 -19.84 1.11 -5.16
N GLY H 25 -20.35 2.13 -4.47
CA GLY H 25 -19.78 2.57 -3.20
C GLY H 25 -19.78 1.46 -2.16
N THR H 26 -20.83 0.64 -2.17
CA THR H 26 -20.95 -0.46 -1.23
C THR H 26 -19.90 -1.54 -1.47
N ILE H 27 -19.64 -1.89 -2.74
CA ILE H 27 -18.60 -2.88 -3.07
C ILE H 27 -17.22 -2.34 -2.74
N LYS H 28 -16.97 -1.07 -3.07
CA LYS H 28 -15.73 -0.42 -2.71
C LYS H 28 -15.43 -0.53 -1.22
N ALA H 29 -16.47 -0.33 -0.40
CA ALA H 29 -16.35 -0.47 1.05
C ALA H 29 -16.13 -1.93 1.48
N MET H 30 -16.89 -2.86 0.89
CA MET H 30 -16.73 -4.30 1.18
C MET H 30 -15.30 -4.76 0.95
N LEU H 31 -14.68 -4.27 -0.11
CA LEU H 31 -13.31 -4.62 -0.45
C LEU H 31 -12.28 -3.94 0.42
N SER H 32 -12.66 -2.82 1.05
CA SER H 32 -11.77 -2.12 1.99
C SER H 32 -12.17 -2.34 3.45
N GLY H 33 -12.19 -3.60 3.87
CA GLY H 33 -12.46 -3.96 5.27
C GLY H 33 -13.91 -3.83 5.65
N THR H 42 -10.14 -8.73 1.26
CA THR H 42 -10.84 -9.81 0.59
C THR H 42 -11.16 -9.43 -0.85
N ASN H 43 -10.72 -10.24 -1.82
CA ASN H 43 -11.02 -10.00 -3.24
C ASN H 43 -12.30 -10.69 -3.72
N GLU H 44 -12.92 -11.51 -2.86
CA GLU H 44 -14.19 -12.14 -3.16
C GLU H 44 -15.31 -11.53 -2.31
N VAL H 45 -16.53 -11.53 -2.83
CA VAL H 45 -17.70 -11.03 -2.10
C VAL H 45 -18.91 -11.93 -2.35
N ASN H 46 -19.51 -12.42 -1.27
CA ASN H 46 -20.70 -13.27 -1.35
C ASN H 46 -21.95 -12.44 -1.19
N PHE H 47 -22.89 -12.61 -2.13
CA PHE H 47 -24.21 -11.99 -2.03
C PHE H 47 -25.24 -13.11 -1.86
N ARG H 48 -25.44 -13.53 -0.61
CA ARG H 48 -26.36 -14.63 -0.28
C ARG H 48 -27.83 -14.38 -0.66
N GLU H 49 -28.22 -13.14 -0.91
CA GLU H 49 -29.59 -12.82 -1.34
C GLU H 49 -29.76 -12.58 -2.84
N ILE H 50 -28.68 -12.26 -3.54
CA ILE H 50 -28.81 -11.83 -4.93
C ILE H 50 -28.53 -13.00 -5.87
N PRO H 51 -29.59 -13.49 -6.57
CA PRO H 51 -29.42 -14.62 -7.48
C PRO H 51 -28.70 -14.22 -8.77
N SER H 52 -28.19 -15.21 -9.50
CA SER H 52 -27.34 -14.96 -10.67
C SER H 52 -28.04 -14.17 -11.77
N HIS H 53 -29.35 -14.35 -11.94
CA HIS H 53 -30.08 -13.59 -12.95
C HIS H 53 -30.25 -12.12 -12.59
N VAL H 54 -29.95 -11.78 -11.34
CA VAL H 54 -29.91 -10.38 -10.91
C VAL H 54 -28.48 -9.86 -10.90
N LEU H 55 -27.56 -10.65 -10.35
CA LEU H 55 -26.18 -10.20 -10.17
C LEU H 55 -25.47 -10.04 -11.51
N SER H 56 -25.82 -10.88 -12.49
CA SER H 56 -25.23 -10.79 -13.83
C SER H 56 -25.51 -9.44 -14.46
N LYS H 57 -26.72 -8.93 -14.26
CA LYS H 57 -27.11 -7.62 -14.78
C LYS H 57 -26.40 -6.50 -14.05
N VAL H 58 -26.13 -6.68 -12.77
CA VAL H 58 -25.36 -5.70 -12.02
C VAL H 58 -23.97 -5.52 -12.65
N CYS H 59 -23.33 -6.61 -13.03
CA CYS H 59 -22.02 -6.52 -13.67
C CYS H 59 -22.11 -5.85 -15.05
N MET H 60 -23.20 -6.12 -15.76
CA MET H 60 -23.42 -5.49 -17.06
C MET H 60 -23.55 -3.98 -16.85
N TYR H 61 -24.34 -3.58 -15.85
CA TYR H 61 -24.46 -2.17 -15.55
C TYR H 61 -23.11 -1.49 -15.26
N PHE H 62 -22.22 -2.17 -14.54
CA PHE H 62 -20.87 -1.63 -14.29
C PHE H 62 -20.17 -1.29 -15.60
N THR H 63 -20.25 -2.22 -16.55
CA THR H 63 -19.58 -2.07 -17.84
C THR H 63 -20.16 -0.88 -18.58
N TYR H 64 -21.49 -0.82 -18.61
CA TYR H 64 -22.24 0.27 -19.22
C TYR H 64 -21.83 1.61 -18.62
N LYS H 65 -21.81 1.70 -17.29
CA LYS H 65 -21.52 2.96 -16.62
C LYS H 65 -20.13 3.51 -16.93
N VAL H 66 -19.13 2.64 -16.92
CA VAL H 66 -17.75 3.05 -17.16
C VAL H 66 -17.58 3.47 -18.61
N ARG H 67 -18.22 2.74 -19.51
CA ARG H 67 -18.14 3.07 -20.93
C ARG H 67 -18.75 4.45 -21.22
N TYR H 68 -19.91 4.74 -20.65
CA TYR H 68 -20.71 5.87 -21.11
C TYR H 68 -20.67 7.13 -20.23
N THR H 69 -20.12 7.03 -19.01
CA THR H 69 -19.99 8.20 -18.14
C THR H 69 -19.00 9.21 -18.72
N ASN H 70 -19.51 10.37 -19.12
CA ASN H 70 -18.71 11.41 -19.79
C ASN H 70 -18.17 10.91 -21.14
N SER H 71 -19.05 10.88 -22.13
CA SER H 71 -18.69 10.38 -23.47
C SER H 71 -19.48 11.12 -24.57
N SER H 72 -18.78 11.45 -25.66
CA SER H 72 -19.40 12.12 -26.80
C SER H 72 -20.46 11.23 -27.46
N THR H 73 -20.19 9.92 -27.48
CA THR H 73 -21.09 8.93 -28.09
C THR H 73 -22.51 8.99 -27.49
N GLU H 74 -23.51 8.92 -28.36
CA GLU H 74 -24.92 8.81 -27.97
C GLU H 74 -25.14 7.58 -27.06
N ILE H 75 -25.89 7.78 -25.99
CA ILE H 75 -26.01 6.78 -24.93
C ILE H 75 -27.27 5.96 -25.11
N PRO H 76 -27.13 4.63 -25.26
CA PRO H 76 -28.30 3.79 -25.44
C PRO H 76 -28.93 3.45 -24.09
N GLU H 77 -30.15 2.91 -24.14
CA GLU H 77 -30.87 2.56 -22.93
C GLU H 77 -30.21 1.35 -22.30
N PHE H 78 -30.22 1.30 -20.96
CA PHE H 78 -29.82 0.10 -20.22
C PHE H 78 -31.06 -0.77 -20.03
N PRO H 79 -31.08 -1.97 -20.65
CA PRO H 79 -32.30 -2.76 -20.65
C PRO H 79 -32.41 -3.65 -19.41
N ILE H 80 -33.65 -3.85 -18.98
CA ILE H 80 -33.95 -4.64 -17.79
C ILE H 80 -35.26 -5.36 -18.08
N ALA H 81 -35.20 -6.68 -18.11
CA ALA H 81 -36.39 -7.48 -18.37
C ALA H 81 -37.37 -7.38 -17.20
N PRO H 82 -38.68 -7.28 -17.49
CA PRO H 82 -39.70 -7.15 -16.45
C PRO H 82 -39.59 -8.17 -15.30
N GLU H 83 -39.17 -9.39 -15.62
CA GLU H 83 -39.15 -10.48 -14.64
C GLU H 83 -38.08 -10.26 -13.57
N ILE H 84 -37.03 -9.49 -13.90
CA ILE H 84 -35.93 -9.27 -12.98
C ILE H 84 -35.93 -7.88 -12.37
N ALA H 85 -36.84 -7.02 -12.85
CA ALA H 85 -36.85 -5.61 -12.43
C ALA H 85 -37.08 -5.48 -10.93
N LEU H 86 -38.03 -6.25 -10.40
CA LEU H 86 -38.33 -6.16 -8.99
C LEU H 86 -37.11 -6.53 -8.17
N GLU H 87 -36.45 -7.63 -8.54
CA GLU H 87 -35.29 -8.13 -7.82
C GLU H 87 -34.04 -7.27 -8.01
N LEU H 88 -33.85 -6.74 -9.22
CA LEU H 88 -32.71 -5.87 -9.50
C LEU H 88 -32.82 -4.52 -8.76
N LEU H 89 -34.05 -4.05 -8.56
CA LEU H 89 -34.27 -2.86 -7.75
C LEU H 89 -33.71 -3.03 -6.35
N MET H 90 -33.98 -4.18 -5.74
CA MET H 90 -33.47 -4.48 -4.38
C MET H 90 -31.95 -4.52 -4.35
N ALA H 91 -31.34 -5.17 -5.33
CA ALA H 91 -29.89 -5.32 -5.35
C ALA H 91 -29.18 -3.97 -5.52
N ALA H 92 -29.75 -3.10 -6.36
CA ALA H 92 -29.17 -1.78 -6.62
C ALA H 92 -29.23 -0.91 -5.36
N ASN H 93 -30.33 -0.99 -4.63
CA ASN H 93 -30.49 -0.23 -3.39
C ASN H 93 -29.32 -0.47 -2.45
N PHE H 94 -29.07 -1.74 -2.13
CA PHE H 94 -27.99 -2.13 -1.22
C PHE H 94 -26.59 -1.78 -1.76
N LEU H 95 -26.39 -1.89 -3.07
CA LEU H 95 -25.05 -1.71 -3.64
C LEU H 95 -24.62 -0.24 -3.85
N ASP H 96 -25.54 0.71 -3.76
CA ASP H 96 -25.26 2.12 -4.10
C ASP H 96 -24.70 2.25 -5.52
N CYS H 97 -25.32 1.51 -6.47
CA CYS H 97 -24.93 1.56 -7.88
C CYS H 97 -25.97 2.30 -8.74
N VAL I 11 -37.13 32.42 -8.62
CA VAL I 11 -35.69 32.55 -9.01
C VAL I 11 -35.45 32.08 -10.44
N LEU I 12 -35.59 30.78 -10.71
CA LEU I 12 -35.39 30.22 -12.06
C LEU I 12 -36.55 30.56 -13.00
N ARG I 13 -36.33 31.54 -13.87
CA ARG I 13 -37.27 31.86 -14.94
C ARG I 13 -36.54 32.39 -16.17
N SER I 14 -37.29 32.60 -17.25
CA SER I 14 -36.70 33.11 -18.49
C SER I 14 -36.53 34.62 -18.39
N VAL I 15 -35.46 35.10 -19.01
CA VAL I 15 -35.21 36.54 -19.12
C VAL I 15 -36.06 37.05 -20.30
N ASN I 16 -36.82 38.11 -20.10
CA ASN I 16 -37.64 38.68 -21.18
C ASN I 16 -36.80 39.65 -22.02
N SER I 17 -35.88 39.07 -22.79
CA SER I 17 -34.90 39.84 -23.55
C SER I 17 -35.45 40.33 -24.87
N ARG I 18 -36.48 39.68 -25.39
CA ARG I 18 -37.05 39.97 -26.70
C ARG I 18 -36.04 39.81 -27.84
N GLU I 19 -35.03 38.98 -27.63
CA GLU I 19 -33.95 38.79 -28.59
C GLU I 19 -34.05 37.41 -29.18
N PRO I 20 -34.52 37.31 -30.44
CA PRO I 20 -34.66 35.99 -31.06
C PRO I 20 -33.38 35.18 -31.06
N SER I 21 -33.53 33.87 -30.89
CA SER I 21 -32.43 32.94 -30.96
C SER I 21 -32.96 31.66 -31.57
N GLN I 22 -32.37 31.26 -32.69
CA GLN I 22 -32.76 30.03 -33.36
C GLN I 22 -31.96 28.85 -32.81
N VAL I 23 -32.68 27.79 -32.48
CA VAL I 23 -32.13 26.60 -31.84
C VAL I 23 -32.53 25.36 -32.62
N ILE I 24 -31.66 24.35 -32.64
CA ILE I 24 -32.03 23.02 -33.10
C ILE I 24 -32.23 22.09 -31.89
N PHE I 25 -33.46 21.61 -31.70
CA PHE I 25 -33.74 20.59 -30.68
C PHE I 25 -33.48 19.25 -31.32
N CAS I 26 -32.41 18.57 -30.91
CA CAS I 26 -31.96 17.34 -31.56
CB CAS I 26 -30.52 17.52 -32.01
C CAS I 26 -32.07 16.25 -30.57
O CAS I 26 -31.30 16.21 -29.61
SG CAS I 26 -29.83 16.01 -32.63
AS CAS I 26 -31.02 15.77 -34.50
CE1 CAS I 26 -31.62 13.88 -34.56
CE2 CAS I 26 -29.89 16.21 -36.07
N ASN I 27 -33.00 15.32 -30.80
CA ASN I 27 -33.24 14.24 -29.83
C ASN I 27 -32.35 13.02 -30.10
N ARG I 28 -31.20 12.97 -29.42
CA ARG I 28 -30.29 11.82 -29.49
C ARG I 28 -30.52 10.87 -28.32
N SER I 29 -31.77 10.49 -28.09
CA SER I 29 -32.14 9.58 -27.01
C SER I 29 -33.14 8.60 -27.56
N PRO I 30 -33.39 7.50 -26.83
CA PRO I 30 -34.45 6.60 -27.27
C PRO I 30 -35.84 6.97 -26.70
N ARG I 31 -35.94 8.13 -26.02
CA ARG I 31 -37.19 8.58 -25.41
C ARG I 31 -37.95 9.57 -26.29
N VAL I 32 -39.28 9.55 -26.20
CA VAL I 32 -40.09 10.63 -26.73
C VAL I 32 -39.82 11.82 -25.82
N VAL I 33 -39.27 12.90 -26.35
CA VAL I 33 -38.86 14.02 -25.53
C VAL I 33 -39.95 15.10 -25.42
N LEU I 34 -40.09 15.62 -24.21
CA LEU I 34 -40.97 16.75 -23.93
C LEU I 34 -40.06 17.92 -23.57
N PRO I 35 -39.96 18.91 -24.47
CA PRO I 35 -39.30 20.15 -24.10
C PRO I 35 -40.16 20.96 -23.15
N VAL I 36 -39.53 21.71 -22.24
CA VAL I 36 -40.24 22.46 -21.21
C VAL I 36 -39.64 23.85 -21.07
N TRP I 37 -40.42 24.87 -21.37
CA TRP I 37 -39.97 26.26 -21.25
C TRP I 37 -40.39 26.82 -19.90
N LEU I 38 -39.43 27.39 -19.16
CA LEU I 38 -39.77 28.12 -17.94
C LEU I 38 -40.18 29.52 -18.37
N ASN I 39 -41.44 29.85 -18.14
CA ASN I 39 -41.99 31.13 -18.58
C ASN I 39 -41.60 32.24 -17.61
N PHE I 40 -42.06 33.46 -17.87
CA PHE I 40 -41.52 34.63 -17.19
C PHE I 40 -41.88 34.70 -15.70
N ASP I 41 -42.90 33.96 -15.28
CA ASP I 41 -43.24 33.80 -13.86
C ASP I 41 -42.59 32.56 -13.23
N GLY I 42 -41.71 31.89 -13.97
CA GLY I 42 -41.01 30.69 -13.48
C GLY I 42 -41.79 29.40 -13.65
N GLU I 43 -42.93 29.48 -14.33
CA GLU I 43 -43.84 28.34 -14.46
C GLU I 43 -43.45 27.49 -15.67
N PRO I 44 -43.29 26.17 -15.48
CA PRO I 44 -42.87 25.30 -16.58
C PRO I 44 -43.97 25.15 -17.61
N GLN I 45 -43.63 25.31 -18.89
CA GLN I 45 -44.62 25.23 -19.98
C GLN I 45 -44.22 24.15 -20.97
N PRO I 46 -45.04 23.09 -21.10
CA PRO I 46 -44.75 22.01 -22.05
C PRO I 46 -44.89 22.43 -23.53
N TYR I 47 -43.94 22.00 -24.35
CA TYR I 47 -43.96 22.26 -25.79
C TYR I 47 -44.14 20.92 -26.52
N PRO I 48 -44.37 20.95 -27.85
CA PRO I 48 -44.64 19.69 -28.55
C PRO I 48 -43.53 18.64 -28.44
N THR I 49 -43.90 17.36 -28.49
CA THR I 49 -42.96 16.28 -28.25
C THR I 49 -42.11 15.97 -29.47
N LEU I 50 -40.92 15.44 -29.23
CA LEU I 50 -40.00 15.04 -30.30
C LEU I 50 -39.79 13.53 -30.24
N PRO I 51 -40.21 12.80 -31.27
CA PRO I 51 -39.89 11.37 -31.27
C PRO I 51 -38.39 11.11 -31.27
N PRO I 52 -37.97 9.92 -30.83
CA PRO I 52 -36.56 9.53 -30.77
C PRO I 52 -35.83 9.69 -32.10
N GLY I 53 -34.61 10.22 -32.07
CA GLY I 53 -33.81 10.39 -33.28
C GLY I 53 -34.28 11.47 -34.27
N THR I 54 -35.17 12.36 -33.84
CA THR I 54 -35.65 13.45 -34.70
C THR I 54 -35.13 14.81 -34.20
N GLY I 55 -35.10 15.77 -35.11
CA GLY I 55 -34.70 17.13 -34.77
C GLY I 55 -35.59 18.20 -35.38
N ARG I 56 -35.73 19.33 -34.68
CA ARG I 56 -36.47 20.48 -35.18
C ARG I 56 -35.75 21.80 -34.94
N ARG I 57 -35.86 22.68 -35.93
CA ARG I 57 -35.40 24.05 -35.84
C ARG I 57 -36.55 24.84 -35.27
N ILE I 58 -36.30 25.50 -34.14
CA ILE I 58 -37.35 26.20 -33.41
C ILE I 58 -36.91 27.62 -33.03
N HIS I 59 -37.89 28.51 -32.88
CA HIS I 59 -37.61 29.91 -32.55
C HIS I 59 -37.77 30.15 -31.05
N SER I 60 -36.67 30.53 -30.38
CA SER I 60 -36.72 30.90 -28.97
C SER I 60 -36.05 32.24 -28.80
N TYR I 61 -35.59 32.55 -27.59
CA TYR I 61 -35.00 33.86 -27.31
C TYR I 61 -33.84 33.73 -26.35
N ARG I 62 -32.90 34.67 -26.45
CA ARG I 62 -31.71 34.60 -25.64
C ARG I 62 -32.10 34.74 -24.18
N GLY I 63 -31.47 33.97 -23.31
CA GLY I 63 -31.79 34.00 -21.89
C GLY I 63 -33.06 33.27 -21.47
N HIS I 64 -33.74 32.61 -22.41
CA HIS I 64 -34.87 31.78 -22.06
C HIS I 64 -34.37 30.43 -21.49
N LEU I 65 -35.07 29.91 -20.49
CA LEU I 65 -34.65 28.67 -19.84
C LEU I 65 -35.47 27.48 -20.36
N TRP I 66 -34.77 26.40 -20.68
CA TRP I 66 -35.37 25.15 -21.16
C TRP I 66 -34.81 23.96 -20.40
N LEU I 67 -35.66 22.96 -20.16
CA LEU I 67 -35.18 21.63 -19.83
C LEU I 67 -35.98 20.56 -20.60
N PHE I 68 -35.56 19.30 -20.50
CA PHE I 68 -36.14 18.25 -21.32
C PHE I 68 -36.39 16.99 -20.51
N ARG I 69 -37.51 16.33 -20.79
CA ARG I 69 -37.98 15.16 -20.06
C ARG I 69 -38.51 14.09 -20.99
N ASP I 70 -38.63 12.87 -20.47
CA ASP I 70 -39.42 11.84 -21.12
C ASP I 70 -40.88 12.30 -21.09
N ALA I 71 -41.56 12.27 -22.23
CA ALA I 71 -42.93 12.78 -22.32
C ALA I 71 -43.92 11.91 -21.54
N GLY I 72 -43.67 10.61 -21.52
CA GLY I 72 -44.55 9.68 -20.83
C GLY I 72 -44.36 9.67 -19.33
N THR I 73 -43.09 9.60 -18.90
CA THR I 73 -42.75 9.33 -17.50
C THR I 73 -42.17 10.52 -16.73
N HIS I 74 -41.82 11.58 -17.44
CA HIS I 74 -41.11 12.75 -16.86
C HIS I 74 -39.71 12.47 -16.31
N ASP I 75 -39.14 11.32 -16.65
CA ASP I 75 -37.71 11.06 -16.37
C ASP I 75 -36.90 12.23 -16.91
N GLY I 76 -35.91 12.67 -16.15
CA GLY I 76 -35.06 13.77 -16.55
C GLY I 76 -34.10 13.37 -17.65
N LEU I 77 -33.86 14.30 -18.57
CA LEU I 77 -32.93 14.08 -19.67
C LEU I 77 -31.87 15.18 -19.64
N LEU I 78 -30.76 14.99 -20.32
CA LEU I 78 -29.70 16.00 -20.33
C LEU I 78 -29.80 16.73 -21.62
N VAL I 79 -29.31 17.97 -21.63
CA VAL I 79 -29.25 18.79 -22.83
C VAL I 79 -27.87 19.44 -22.85
N ASN I 80 -27.08 19.12 -23.87
CA ASN I 80 -25.67 19.48 -23.88
C ASN I 80 -24.93 19.10 -22.59
N GLN I 81 -25.20 17.90 -22.11
CA GLN I 81 -24.52 17.32 -20.94
C GLN I 81 -24.92 17.94 -19.59
N THR I 82 -25.91 18.83 -19.56
CA THR I 82 -26.36 19.44 -18.30
C THR I 82 -27.90 19.51 -18.24
N GLU I 83 -28.41 20.10 -17.17
CA GLU I 83 -29.84 20.13 -16.88
C GLU I 83 -30.59 21.17 -17.70
N LEU I 84 -30.10 22.40 -17.67
CA LEU I 84 -30.78 23.53 -18.28
C LEU I 84 -30.15 23.89 -19.61
N PHE I 85 -30.97 24.37 -20.55
CA PHE I 85 -30.43 24.92 -21.80
C PHE I 85 -30.92 26.35 -21.98
N VAL I 86 -29.97 27.27 -22.14
CA VAL I 86 -30.27 28.69 -22.37
C VAL I 86 -29.80 29.07 -23.79
N PRO I 87 -30.75 29.41 -24.67
CA PRO I 87 -30.33 29.85 -26.00
C PRO I 87 -29.41 31.06 -25.92
N SER I 88 -28.37 31.03 -26.74
CA SER I 88 -27.39 32.10 -26.79
C SER I 88 -27.51 32.83 -28.12
N LEU I 89 -26.61 33.79 -28.34
CA LEU I 89 -26.57 34.57 -29.54
C LEU I 89 -26.21 33.72 -30.76
N ASN I 90 -27.04 33.82 -31.82
CA ASN I 90 -26.71 33.21 -33.11
C ASN I 90 -25.59 33.97 -33.82
N VAL I 91 -24.49 33.29 -34.10
CA VAL I 91 -23.40 33.88 -34.85
C VAL I 91 -23.45 33.48 -36.32
N ASP I 92 -23.47 34.48 -37.20
CA ASP I 92 -23.49 34.28 -38.65
C ASP I 92 -24.57 33.28 -39.09
N GLY I 93 -25.78 33.47 -38.57
CA GLY I 93 -26.92 32.65 -38.96
C GLY I 93 -26.94 31.21 -38.46
N GLN I 94 -25.91 30.77 -37.72
CA GLN I 94 -25.88 29.41 -37.20
C GLN I 94 -26.84 29.25 -36.05
N PRO I 95 -27.72 28.25 -36.12
CA PRO I 95 -28.58 27.99 -34.98
C PRO I 95 -27.79 27.32 -33.87
N ILE I 96 -28.27 27.46 -32.63
CA ILE I 96 -27.62 26.86 -31.48
C ILE I 96 -28.11 25.43 -31.38
N PHE I 97 -27.23 24.51 -31.06
CA PHE I 97 -27.62 23.10 -30.96
C PHE I 97 -28.00 22.72 -29.53
N ALA I 98 -29.13 22.05 -29.39
CA ALA I 98 -29.56 21.54 -28.10
C ALA I 98 -29.62 20.02 -28.18
N ASN I 99 -28.47 19.39 -27.99
CA ASN I 99 -28.36 17.93 -28.03
C ASN I 99 -28.97 17.26 -26.80
N ILE I 100 -30.08 16.55 -27.00
CA ILE I 100 -30.80 15.91 -25.92
C ILE I 100 -30.41 14.44 -25.87
N THR I 101 -29.93 13.99 -24.71
CA THR I 101 -29.43 12.62 -24.52
C THR I 101 -29.97 12.00 -23.24
N LEU I 102 -29.85 10.68 -23.14
CA LEU I 102 -30.04 9.99 -21.88
C LEU I 102 -28.91 10.35 -20.95
N PRO I 103 -29.22 10.57 -19.65
CA PRO I 103 -28.16 10.56 -18.67
C PRO I 103 -27.71 9.12 -18.46
N VAL I 104 -26.58 8.96 -17.80
CA VAL I 104 -26.25 7.68 -17.24
C VAL I 104 -26.99 7.59 -15.92
N TYR I 105 -28.17 7.00 -15.93
CA TYR I 105 -28.93 6.81 -14.71
C TYR I 105 -28.20 5.88 -13.74
N THR I 106 -28.42 6.04 -12.45
CA THR I 106 -28.01 5.03 -11.50
C THR I 106 -28.89 3.82 -11.76
N LEU I 107 -28.33 2.63 -11.54
CA LEU I 107 -29.06 1.38 -11.67
C LEU I 107 -30.33 1.42 -10.83
N LYS I 108 -30.22 2.00 -9.64
CA LYS I 108 -31.39 2.14 -8.78
C LYS I 108 -32.48 2.93 -9.48
N GLU I 109 -32.11 4.06 -10.06
CA GLU I 109 -33.08 4.92 -10.72
C GLU I 109 -33.66 4.23 -11.96
N ARG I 110 -32.80 3.56 -12.71
CA ARG I 110 -33.28 2.83 -13.87
C ARG I 110 -34.26 1.73 -13.46
N CYS I 111 -33.92 0.98 -12.42
CA CYS I 111 -34.81 -0.07 -11.93
C CYS I 111 -36.16 0.49 -11.50
N LEU I 112 -36.14 1.62 -10.80
CA LEU I 112 -37.38 2.30 -10.42
C LEU I 112 -38.25 2.60 -11.62
N GLN I 113 -37.64 3.04 -12.72
CA GLN I 113 -38.38 3.39 -13.94
C GLN I 113 -39.14 2.22 -14.52
N VAL I 114 -38.50 1.05 -14.56
CA VAL I 114 -39.10 -0.13 -15.15
C VAL I 114 -40.27 -0.64 -14.29
N VAL I 115 -40.11 -0.58 -12.96
CA VAL I 115 -41.15 -1.03 -12.04
C VAL I 115 -42.36 -0.08 -12.12
N ARG I 116 -42.11 1.23 -12.19
CA ARG I 116 -43.18 2.20 -12.37
C ARG I 116 -43.98 1.94 -13.65
N SER I 117 -43.30 1.52 -14.71
CA SER I 117 -43.93 1.21 -15.99
C SER I 117 -44.74 -0.09 -15.99
N LEU I 118 -44.44 -1.01 -15.07
CA LEU I 118 -45.11 -2.31 -15.03
C LEU I 118 -46.27 -2.36 -14.03
N VAL I 119 -46.18 -1.58 -12.96
CA VAL I 119 -47.20 -1.55 -11.92
C VAL I 119 -47.98 -0.23 -11.96
N LYS I 120 -49.27 -0.29 -11.64
CA LYS I 120 -50.09 0.92 -11.49
C LYS I 120 -49.88 1.50 -10.09
N PRO I 121 -49.97 2.84 -9.94
CA PRO I 121 -49.83 3.47 -8.61
C PRO I 121 -50.85 3.00 -7.55
N GLU I 122 -51.95 2.40 -7.99
CA GLU I 122 -52.91 1.77 -7.07
C GLU I 122 -52.33 0.52 -6.41
N ASN I 123 -51.46 -0.21 -7.12
CA ASN I 123 -50.91 -1.50 -6.66
C ASN I 123 -49.46 -1.49 -6.18
N TYR I 124 -48.85 -0.31 -6.05
CA TYR I 124 -47.45 -0.21 -5.58
C TYR I 124 -47.21 -0.93 -4.24
N ARG I 125 -48.17 -0.82 -3.32
CA ARG I 125 -48.02 -1.37 -1.98
C ARG I 125 -48.09 -2.90 -1.92
N ARG I 126 -48.72 -3.52 -2.93
CA ARG I 126 -48.83 -4.98 -3.01
C ARG I 126 -47.52 -5.70 -3.43
N LEU I 127 -46.47 -4.94 -3.76
CA LEU I 127 -45.16 -5.49 -4.09
C LEU I 127 -44.43 -5.98 -2.85
N ASP I 128 -43.69 -7.07 -2.97
CA ASP I 128 -42.99 -7.65 -1.81
C ASP I 128 -41.56 -7.10 -1.68
N ILE I 129 -41.45 -5.87 -1.20
CA ILE I 129 -40.18 -5.16 -1.11
C ILE I 129 -40.14 -4.31 0.15
N VAL I 130 -38.94 -3.86 0.53
CA VAL I 130 -38.79 -3.01 1.72
C VAL I 130 -39.64 -1.75 1.56
N ARG I 131 -40.33 -1.37 2.64
CA ARG I 131 -41.33 -0.31 2.59
C ARG I 131 -40.82 1.02 2.06
N SER I 132 -39.53 1.30 2.27
CA SER I 132 -38.93 2.54 1.81
C SER I 132 -38.95 2.65 0.27
N LEU I 133 -38.74 1.53 -0.41
CA LEU I 133 -38.80 1.50 -1.87
C LEU I 133 -40.18 1.89 -2.38
N TYR I 134 -41.23 1.67 -1.58
CA TYR I 134 -42.55 2.22 -1.90
C TYR I 134 -42.48 3.75 -2.02
N GLU I 135 -41.77 4.39 -1.08
CA GLU I 135 -41.57 5.85 -1.10
C GLU I 135 -40.83 6.28 -2.36
N ASP I 136 -39.84 5.50 -2.75
CA ASP I 136 -39.10 5.77 -3.98
C ASP I 136 -40.02 5.64 -5.21
N LEU I 137 -40.87 4.62 -5.23
CA LEU I 137 -41.77 4.40 -6.38
C LEU I 137 -42.77 5.53 -6.57
N GLU I 138 -43.31 6.04 -5.47
CA GLU I 138 -44.29 7.14 -5.51
C GLU I 138 -43.65 8.49 -5.77
N ASP I 139 -42.38 8.65 -5.42
CA ASP I 139 -41.66 9.90 -5.61
C ASP I 139 -41.30 10.06 -7.11
N HIS I 140 -42.33 10.25 -7.94
CA HIS I 140 -42.16 10.29 -9.38
C HIS I 140 -41.25 11.43 -9.82
N PRO I 141 -40.46 11.19 -10.88
CA PRO I 141 -39.70 12.32 -11.40
C PRO I 141 -40.65 13.51 -11.65
N ASN I 142 -40.23 14.70 -11.24
CA ASN I 142 -41.12 15.84 -11.30
C ASN I 142 -40.34 17.12 -11.54
N VAL I 143 -40.84 17.95 -12.45
CA VAL I 143 -40.12 19.14 -12.87
C VAL I 143 -40.05 20.19 -11.75
N GLN I 144 -41.20 20.51 -11.15
CA GLN I 144 -41.23 21.45 -10.03
C GLN I 144 -40.30 20.98 -8.91
N LYS I 145 -40.29 19.69 -8.63
CA LYS I 145 -39.40 19.16 -7.60
C LYS I 145 -37.94 19.41 -8.00
N ASP I 146 -37.60 19.11 -9.25
CA ASP I 146 -36.23 19.32 -9.75
C ASP I 146 -35.84 20.80 -9.76
N LEU I 147 -36.81 21.68 -10.02
CA LEU I 147 -36.56 23.12 -10.00
C LEU I 147 -36.21 23.60 -8.60
N GLU I 148 -36.91 23.07 -7.61
CA GLU I 148 -36.62 23.33 -6.20
C GLU I 148 -35.18 22.90 -5.84
N ARG I 149 -34.78 21.70 -6.29
CA ARG I 149 -33.42 21.19 -6.03
C ARG I 149 -32.34 22.09 -6.62
N LEU I 150 -32.45 22.40 -7.91
CA LEU I 150 -31.47 23.23 -8.58
C LEU I 150 -31.21 24.51 -7.81
N THR I 151 -32.29 25.24 -7.53
CA THR I 151 -32.24 26.54 -6.84
C THR I 151 -31.48 26.49 -5.49
N GLN I 152 -31.75 25.47 -4.68
CA GLN I 152 -31.13 25.32 -3.36
C GLN I 152 -29.63 25.06 -3.42
N GLU I 153 -29.17 24.34 -4.45
CA GLU I 153 -27.75 24.03 -4.64
C GLU I 153 -27.02 25.17 -5.35
N MET J 1 30.63 20.11 -34.43
CA MET J 1 29.22 19.85 -34.05
C MET J 1 29.14 18.83 -32.91
N ASP J 2 28.48 19.21 -31.81
CA ASP J 2 28.39 18.35 -30.65
C ASP J 2 27.26 17.32 -30.76
N VAL J 3 27.57 16.09 -30.35
CA VAL J 3 26.56 15.05 -30.17
C VAL J 3 26.54 14.69 -28.69
N PHE J 4 25.35 14.36 -28.20
CA PHE J 4 25.14 14.10 -26.78
C PHE J 4 24.61 12.69 -26.60
N LEU J 5 25.23 11.97 -25.67
CA LEU J 5 25.17 10.52 -25.65
C LEU J 5 24.91 9.92 -24.27
N MET J 6 24.33 8.73 -24.28
CA MET J 6 24.30 7.88 -23.13
C MET J 6 25.08 6.63 -23.49
N ILE J 7 26.16 6.37 -22.78
CA ILE J 7 26.92 5.14 -22.96
C ILE J 7 26.43 4.18 -21.90
N ARG J 8 25.80 3.08 -22.34
CA ARG J 8 25.05 2.23 -21.43
C ARG J 8 25.52 0.78 -21.42
N ARG J 9 25.69 0.24 -20.22
CA ARG J 9 26.04 -1.15 -20.01
C ARG J 9 25.37 -1.62 -18.74
N HIS J 10 24.60 -2.69 -18.84
CA HIS J 10 23.95 -3.27 -17.68
C HIS J 10 23.14 -2.18 -16.95
N LYS J 11 23.56 -1.78 -15.76
CA LYS J 11 22.85 -0.73 -15.02
C LYS J 11 23.67 0.56 -14.90
N THR J 12 24.69 0.66 -15.74
CA THR J 12 25.55 1.84 -15.78
C THR J 12 25.13 2.68 -16.98
N THR J 13 25.01 3.99 -16.77
CA THR J 13 24.78 4.94 -17.87
C THR J 13 25.70 6.15 -17.76
N ILE J 14 26.57 6.33 -18.76
CA ILE J 14 27.46 7.46 -18.82
C ILE J 14 26.85 8.51 -19.73
N PHE J 15 26.69 9.73 -19.19
CA PHE J 15 26.25 10.88 -19.97
C PHE J 15 27.51 11.63 -20.40
N THR J 16 27.69 11.81 -21.69
CA THR J 16 28.79 12.61 -22.15
C THR J 16 28.51 13.10 -23.54
N ASP J 17 29.30 14.06 -23.98
CA ASP J 17 29.22 14.58 -25.33
C ASP J 17 30.55 14.42 -26.04
N ALA J 18 30.50 14.49 -27.36
CA ALA J 18 31.67 14.40 -28.21
C ALA J 18 31.40 15.13 -29.53
N LYS J 19 32.40 15.24 -30.39
CA LYS J 19 32.20 15.82 -31.70
C LYS J 19 31.70 14.78 -32.70
N GLU J 20 30.86 15.21 -33.62
CA GLU J 20 30.43 14.40 -34.74
C GLU J 20 31.63 13.83 -35.49
N SER J 21 32.68 14.65 -35.60
CA SER J 21 33.90 14.25 -36.29
C SER J 21 34.84 13.40 -35.45
N SER J 22 34.56 13.26 -34.16
CA SER J 22 35.38 12.44 -33.27
C SER J 22 35.07 10.97 -33.53
N THR J 23 35.96 10.09 -33.08
CA THR J 23 35.91 8.68 -33.41
C THR J 23 35.36 7.81 -32.29
N VAL J 24 35.03 6.57 -32.66
CA VAL J 24 34.61 5.55 -31.73
C VAL J 24 35.71 5.29 -30.69
N PHE J 25 36.96 5.20 -31.15
CA PHE J 25 38.08 4.97 -30.23
C PHE J 25 38.16 6.06 -29.16
N GLU J 26 38.00 7.31 -29.57
CA GLU J 26 38.08 8.44 -28.66
C GLU J 26 36.96 8.33 -27.60
N LEU J 27 35.81 7.85 -28.03
CA LEU J 27 34.70 7.56 -27.12
C LEU J 27 35.09 6.43 -26.13
N LYS J 28 35.88 5.46 -26.59
CA LYS J 28 36.40 4.44 -25.69
C LYS J 28 37.37 5.01 -24.65
N ARG J 29 38.18 5.99 -25.03
CA ARG J 29 39.05 6.67 -24.08
C ARG J 29 38.27 7.34 -22.95
N ILE J 30 37.12 7.91 -23.28
CA ILE J 30 36.24 8.48 -22.26
C ILE J 30 35.77 7.39 -21.29
N VAL J 31 35.36 6.25 -21.84
CA VAL J 31 34.90 5.13 -21.02
C VAL J 31 36.01 4.62 -20.11
N GLU J 32 37.24 4.59 -20.65
CA GLU J 32 38.42 4.17 -19.89
C GLU J 32 38.66 5.04 -18.67
N GLY J 33 38.60 6.36 -18.85
CA GLY J 33 38.85 7.29 -17.75
C GLY J 33 37.86 7.09 -16.62
N ILE J 34 36.66 6.66 -16.97
CA ILE J 34 35.58 6.52 -16.00
C ILE J 34 35.52 5.12 -15.41
N LEU J 35 35.42 4.10 -16.26
CA LEU J 35 35.17 2.73 -15.78
C LEU J 35 36.44 1.88 -15.68
N LYS J 36 37.58 2.48 -15.99
CA LYS J 36 38.90 1.90 -15.73
C LYS J 36 39.18 0.62 -16.53
N ARG J 37 38.82 0.65 -17.81
CA ARG J 37 39.03 -0.47 -18.71
C ARG J 37 39.49 0.08 -20.04
N PRO J 38 40.63 -0.43 -20.56
CA PRO J 38 41.17 0.12 -21.79
C PRO J 38 40.29 -0.18 -23.01
N PRO J 39 40.45 0.62 -24.08
CA PRO J 39 39.74 0.47 -25.34
C PRO J 39 39.61 -0.97 -25.85
N ASP J 40 40.73 -1.69 -25.92
CA ASP J 40 40.72 -3.06 -26.48
C ASP J 40 39.88 -4.07 -25.68
N GLU J 41 39.48 -3.71 -24.46
CA GLU J 41 38.59 -4.55 -23.65
C GLU J 41 37.13 -4.10 -23.73
N GLN J 42 36.85 -3.09 -24.57
CA GLN J 42 35.48 -2.58 -24.79
C GLN J 42 34.93 -2.94 -26.16
N ARG J 43 33.62 -3.16 -26.24
CA ARG J 43 32.91 -3.10 -27.51
C ARG J 43 31.81 -2.05 -27.40
N LEU J 44 31.73 -1.14 -28.37
CA LEU J 44 30.66 -0.14 -28.42
C LEU J 44 29.70 -0.46 -29.55
N TYR J 45 28.42 -0.15 -29.32
CA TYR J 45 27.35 -0.52 -30.24
C TYR J 45 26.37 0.62 -30.55
N LYS J 46 25.93 0.67 -31.80
CA LYS J 46 24.70 1.39 -32.15
C LYS J 46 23.62 0.35 -32.40
N ASP J 47 22.64 0.28 -31.50
CA ASP J 47 21.69 -0.82 -31.42
C ASP J 47 22.50 -2.12 -31.34
N ASP J 48 22.33 -3.04 -32.28
CA ASP J 48 23.06 -4.29 -32.24
C ASP J 48 24.32 -4.27 -33.10
N GLN J 49 24.61 -3.14 -33.72
CA GLN J 49 25.72 -3.05 -34.66
C GLN J 49 27.02 -2.62 -33.97
N LEU J 50 28.05 -3.44 -34.15
CA LEU J 50 29.36 -3.19 -33.56
C LEU J 50 30.03 -2.00 -34.24
N LEU J 51 30.57 -1.08 -33.46
CA LEU J 51 31.20 0.12 -34.04
C LEU J 51 32.70 -0.10 -34.22
N ASP J 52 33.24 0.28 -35.39
CA ASP J 52 34.68 0.19 -35.65
C ASP J 52 35.40 1.40 -35.06
N ASP J 53 36.55 1.17 -34.41
CA ASP J 53 37.33 2.23 -33.77
C ASP J 53 37.57 3.42 -34.70
N GLY J 54 37.94 3.16 -35.95
CA GLY J 54 38.34 4.21 -36.88
C GLY J 54 37.24 5.07 -37.47
N LYS J 55 35.98 4.75 -37.18
CA LYS J 55 34.87 5.48 -37.78
C LYS J 55 34.47 6.66 -36.91
N THR J 56 33.97 7.73 -37.56
CA THR J 56 33.49 8.88 -36.84
C THR J 56 32.08 8.63 -36.33
N LEU J 57 31.68 9.36 -35.31
CA LEU J 57 30.34 9.25 -34.77
C LEU J 57 29.30 9.64 -35.81
N GLY J 58 29.61 10.63 -36.64
CA GLY J 58 28.72 11.06 -37.72
C GLY J 58 28.49 9.97 -38.74
N GLU J 59 29.56 9.30 -39.14
CA GLU J 59 29.48 8.15 -40.05
C GLU J 59 28.64 7.03 -39.46
N CAS J 60 28.70 6.87 -38.14
CA CAS J 60 27.93 5.85 -37.44
CB CAS J 60 28.63 5.40 -36.15
C CAS J 60 26.53 6.33 -37.10
O CAS J 60 25.84 5.69 -36.33
SG CAS J 60 30.10 4.47 -36.48
AS CAS J 60 29.43 2.87 -37.92
CE1 CAS J 60 30.34 3.17 -39.65
CE2 CAS J 60 29.90 1.01 -37.35
N GLY J 61 26.12 7.46 -37.66
CA GLY J 61 24.74 7.90 -37.54
C GLY J 61 24.43 8.78 -36.36
N PHE J 62 25.41 9.11 -35.53
CA PHE J 62 25.18 10.01 -34.39
C PHE J 62 25.37 11.45 -34.87
N THR J 63 24.28 12.17 -35.02
CA THR J 63 24.31 13.54 -35.53
C THR J 63 23.76 14.54 -34.52
N SER J 64 24.06 15.82 -34.74
CA SER J 64 23.65 16.90 -33.86
C SER J 64 22.15 16.93 -33.62
N GLN J 65 21.38 16.67 -34.67
CA GLN J 65 19.94 16.82 -34.60
C GLN J 65 19.20 15.55 -34.15
N THR J 66 19.94 14.47 -33.86
CA THR J 66 19.35 13.25 -33.30
C THR J 66 19.85 12.97 -31.88
N ALA J 67 21.15 13.18 -31.66
CA ALA J 67 21.75 13.02 -30.34
C ALA J 67 21.73 14.35 -29.58
N ARG J 68 20.55 14.77 -29.16
CA ARG J 68 20.36 16.12 -28.61
C ARG J 68 20.67 16.15 -27.10
N PRO J 69 21.09 17.32 -26.57
CA PRO J 69 21.31 17.45 -25.12
C PRO J 69 20.16 16.91 -24.28
N GLN J 70 18.95 17.30 -24.62
CA GLN J 70 17.77 16.88 -23.86
C GLN J 70 17.15 15.55 -24.31
N ALA J 71 17.79 14.87 -25.26
CA ALA J 71 17.33 13.57 -25.78
C ALA J 71 18.53 12.86 -26.39
N PRO J 72 19.50 12.51 -25.54
CA PRO J 72 20.77 12.02 -26.04
C PRO J 72 20.63 10.64 -26.66
N ALA J 73 21.50 10.33 -27.62
CA ALA J 73 21.43 9.03 -28.31
C ALA J 73 22.17 8.00 -27.47
N THR J 74 21.75 6.75 -27.58
CA THR J 74 22.32 5.65 -26.78
C THR J 74 23.40 4.90 -27.53
N VAL J 75 24.52 4.69 -26.85
CA VAL J 75 25.61 3.86 -27.34
C VAL J 75 25.77 2.72 -26.38
N GLY J 76 25.67 1.48 -26.88
CA GLY J 76 25.77 0.31 -26.03
C GLY J 76 27.21 -0.07 -25.75
N LEU J 77 27.45 -0.71 -24.61
CA LEU J 77 28.81 -1.06 -24.16
C LEU J 77 28.85 -2.47 -23.60
N ALA J 78 29.88 -3.21 -23.98
CA ALA J 78 30.14 -4.57 -23.52
C ALA J 78 31.61 -4.68 -23.21
N PHE J 79 31.94 -5.32 -22.08
CA PHE J 79 33.33 -5.55 -21.68
C PHE J 79 33.80 -6.96 -21.98
N ARG J 80 35.11 -7.11 -22.01
CA ARG J 80 35.70 -8.43 -22.04
C ARG J 80 35.87 -8.91 -20.61
N ALA J 81 35.67 -10.21 -20.40
CA ALA J 81 35.83 -10.83 -19.08
C ALA J 81 36.53 -12.17 -19.24
N ASP J 82 37.77 -12.25 -18.79
CA ASP J 82 38.59 -13.47 -18.94
C ASP J 82 38.68 -13.96 -20.40
N ASP J 83 39.20 -13.09 -21.26
CA ASP J 83 39.57 -13.48 -22.63
C ASP J 83 38.43 -13.36 -23.64
N THR J 84 37.19 -13.49 -23.19
CA THR J 84 36.02 -13.55 -24.07
C THR J 84 35.00 -12.45 -23.70
N PHE J 85 34.43 -11.78 -24.70
CA PHE J 85 33.51 -10.66 -24.47
C PHE J 85 32.14 -11.13 -24.02
N GLU J 86 31.56 -10.45 -23.04
CA GLU J 86 30.18 -10.67 -22.64
C GLU J 86 29.24 -10.15 -23.74
N ALA J 87 27.99 -10.58 -23.67
CA ALA J 87 26.97 -10.11 -24.61
C ALA J 87 26.57 -8.67 -24.26
N LEU J 88 26.03 -7.95 -25.24
CA LEU J 88 25.51 -6.61 -25.02
C LEU J 88 24.23 -6.69 -24.20
N CAS J 89 24.24 -6.09 -23.01
CA CAS J 89 23.09 -6.09 -22.13
CB CAS J 89 23.34 -7.15 -21.05
C CAS J 89 22.91 -4.70 -21.58
O CAS J 89 23.84 -4.14 -20.98
SG CAS J 89 22.30 -6.97 -19.63
AS CAS J 89 20.37 -7.80 -20.38
CE1 CAS J 89 20.46 -8.57 -22.22
CE2 CAS J 89 19.83 -9.18 -19.03
N ILE J 90 21.73 -4.12 -21.80
CA ILE J 90 21.38 -2.80 -21.26
C ILE J 90 20.10 -2.96 -20.48
N GLU J 91 20.16 -2.75 -19.16
CA GLU J 91 18.96 -2.87 -18.34
C GLU J 91 18.06 -1.66 -18.61
N PRO J 92 16.77 -1.90 -18.86
CA PRO J 92 15.86 -0.78 -19.06
C PRO J 92 15.66 0.00 -17.74
N PHE J 93 15.39 1.29 -17.87
CA PHE J 93 15.00 2.11 -16.70
C PHE J 93 13.67 1.61 -16.19
N SER J 94 13.29 2.06 -14.99
CA SER J 94 12.01 1.66 -14.38
C SER J 94 10.83 2.20 -15.18
N SER J 95 9.68 1.56 -15.01
CA SER J 95 8.44 1.98 -15.67
C SER J 95 7.75 3.06 -14.84
N PRO J 96 7.30 4.12 -15.49
CA PRO J 96 6.43 5.06 -14.80
C PRO J 96 5.17 4.39 -14.28
N PRO J 97 4.55 4.96 -13.24
CA PRO J 97 3.29 4.41 -12.76
C PRO J 97 2.13 4.91 -13.60
N GLU J 98 0.94 4.34 -13.39
CA GLU J 98 -0.29 4.83 -14.02
C GLU J 98 -0.44 6.33 -13.77
N LEU J 99 -0.92 7.06 -14.78
CA LEU J 99 -1.33 8.44 -14.55
C LEU J 99 -2.46 8.47 -13.54
N PRO J 100 -2.27 9.16 -12.39
CA PRO J 100 -3.35 9.26 -11.40
C PRO J 100 -4.66 9.80 -12.01
N ASP J 101 -5.79 9.50 -11.35
CA ASP J 101 -7.12 9.82 -11.86
C ASP J 101 -7.18 11.16 -12.63
N VAL J 102 -6.70 12.22 -12.00
CA VAL J 102 -6.80 13.58 -12.58
C VAL J 102 -6.01 13.77 -13.89
N MET J 103 -4.81 13.20 -13.96
CA MET J 103 -3.93 13.39 -15.12
C MET J 103 -4.34 12.52 -16.30
N MET K 1 38.94 15.26 -17.02
CA MET K 1 37.49 15.57 -16.92
C MET K 1 36.84 14.82 -15.77
N MET K 2 36.43 15.55 -14.73
CA MET K 2 35.86 14.93 -13.54
C MET K 2 34.39 14.58 -13.71
N TYR K 3 34.05 13.38 -13.24
CA TYR K 3 32.71 12.82 -13.33
C TYR K 3 32.22 12.51 -11.92
N VAL K 4 30.90 12.33 -11.77
CA VAL K 4 30.31 11.91 -10.49
C VAL K 4 29.22 10.87 -10.75
N LYS K 5 28.90 10.07 -9.74
CA LYS K 5 27.92 9.00 -9.86
C LYS K 5 26.66 9.30 -9.06
N LEU K 6 25.52 9.24 -9.75
CA LEU K 6 24.20 9.43 -9.14
C LEU K 6 23.37 8.15 -9.26
N ILE K 7 23.00 7.55 -8.12
CA ILE K 7 22.41 6.23 -8.11
C ILE K 7 20.92 6.29 -7.80
N SER K 8 20.12 5.70 -8.68
CA SER K 8 18.67 5.77 -8.55
C SER K 8 18.19 4.77 -7.52
N SER K 9 16.92 4.88 -7.12
CA SER K 9 16.33 3.98 -6.12
C SER K 9 16.37 2.52 -6.57
N ASP K 10 16.12 2.30 -7.86
CA ASP K 10 16.16 0.95 -8.45
C ASP K 10 17.59 0.50 -8.86
N GLY K 11 18.61 1.25 -8.45
CA GLY K 11 20.01 0.82 -8.54
C GLY K 11 20.73 1.19 -9.81
N HIS K 12 20.13 2.05 -10.63
CA HIS K 12 20.80 2.53 -11.85
C HIS K 12 21.90 3.54 -11.53
N GLU K 13 23.09 3.33 -12.09
CA GLU K 13 24.23 4.18 -11.83
C GLU K 13 24.44 5.17 -12.98
N PHE K 14 24.16 6.44 -12.72
CA PHE K 14 24.29 7.49 -13.70
C PHE K 14 25.58 8.26 -13.48
N ILE K 15 26.46 8.26 -14.48
CA ILE K 15 27.73 8.96 -14.37
C ILE K 15 27.73 10.20 -15.26
N VAL K 16 27.88 11.37 -14.65
CA VAL K 16 27.78 12.68 -15.34
C VAL K 16 28.92 13.62 -14.95
N LYS K 17 29.30 14.54 -15.85
CA LYS K 17 30.38 15.49 -15.57
C LYS K 17 30.10 16.25 -14.29
N ARG K 18 31.13 16.45 -13.46
CA ARG K 18 30.97 17.18 -12.21
C ARG K 18 30.36 18.55 -12.50
N GLU K 19 30.97 19.28 -13.45
CA GLU K 19 30.48 20.60 -13.83
C GLU K 19 28.95 20.59 -14.00
N HIS K 20 28.44 19.56 -14.66
CA HIS K 20 27.01 19.42 -14.96
C HIS K 20 26.16 19.14 -13.71
N ALA K 21 26.64 18.26 -12.83
CA ALA K 21 25.91 17.93 -11.61
C ALA K 21 25.79 19.15 -10.70
N LEU K 22 26.81 20.02 -10.69
CA LEU K 22 26.78 21.24 -9.86
C LEU K 22 25.72 22.26 -10.29
N THR K 23 25.04 22.00 -11.39
CA THR K 23 23.76 22.66 -11.73
C THR K 23 22.76 22.66 -10.57
N SER K 24 22.74 21.56 -9.85
CA SER K 24 21.88 21.40 -8.69
C SER K 24 22.63 21.89 -7.47
N GLY K 25 22.10 22.93 -6.82
CA GLY K 25 22.67 23.41 -5.56
C GLY K 25 22.74 22.33 -4.50
N THR K 26 21.74 21.46 -4.49
CA THR K 26 21.66 20.37 -3.53
C THR K 26 22.79 19.37 -3.73
N ILE K 27 23.05 18.99 -4.99
CA ILE K 27 24.16 18.09 -5.30
C ILE K 27 25.50 18.76 -5.00
N LYS K 28 25.57 20.07 -5.20
CA LYS K 28 26.78 20.83 -4.89
C LYS K 28 27.15 20.79 -3.41
N ALA K 29 26.12 20.77 -2.57
CA ALA K 29 26.32 20.63 -1.13
C ALA K 29 26.74 19.21 -0.76
N MET K 30 26.03 18.21 -1.27
CA MET K 30 26.29 16.80 -0.95
C MET K 30 27.73 16.38 -1.20
N LEU K 31 28.31 16.88 -2.28
CA LEU K 31 29.68 16.53 -2.62
C LEU K 31 30.65 17.36 -1.79
N SER K 32 30.34 18.64 -1.60
CA SER K 32 31.20 19.54 -0.83
C SER K 32 30.93 19.44 0.67
N THR K 42 33.23 12.77 -1.14
CA THR K 42 32.51 11.69 -1.82
C THR K 42 32.28 12.03 -3.29
N ASN K 43 32.51 11.05 -4.18
CA ASN K 43 32.21 11.22 -5.62
C ASN K 43 30.90 10.53 -6.06
N GLU K 44 30.18 9.95 -5.10
CA GLU K 44 28.90 9.27 -5.35
C GLU K 44 27.77 9.87 -4.51
N VAL K 45 26.53 9.74 -5.00
CA VAL K 45 25.35 10.18 -4.26
C VAL K 45 24.20 9.22 -4.50
N ASN K 46 23.48 8.86 -3.45
CA ASN K 46 22.44 7.86 -3.51
C ASN K 46 21.07 8.50 -3.28
N PHE K 47 20.16 8.33 -4.24
CA PHE K 47 18.82 8.88 -4.14
C PHE K 47 17.79 7.78 -4.01
N ARG K 48 17.56 7.32 -2.78
CA ARG K 48 16.70 6.17 -2.51
C ARG K 48 15.22 6.34 -2.89
N GLU K 49 14.76 7.54 -3.20
CA GLU K 49 13.37 7.65 -3.67
C GLU K 49 13.21 8.19 -5.08
N ILE K 50 14.31 8.31 -5.83
CA ILE K 50 14.23 8.75 -7.22
C ILE K 50 14.51 7.57 -8.14
N PRO K 51 13.45 7.03 -8.78
CA PRO K 51 13.67 5.90 -9.68
C PRO K 51 14.39 6.36 -10.95
N SER K 52 14.89 5.40 -11.73
CA SER K 52 15.75 5.67 -12.87
C SER K 52 15.05 6.43 -14.01
N HIS K 53 13.76 6.20 -14.17
CA HIS K 53 13.03 6.89 -15.25
C HIS K 53 12.91 8.38 -14.96
N VAL K 54 13.02 8.75 -13.68
CA VAL K 54 13.11 10.15 -13.26
C VAL K 54 14.55 10.65 -13.28
N LEU K 55 15.47 9.95 -12.62
CA LEU K 55 16.84 10.44 -12.49
C LEU K 55 17.56 10.58 -13.83
N SER K 56 17.18 9.77 -14.83
CA SER K 56 17.77 9.88 -16.17
C SER K 56 17.39 11.20 -16.81
N LYS K 57 16.12 11.58 -16.66
CA LYS K 57 15.67 12.90 -17.13
C LYS K 57 16.37 14.04 -16.42
N VAL K 58 16.65 13.90 -15.13
CA VAL K 58 17.39 14.93 -14.41
C VAL K 58 18.75 15.15 -15.06
N CYS K 59 19.43 14.06 -15.40
CA CYS K 59 20.73 14.13 -16.02
C CYS K 59 20.59 14.77 -17.40
N MET K 60 19.54 14.43 -18.12
CA MET K 60 19.29 15.10 -19.39
C MET K 60 19.13 16.61 -19.18
N TYR K 61 18.38 17.03 -18.15
CA TYR K 61 18.22 18.45 -17.86
C TYR K 61 19.56 19.13 -17.64
N PHE K 62 20.45 18.53 -16.86
CA PHE K 62 21.78 19.09 -16.64
C PHE K 62 22.44 19.46 -17.97
N THR K 63 22.50 18.49 -18.86
CA THR K 63 23.10 18.65 -20.17
C THR K 63 22.47 19.84 -20.89
N TYR K 64 21.14 19.82 -20.91
CA TYR K 64 20.35 20.87 -21.57
C TYR K 64 20.67 22.25 -21.00
N LYS K 65 20.67 22.35 -19.68
CA LYS K 65 20.97 23.61 -19.04
C LYS K 65 22.36 24.15 -19.38
N VAL K 66 23.37 23.30 -19.28
CA VAL K 66 24.75 23.73 -19.51
C VAL K 66 24.94 24.15 -20.96
N ARG K 67 24.33 23.40 -21.88
CA ARG K 67 24.41 23.71 -23.30
C ARG K 67 23.73 25.04 -23.65
N TYR K 68 22.56 25.29 -23.08
CA TYR K 68 21.72 26.42 -23.52
C TYR K 68 21.77 27.66 -22.66
N THR K 69 22.36 27.59 -21.47
CA THR K 69 22.53 28.78 -20.63
C THR K 69 23.49 29.78 -21.30
N ASN K 70 23.02 31.04 -21.40
CA ASN K 70 23.65 32.11 -22.20
C ASN K 70 24.27 31.64 -23.54
N SER K 71 23.40 31.22 -24.46
CA SER K 71 23.79 30.82 -25.81
C SER K 71 22.96 31.57 -26.85
N SER K 72 23.57 31.87 -27.99
CA SER K 72 22.93 32.65 -29.05
C SER K 72 21.91 31.82 -29.84
N THR K 73 22.23 30.55 -30.07
CA THR K 73 21.38 29.64 -30.85
C THR K 73 20.06 29.41 -30.14
N GLU K 74 18.98 29.28 -30.93
CA GLU K 74 17.62 29.16 -30.42
C GLU K 74 17.46 27.98 -29.48
N ILE K 75 16.69 28.19 -28.42
CA ILE K 75 16.56 27.23 -27.36
C ILE K 75 15.30 26.42 -27.59
N PRO K 76 15.43 25.09 -27.66
CA PRO K 76 14.25 24.25 -27.78
C PRO K 76 13.62 23.98 -26.40
N GLU K 77 12.42 23.42 -26.44
CA GLU K 77 11.71 23.07 -25.23
C GLU K 77 12.43 21.91 -24.59
N PHE K 78 12.42 21.89 -23.26
CA PHE K 78 12.80 20.68 -22.53
C PHE K 78 11.55 19.78 -22.43
N PRO K 79 11.60 18.58 -23.02
CA PRO K 79 10.41 17.76 -23.06
C PRO K 79 10.24 16.90 -21.80
N ILE K 80 9.01 16.77 -21.35
CA ILE K 80 8.69 15.99 -20.16
C ILE K 80 7.38 15.29 -20.43
N ALA K 81 7.45 13.95 -20.51
CA ALA K 81 6.25 13.14 -20.75
C ALA K 81 5.35 13.20 -19.54
N PRO K 82 4.03 13.24 -19.79
CA PRO K 82 3.03 13.35 -18.70
C PRO K 82 3.19 12.32 -17.59
N GLU K 83 3.65 11.11 -17.93
CA GLU K 83 3.71 10.01 -16.97
C GLU K 83 4.78 10.23 -15.89
N ILE K 84 5.82 10.98 -16.23
CA ILE K 84 6.91 11.20 -15.29
C ILE K 84 6.87 12.58 -14.65
N ALA K 85 5.94 13.43 -15.09
CA ALA K 85 5.90 14.83 -14.67
C ALA K 85 5.82 15.02 -13.16
N LEU K 86 4.94 14.28 -12.51
CA LEU K 86 4.80 14.40 -11.06
C LEU K 86 6.08 14.08 -10.31
N GLU K 87 6.65 12.91 -10.58
CA GLU K 87 7.84 12.48 -9.88
C GLU K 87 8.99 13.41 -10.15
N LEU K 88 9.10 13.85 -11.40
CA LEU K 88 10.17 14.76 -11.77
C LEU K 88 10.05 16.09 -11.01
N LEU K 89 8.81 16.57 -10.79
CA LEU K 89 8.59 17.78 -9.99
C LEU K 89 9.19 17.64 -8.58
N MET K 90 8.95 16.50 -7.94
CA MET K 90 9.51 16.18 -6.63
C MET K 90 11.04 16.13 -6.66
N ALA K 91 11.59 15.44 -7.64
CA ALA K 91 13.03 15.35 -7.77
C ALA K 91 13.68 16.75 -7.91
N ALA K 92 13.06 17.58 -8.75
CA ALA K 92 13.57 18.93 -9.00
C ALA K 92 13.50 19.82 -7.76
N ASN K 93 12.43 19.67 -6.98
CA ASN K 93 12.30 20.44 -5.76
C ASN K 93 13.44 20.14 -4.80
N PHE K 94 13.65 18.84 -4.56
CA PHE K 94 14.71 18.37 -3.68
C PHE K 94 16.09 18.80 -4.18
N LEU K 95 16.34 18.67 -5.47
CA LEU K 95 17.66 18.97 -6.04
C LEU K 95 17.97 20.47 -6.29
N ASP K 96 16.97 21.35 -6.14
CA ASP K 96 17.16 22.79 -6.39
C ASP K 96 17.79 23.02 -7.76
N CYS K 97 17.17 22.45 -8.79
CA CYS K 97 17.63 22.64 -10.16
C CYS K 97 16.47 23.02 -11.10
N VAL L 11 4.54 53.70 -11.33
CA VAL L 11 5.49 52.57 -11.40
C VAL L 11 6.02 52.40 -12.84
N LEU L 12 6.18 51.15 -13.28
CA LEU L 12 6.55 50.85 -14.66
C LEU L 12 5.41 51.16 -15.62
N ARG L 13 5.64 52.12 -16.50
CA ARG L 13 4.66 52.56 -17.49
C ARG L 13 5.41 52.98 -18.74
N SER L 14 4.70 53.07 -19.86
CA SER L 14 5.29 53.63 -21.08
C SER L 14 5.38 55.14 -20.98
N VAL L 15 6.46 55.70 -21.54
CA VAL L 15 6.63 57.14 -21.63
C VAL L 15 5.89 57.64 -22.88
N ASN L 16 5.14 58.73 -22.76
CA ASN L 16 4.37 59.25 -23.87
C ASN L 16 5.21 60.19 -24.76
N SER L 17 6.16 59.58 -25.48
CA SER L 17 7.12 60.31 -26.30
C SER L 17 6.49 60.82 -27.59
N ARG L 18 5.52 60.06 -28.11
CA ARG L 18 4.93 60.30 -29.42
C ARG L 18 5.95 60.15 -30.56
N GLU L 19 7.10 59.57 -30.28
CA GLU L 19 8.13 59.41 -31.28
C GLU L 19 8.08 58.00 -31.84
N PRO L 20 7.69 57.84 -33.12
CA PRO L 20 7.62 56.49 -33.67
C PRO L 20 8.92 55.70 -33.61
N SER L 21 8.76 54.41 -33.46
CA SER L 21 9.85 53.46 -33.53
C SER L 21 9.30 52.19 -34.15
N GLN L 22 9.88 51.81 -35.28
CA GLN L 22 9.49 50.59 -35.98
C GLN L 22 10.30 49.41 -35.42
N VAL L 23 9.60 48.32 -35.14
CA VAL L 23 10.18 47.15 -34.48
C VAL L 23 9.80 45.89 -35.24
N ILE L 24 10.67 44.88 -35.21
CA ILE L 24 10.30 43.52 -35.59
C ILE L 24 10.13 42.67 -34.33
N PHE L 25 8.92 42.19 -34.10
CA PHE L 25 8.67 41.19 -33.05
C PHE L 25 8.97 39.87 -33.72
N CAS L 26 10.01 39.17 -33.26
CA CAS L 26 10.45 37.92 -33.89
CB CAS L 26 11.86 38.13 -34.43
C CAS L 26 10.37 36.80 -32.89
O CAS L 26 11.10 36.78 -31.91
SG CAS L 26 12.55 36.64 -35.07
AS CAS L 26 11.28 36.22 -36.82
CE1 CAS L 26 12.00 37.11 -38.42
CE2 CAS L 26 11.43 34.29 -37.25
N ASN L 27 9.48 35.84 -33.13
CA ASN L 27 9.26 34.74 -32.20
C ASN L 27 10.17 33.56 -32.52
N ARG L 28 11.32 33.54 -31.87
CA ARG L 28 12.23 32.41 -31.96
C ARG L 28 12.01 31.45 -30.79
N SER L 29 10.75 31.13 -30.50
CA SER L 29 10.41 30.21 -29.43
C SER L 29 9.45 29.21 -30.02
N PRO L 30 9.20 28.09 -29.32
CA PRO L 30 8.17 27.13 -29.73
C PRO L 30 6.78 27.45 -29.16
N ARG L 31 6.64 28.56 -28.43
CA ARG L 31 5.34 28.94 -27.84
C ARG L 31 4.60 29.94 -28.72
N VAL L 32 3.28 29.95 -28.60
CA VAL L 32 2.46 31.03 -29.15
C VAL L 32 2.73 32.22 -28.26
N VAL L 33 3.19 33.32 -28.84
CA VAL L 33 3.58 34.49 -28.06
C VAL L 33 2.47 35.54 -28.01
N LEU L 34 2.22 36.02 -26.80
CA LEU L 34 1.35 37.13 -26.52
C LEU L 34 2.23 38.33 -26.14
N PRO L 35 2.31 39.35 -27.02
CA PRO L 35 2.96 40.60 -26.65
C PRO L 35 2.10 41.41 -25.68
N VAL L 36 2.72 42.05 -24.69
CA VAL L 36 1.99 42.86 -23.72
C VAL L 36 2.60 44.26 -23.64
N TRP L 37 1.82 45.27 -24.02
CA TRP L 37 2.25 46.66 -23.93
C TRP L 37 1.83 47.22 -22.58
N LEU L 38 2.78 47.79 -21.85
CA LEU L 38 2.44 48.50 -20.63
C LEU L 38 2.02 49.90 -21.00
N ASN L 39 0.77 50.22 -20.70
CA ASN L 39 0.19 51.48 -21.13
C ASN L 39 0.60 52.64 -20.20
N PHE L 40 0.08 53.84 -20.46
CA PHE L 40 0.61 55.04 -19.82
C PHE L 40 0.33 55.10 -18.32
N ASP L 41 -0.61 54.28 -17.85
CA ASP L 41 -0.91 54.13 -16.43
C ASP L 41 -0.24 52.92 -15.78
N GLY L 42 0.43 52.09 -16.58
CA GLY L 42 1.09 50.89 -16.06
C GLY L 42 0.28 49.62 -16.26
N GLU L 43 -0.88 49.74 -16.91
CA GLU L 43 -1.77 48.62 -17.12
C GLU L 43 -1.30 47.79 -18.31
N PRO L 44 -1.15 46.47 -18.13
CA PRO L 44 -0.72 45.62 -19.23
C PRO L 44 -1.83 45.47 -20.24
N GLN L 45 -1.50 45.65 -21.52
CA GLN L 45 -2.48 45.56 -22.60
C GLN L 45 -2.02 44.50 -23.60
N PRO L 46 -2.83 43.47 -23.80
CA PRO L 46 -2.51 42.40 -24.74
C PRO L 46 -2.66 42.83 -26.20
N TYR L 47 -1.78 42.34 -27.06
CA TYR L 47 -1.75 42.62 -28.50
C TYR L 47 -1.85 41.30 -29.24
N PRO L 48 -2.07 41.31 -30.57
CA PRO L 48 -2.31 40.05 -31.26
C PRO L 48 -1.17 39.05 -31.12
N THR L 49 -1.50 37.76 -31.16
CA THR L 49 -0.53 36.71 -30.91
C THR L 49 0.35 36.39 -32.12
N LEU L 50 1.54 35.86 -31.86
CA LEU L 50 2.48 35.43 -32.89
C LEU L 50 2.71 33.94 -32.73
N PRO L 51 2.31 33.14 -33.73
CA PRO L 51 2.65 31.70 -33.68
C PRO L 51 4.17 31.46 -33.66
N PRO L 52 4.59 30.28 -33.21
CA PRO L 52 6.00 29.88 -33.16
C PRO L 52 6.69 30.14 -34.49
N GLY L 53 7.89 30.69 -34.45
CA GLY L 53 8.69 30.88 -35.66
C GLY L 53 8.29 32.01 -36.62
N THR L 54 7.28 32.80 -36.28
CA THR L 54 6.81 33.90 -37.13
C THR L 54 7.35 35.23 -36.66
N GLY L 55 7.23 36.24 -37.52
CA GLY L 55 7.65 37.60 -37.18
C GLY L 55 6.74 38.65 -37.77
N ARG L 56 6.66 39.82 -37.11
CA ARG L 56 5.86 40.93 -37.61
C ARG L 56 6.53 42.28 -37.40
N ARG L 57 6.41 43.12 -38.41
CA ARG L 57 6.86 44.50 -38.32
C ARG L 57 5.72 45.30 -37.75
N ILE L 58 5.95 45.93 -36.61
CA ILE L 58 4.91 46.64 -35.90
C ILE L 58 5.31 48.06 -35.59
N HIS L 59 4.32 48.95 -35.50
CA HIS L 59 4.56 50.36 -35.17
C HIS L 59 4.41 50.63 -33.67
N SER L 60 5.48 51.10 -33.05
CA SER L 60 5.45 51.49 -31.64
C SER L 60 6.10 52.87 -31.50
N TYR L 61 6.63 53.17 -30.33
CA TYR L 61 7.14 54.50 -30.01
C TYR L 61 8.28 54.37 -29.04
N ARG L 62 9.20 55.33 -29.07
CA ARG L 62 10.35 55.32 -28.19
C ARG L 62 9.87 55.40 -26.75
N GLY L 63 10.52 54.66 -25.86
CA GLY L 63 10.20 54.71 -24.45
C GLY L 63 8.96 53.94 -24.04
N HIS L 64 8.34 53.23 -24.99
CA HIS L 64 7.22 52.35 -24.64
C HIS L 64 7.75 51.03 -24.06
N LEU L 65 6.97 50.41 -23.19
CA LEU L 65 7.43 49.20 -22.53
C LEU L 65 6.65 47.98 -23.01
N TRP L 66 7.39 46.94 -23.36
CA TRP L 66 6.80 45.67 -23.77
C TRP L 66 7.38 44.53 -22.98
N LEU L 67 6.56 43.50 -22.78
CA LEU L 67 7.06 42.21 -22.37
C LEU L 67 6.29 41.12 -23.11
N PHE L 68 6.75 39.88 -22.99
CA PHE L 68 6.24 38.81 -23.83
C PHE L 68 5.99 37.53 -23.05
N ARG L 69 4.86 36.89 -23.33
CA ARG L 69 4.38 35.73 -22.58
C ARG L 69 3.83 34.66 -23.49
N ASP L 70 3.79 33.43 -22.98
CA ASP L 70 3.05 32.35 -23.62
C ASP L 70 1.57 32.76 -23.56
N ALA L 71 0.88 32.69 -24.70
CA ALA L 71 -0.48 33.19 -24.80
C ALA L 71 -1.49 32.27 -24.10
N GLY L 72 -1.15 30.99 -23.99
CA GLY L 72 -2.03 30.01 -23.36
C GLY L 72 -1.84 29.93 -21.86
N THR L 73 -0.58 29.91 -21.41
CA THR L 73 -0.25 29.71 -19.99
C THR L 73 0.28 30.94 -19.25
N HIS L 74 0.63 31.99 -19.99
CA HIS L 74 1.27 33.20 -19.45
C HIS L 74 2.69 32.99 -18.88
N ASP L 75 3.32 31.85 -19.19
CA ASP L 75 4.71 31.64 -18.82
C ASP L 75 5.52 32.83 -19.32
N GLY L 76 6.50 33.26 -18.55
CA GLY L 76 7.37 34.38 -18.95
C GLY L 76 8.30 33.96 -20.07
N LEU L 77 8.55 34.89 -21.00
CA LEU L 77 9.49 34.67 -22.09
C LEU L 77 10.50 35.81 -22.09
N LEU L 78 11.62 35.62 -22.78
CA LEU L 78 12.66 36.64 -22.84
C LEU L 78 12.58 37.39 -24.15
N VAL L 79 13.03 38.64 -24.10
CA VAL L 79 13.12 39.49 -25.29
C VAL L 79 14.48 40.15 -25.28
N ASN L 80 15.26 39.89 -26.33
CA ASN L 80 16.67 40.25 -26.36
C ASN L 80 17.35 39.91 -25.04
N GLN L 81 17.14 38.67 -24.59
CA GLN L 81 17.80 38.11 -23.40
C GLN L 81 17.39 38.71 -22.06
N THR L 82 16.32 39.51 -22.03
CA THR L 82 15.85 40.05 -20.76
C THR L 82 14.31 40.17 -20.73
N GLU L 83 13.81 40.79 -19.67
CA GLU L 83 12.38 40.81 -19.37
C GLU L 83 11.62 41.81 -20.23
N LEU L 84 12.09 43.05 -20.21
CA LEU L 84 11.38 44.15 -20.83
C LEU L 84 12.05 44.58 -22.12
N PHE L 85 11.24 45.03 -23.06
CA PHE L 85 11.76 45.58 -24.31
C PHE L 85 11.27 47.01 -24.48
N VAL L 86 12.21 47.91 -24.77
CA VAL L 86 11.95 49.34 -24.92
C VAL L 86 12.38 49.79 -26.31
N PRO L 87 11.41 50.15 -27.17
CA PRO L 87 11.78 50.61 -28.52
C PRO L 87 12.65 51.85 -28.50
N SER L 88 13.68 51.84 -29.33
CA SER L 88 14.66 52.90 -29.37
C SER L 88 14.58 53.67 -30.71
N LEU L 89 15.45 54.65 -30.87
CA LEU L 89 15.54 55.43 -32.09
C LEU L 89 16.01 54.52 -33.24
N ASN L 90 15.32 54.60 -34.37
CA ASN L 90 15.71 53.87 -35.58
C ASN L 90 16.91 54.52 -36.25
N VAL L 91 17.89 53.71 -36.65
CA VAL L 91 19.02 54.21 -37.45
C VAL L 91 18.54 54.31 -38.92
N ASP L 92 19.45 54.26 -39.90
CA ASP L 92 19.08 54.47 -41.32
C ASP L 92 17.92 53.60 -41.81
N GLY L 93 16.70 53.92 -41.34
CA GLY L 93 15.49 53.15 -41.66
C GLY L 93 15.46 51.71 -41.16
N GLN L 94 16.36 51.35 -40.25
CA GLN L 94 16.43 49.98 -39.73
C GLN L 94 15.43 49.80 -38.61
N PRO L 95 14.57 48.77 -38.70
CA PRO L 95 13.74 48.48 -37.56
C PRO L 95 14.57 47.87 -36.43
N ILE L 96 14.04 47.99 -35.21
CA ILE L 96 14.66 47.42 -34.02
C ILE L 96 14.19 46.00 -33.86
N PHE L 97 15.12 45.06 -33.72
CA PHE L 97 14.75 43.65 -33.54
C PHE L 97 14.43 43.31 -32.10
N ALA L 98 13.28 42.70 -31.87
CA ALA L 98 12.89 42.21 -30.57
C ALA L 98 12.82 40.69 -30.66
N ASN L 99 13.91 40.03 -30.30
CA ASN L 99 14.02 38.58 -30.41
C ASN L 99 13.44 37.92 -29.20
N ILE L 100 12.33 37.22 -29.41
CA ILE L 100 11.60 36.55 -28.34
C ILE L 100 11.95 35.07 -28.28
N THR L 101 12.47 34.63 -27.14
CA THR L 101 12.98 33.27 -26.95
C THR L 101 12.46 32.63 -25.68
N LEU L 102 12.48 31.29 -25.66
CA LEU L 102 12.32 30.54 -24.42
C LEU L 102 13.46 30.85 -23.47
N PRO L 103 13.16 31.13 -22.20
CA PRO L 103 14.23 31.05 -21.20
C PRO L 103 14.67 29.61 -20.99
N VAL L 104 15.82 29.46 -20.37
CA VAL L 104 16.19 28.18 -19.80
C VAL L 104 15.48 28.11 -18.47
N TYR L 105 14.27 27.57 -18.45
CA TYR L 105 13.55 27.39 -17.20
C TYR L 105 14.29 26.41 -16.27
N THR L 106 14.13 26.60 -14.97
CA THR L 106 14.62 25.63 -14.01
C THR L 106 13.84 24.35 -14.27
N LEU L 107 14.43 23.20 -13.95
CA LEU L 107 13.70 21.95 -14.07
C LEU L 107 12.42 21.99 -13.27
N LYS L 108 12.47 22.56 -12.08
CA LYS L 108 11.28 22.68 -11.22
C LYS L 108 10.16 23.48 -11.91
N GLU L 109 10.50 24.63 -12.48
CA GLU L 109 9.50 25.49 -13.12
C GLU L 109 8.92 24.82 -14.38
N ARG L 110 9.77 24.20 -15.17
CA ARG L 110 9.32 23.43 -16.30
C ARG L 110 8.36 22.29 -15.87
N CYS L 111 8.72 21.55 -14.83
CA CYS L 111 7.84 20.51 -14.30
C CYS L 111 6.51 21.10 -13.84
N LEU L 112 6.56 22.23 -13.14
CA LEU L 112 5.33 22.87 -12.70
C LEU L 112 4.45 23.19 -13.90
N GLN L 113 5.06 23.65 -15.01
CA GLN L 113 4.30 23.97 -16.23
C GLN L 113 3.56 22.74 -16.74
N VAL L 114 4.26 21.62 -16.82
CA VAL L 114 3.70 20.41 -17.39
C VAL L 114 2.60 19.87 -16.45
N VAL L 115 2.85 19.89 -15.15
CA VAL L 115 1.81 19.46 -14.20
C VAL L 115 0.57 20.37 -14.32
N ARG L 116 0.77 21.68 -14.48
CA ARG L 116 -0.37 22.62 -14.59
C ARG L 116 -1.23 22.34 -15.81
N SER L 117 -0.60 21.92 -16.91
CA SER L 117 -1.32 21.60 -18.14
C SER L 117 -2.09 20.27 -18.03
N LEU L 118 -1.84 19.48 -16.99
CA LEU L 118 -2.51 18.20 -16.82
C LEU L 118 -3.45 18.13 -15.61
N VAL L 119 -3.36 19.09 -14.70
CA VAL L 119 -4.11 19.04 -13.44
C VAL L 119 -4.86 20.35 -13.18
N LYS L 120 -6.13 20.22 -12.79
CA LYS L 120 -6.99 21.37 -12.55
C LYS L 120 -6.56 22.08 -11.27
N PRO L 121 -6.86 23.39 -11.17
CA PRO L 121 -6.60 24.19 -9.96
C PRO L 121 -7.15 23.61 -8.65
N GLU L 122 -8.34 23.02 -8.70
CA GLU L 122 -8.96 22.41 -7.51
C GLU L 122 -8.34 21.06 -7.11
N ASN L 123 -7.47 20.51 -7.96
CA ASN L 123 -6.86 19.18 -7.74
C ASN L 123 -5.41 19.20 -7.22
N TYR L 124 -4.73 20.34 -7.30
CA TYR L 124 -3.31 20.44 -6.88
C TYR L 124 -3.11 19.91 -5.46
N ARG L 125 -4.06 20.26 -4.59
CA ARG L 125 -4.06 19.84 -3.18
C ARG L 125 -4.21 18.32 -3.00
N ARG L 126 -4.71 17.64 -4.05
CA ARG L 126 -4.90 16.19 -4.04
C ARG L 126 -3.65 15.40 -4.49
N LEU L 127 -2.62 16.11 -4.98
CA LEU L 127 -1.38 15.47 -5.47
C LEU L 127 -0.53 14.98 -4.30
N ASP L 128 0.02 13.79 -4.41
CA ASP L 128 0.76 13.23 -3.29
C ASP L 128 2.18 13.78 -3.27
N ILE L 129 2.31 15.06 -2.95
CA ILE L 129 3.61 15.70 -2.91
C ILE L 129 3.74 16.59 -1.69
N VAL L 130 4.97 17.01 -1.42
CA VAL L 130 5.29 17.94 -0.34
C VAL L 130 4.40 19.19 -0.41
N ARG L 131 3.89 19.62 0.74
CA ARG L 131 2.90 20.71 0.79
C ARG L 131 3.43 22.02 0.20
N SER L 132 4.75 22.23 0.32
CA SER L 132 5.47 23.38 -0.27
C SER L 132 5.23 23.54 -1.78
N LEU L 133 5.12 22.43 -2.50
CA LEU L 133 4.91 22.45 -3.94
C LEU L 133 3.47 22.83 -4.35
N TYR L 134 2.52 22.71 -3.43
CA TYR L 134 1.15 23.17 -3.68
C TYR L 134 1.12 24.66 -3.93
N GLU L 135 1.77 25.41 -3.05
CA GLU L 135 1.94 26.86 -3.23
C GLU L 135 2.60 27.16 -4.57
N ASP L 136 3.65 26.41 -4.90
CA ASP L 136 4.36 26.61 -6.15
C ASP L 136 3.40 26.46 -7.34
N LEU L 137 2.60 25.38 -7.35
CA LEU L 137 1.63 25.14 -8.43
C LEU L 137 0.56 26.22 -8.57
N GLU L 138 0.03 26.69 -7.44
CA GLU L 138 -1.06 27.69 -7.46
C GLU L 138 -0.56 29.08 -7.77
N ASP L 139 0.74 29.30 -7.61
CA ASP L 139 1.36 30.56 -7.96
C ASP L 139 1.57 30.61 -9.49
N HIS L 140 0.46 30.65 -10.23
CA HIS L 140 0.46 30.72 -11.69
C HIS L 140 1.26 31.91 -12.19
N PRO L 141 2.02 31.72 -13.27
CA PRO L 141 2.68 32.89 -13.81
C PRO L 141 1.64 33.96 -14.12
N ASN L 142 1.84 35.15 -13.56
CA ASN L 142 0.90 36.25 -13.67
C ASN L 142 1.68 37.53 -13.95
N VAL L 143 1.27 38.26 -14.98
CA VAL L 143 1.94 39.49 -15.40
C VAL L 143 1.96 40.53 -14.27
N GLN L 144 0.81 40.73 -13.62
CA GLN L 144 0.68 41.68 -12.52
C GLN L 144 1.71 41.43 -11.43
N LYS L 145 1.95 40.17 -11.10
CA LYS L 145 2.91 39.81 -10.06
C LYS L 145 4.36 40.04 -10.50
N ASP L 146 4.65 39.73 -11.75
CA ASP L 146 5.97 39.98 -12.33
C ASP L 146 6.27 41.47 -12.42
N LEU L 147 5.24 42.29 -12.63
CA LEU L 147 5.40 43.73 -12.64
C LEU L 147 5.73 44.22 -11.23
N GLU L 148 4.98 43.74 -10.24
CA GLU L 148 5.29 44.05 -8.84
C GLU L 148 6.76 43.75 -8.52
N ARG L 149 7.27 42.60 -8.99
CA ARG L 149 8.68 42.23 -8.80
C ARG L 149 9.66 43.16 -9.54
N LEU L 150 9.45 43.34 -10.83
CA LEU L 150 10.30 44.22 -11.64
C LEU L 150 10.38 45.63 -11.03
N THR L 151 9.23 46.17 -10.65
CA THR L 151 9.16 47.49 -10.03
C THR L 151 9.89 47.53 -8.70
N GLN L 152 9.71 46.52 -7.86
CA GLN L 152 10.43 46.42 -6.58
C GLN L 152 11.90 46.09 -6.84
N GLU L 153 12.61 47.00 -7.50
CA GLU L 153 13.97 46.75 -7.98
C GLU L 153 14.55 48.02 -8.61
CAA 3JS M . 6.97 32.67 10.65
CAU 3JS M . 7.72 31.34 10.78
OAC 3JS M . 8.95 31.28 10.75
NBF 3JS M . 6.95 30.26 10.91
CAP 3JS M . 5.48 30.15 10.95
CBC 3JS M . 5.22 28.68 10.76
OAG 3JS M . 4.09 28.28 11.55
CAO 3JS M . 6.44 28.00 11.31
CBE 3JS M . 7.59 28.95 11.01
CAW 3JS M . 8.19 28.52 9.79
OAE 3JS M . 7.77 28.94 8.72
N 3JS M . 9.15 27.56 9.86
CD2 3JS M . 9.74 26.99 11.10
CG 3JS M . 11.04 26.37 10.65
OD1 3JS M . 12.07 27.36 10.61
CB 3JS M . 10.76 25.89 9.24
CA 3JS M . 9.79 26.92 8.65
C 3JS M . 8.82 26.22 7.92
O 3JS M . 7.79 25.81 8.47
NAS 3JS M . 9.08 25.99 6.60
CAM 3JS M . 8.15 25.22 5.76
CAX 3JS M . 8.49 23.84 5.81
CAI 3JS M . 7.54 22.89 5.37
CAK 3JS M . 7.82 21.53 5.41
CAH 3JS M . 9.72 23.36 6.27
CAJ 3JS M . 10.00 21.99 6.30
CAZ 3JS M . 9.07 21.06 5.86
CBA 3JS M . 9.39 19.75 5.90
SAT 3JS M . 10.22 18.95 7.17
CAL 3JS M . 10.21 17.46 6.44
NAR 3JS M . 9.59 17.59 5.26
CAY 3JS M . 9.15 18.83 4.96
CAB 3JS M . 8.43 19.09 3.62
CAA 3JS N . -34.62 12.46 13.05
CAU 3JS N . -34.05 11.06 13.25
OAC 3JS N . -32.85 10.90 13.37
NBF 3JS N . -34.96 10.06 13.27
CAP 3JS N . -36.42 10.12 13.10
CBC 3JS N . -36.95 8.85 13.76
OAG 3JS N . -37.17 9.08 15.16
CAO 3JS N . -35.84 7.86 13.61
CBE 3JS N . -34.54 8.66 13.42
CAW 3JS N . -33.93 8.19 12.25
OAE 3JS N . -34.43 8.49 11.16
N 3JS N . -32.92 7.31 12.37
CD2 3JS N . -32.25 6.81 13.63
CG 3JS N . -31.02 6.05 13.17
OD1 3JS N . -29.86 6.90 13.11
CB 3JS N . -31.35 5.56 11.77
CA 3JS N . -32.30 6.60 11.17
C 3JS N . -33.27 5.93 10.40
O 3JS N . -34.35 5.62 10.92
NAS 3JS N . -32.98 5.66 9.10
CAM 3JS N . -33.93 4.92 8.24
CAX 3JS N . -33.61 3.53 8.27
CAI 3JS N . -34.57 2.60 7.88
CAK 3JS N . -34.31 1.21 7.90
CAH 3JS N . -32.36 3.02 8.68
CAJ 3JS N . -32.10 1.65 8.71
CAZ 3JS N . -33.06 0.71 8.30
CBA 3JS N . -32.78 -0.61 8.35
SAT 3JS N . -31.99 -1.45 9.65
CAL 3JS N . -32.07 -2.96 8.93
NAR 3JS N . -32.67 -2.83 7.75
CAY 3JS N . -33.06 -1.56 7.42
CAB 3JS N . -33.74 -1.33 6.08
CAA 3JS O . -43.40 36.54 -26.10
CAU 3JS O . -42.81 35.14 -25.93
OAC 3JS O . -41.61 34.96 -25.75
NBF 3JS O . -43.68 34.13 -25.99
CAP 3JS O . -45.14 34.12 -26.22
CBC 3JS O . -45.61 32.86 -25.52
OAG 3JS O . -45.80 33.11 -24.11
CAO 3JS O . -44.46 31.88 -25.69
CBE 3JS O . -43.19 32.73 -25.87
CAW 3JS O . -42.55 32.26 -27.04
OAE 3JS O . -42.95 32.58 -28.15
N 3JS O . -41.60 31.33 -26.88
CD2 3JS O . -41.01 30.80 -25.60
CG 3JS O . -39.75 30.08 -26.03
OD1 3JS O . -38.69 31.00 -26.16
CB 3JS O . -40.08 29.54 -27.39
CA 3JS O . -40.94 30.64 -28.04
C 3JS O . -41.89 29.99 -28.84
O 3JS O . -43.00 29.73 -28.37
NAS 3JS O . -41.50 29.64 -30.09
CAM 3JS O . -42.40 28.91 -31.00
CAX 3JS O . -42.11 27.52 -30.90
CAI 3JS O . -43.11 26.60 -31.27
CAK 3JS O . -42.90 25.23 -31.19
CAH 3JS O . -40.90 26.99 -30.45
CAJ 3JS O . -40.68 25.61 -30.36
CAZ 3JS O . -41.68 24.70 -30.74
CBA 3JS O . -41.43 23.37 -30.66
SAT 3JS O . -40.66 22.62 -29.41
CAL 3JS O . -40.72 21.07 -30.04
NAR 3JS O . -41.33 21.14 -31.23
CAY 3JS O . -41.71 22.40 -31.56
CAB 3JS O . -42.43 22.62 -32.90
CAA 3JS P . -1.35 57.03 -28.81
CAU 3JS P . -0.73 55.65 -28.57
OAC 3JS P . 0.48 55.53 -28.43
NBF 3JS P . -1.58 54.62 -28.57
CAP 3JS P . -3.05 54.65 -28.75
CBC 3JS P . -3.54 53.40 -28.04
OAG 3JS P . -3.72 53.67 -26.65
CAO 3JS P . -2.41 52.39 -28.19
CBE 3JS P . -1.13 53.22 -28.39
CAW 3JS P . -0.51 52.73 -29.56
OAE 3JS P . -0.94 53.05 -30.66
N 3JS P . 0.45 51.79 -29.41
CD2 3JS P . 1.08 51.28 -28.14
CG 3JS P . 2.35 50.52 -28.59
OD1 3JS P . 3.48 51.41 -28.63
CB 3JS P . 2.04 50.05 -29.98
CA 3JS P . 1.13 51.12 -30.59
C 3JS P . 0.20 50.47 -31.42
O 3JS P . -0.88 50.13 -30.97
NAS 3JS P . 0.59 50.18 -32.67
CAM 3JS P . -0.31 49.42 -33.55
CAX 3JS P . 0.02 48.05 -33.45
CAI 3JS P . -0.88 47.11 -33.91
CAK 3JS P . -0.64 45.74 -33.85
CAH 3JS P . 1.21 47.55 -32.89
CAJ 3JS P . 1.46 46.17 -32.83
CAZ 3JS P . 0.55 45.23 -33.31
CBA 3JS P . 0.82 43.90 -33.27
SAT 3JS P . 1.57 43.06 -32.01
CAL 3JS P . 1.51 41.57 -32.69
NAR 3JS P . 0.95 41.71 -33.89
CAY 3JS P . 0.56 42.97 -34.21
CAB 3JS P . -0.10 43.24 -35.56
#